data_1KJF
# 
_entry.id   1KJF 
# 
_audit_conform.dict_name       mmcif_pdbx.dic 
_audit_conform.dict_version    5.376 
_audit_conform.dict_location   http://mmcif.pdb.org/dictionaries/ascii/mmcif_pdbx.dic 
# 
loop_
_database_2.database_id 
_database_2.database_code 
_database_2.pdbx_database_accession 
_database_2.pdbx_DOI 
PDB   1KJF         pdb_00001kjf 10.2210/pdb1kjf/pdb 
RCSB  RCSB015012   ?            ?                   
WWPDB D_1000015012 ?            ?                   
# 
loop_
_pdbx_database_related.db_name 
_pdbx_database_related.db_id 
_pdbx_database_related.details 
_pdbx_database_related.content_type 
PDB 1F7A 'HOW DOES A SYMMETRIC DIMER RECOGNIZE AN ASYMMETRIC SUBSTRATE? A SUBSTRATE COMPLEX OF HIV-1 PROTEASE' unspecified 
PDB 1KJ4 
;SUBSTRATE SHAPE DETERMINES SPECIFICITY OF RECOGNITION RECOGNITION FOR HIV-1 PROTEASE: ANALYSIS OF CRYSTAL STRUCTURES OF SIX SUBSTRATE COMPLEXES
;
unspecified 
PDB 1KJ7 
;SUBSTRATE SHAPE DETERMINES SPECIFICITY OF RECOGNITION RECOGNITION FOR HIV-1 PROTEASE: ANALYSIS OF CRYSTAL STRUCTURES OF SIX SUBSTRATE COMPLEXES
;
unspecified 
PDB 1KJG 
;SUBSTRATE SHAPE DETERMINES SPECIFICITY OF RECOGNITION RECOGNITION FOR HIV-1 PROTEASE: ANALYSIS OF CRYSTAL STRUCTURES OF SIX SUBSTRATE COMPLEXES
;
unspecified 
PDB 1KJH 
;SUBSTRATE SHAPE DETERMINES SPECIFICITY OF RECOGNITION RECOGNITION FOR HIV-1 PROTEASE: ANALYSIS OF CRYSTAL STRUCTURES OF SIX SUBSTRATE COMPLEXES
;
unspecified 
# 
_pdbx_database_status.status_code                     REL 
_pdbx_database_status.entry_id                        1KJF 
_pdbx_database_status.recvd_initial_deposition_date   2001-12-04 
_pdbx_database_status.deposit_site                    RCSB 
_pdbx_database_status.process_site                    RCSB 
_pdbx_database_status.SG_entry                        . 
_pdbx_database_status.pdb_format_compatible           Y 
_pdbx_database_status.status_code_mr                  ? 
_pdbx_database_status.status_code_sf                  ? 
_pdbx_database_status.status_code_cs                  ? 
_pdbx_database_status.status_code_nmr_data            ? 
_pdbx_database_status.methods_development_category    ? 
# 
_audit_author.name           'Schiffer, C.A.' 
_audit_author.pdbx_ordinal   1 
# 
_citation.id                        primary 
_citation.title                     
;Substrate shape determines specificity of recognition for HIV-1 protease: analysis of crystal structures of six substrate complexes.
;
_citation.journal_abbrev            Structure 
_citation.journal_volume            10 
_citation.page_first                369 
_citation.page_last                 381 
_citation.year                      2002 
_citation.journal_id_ASTM           STRUE6 
_citation.country                   UK 
_citation.journal_id_ISSN           0969-2126 
_citation.journal_id_CSD            2005 
_citation.book_publisher            ? 
_citation.pdbx_database_id_PubMed   12005435 
_citation.pdbx_database_id_DOI      '10.1016/S0969-2126(02)00720-7' 
# 
loop_
_citation_author.citation_id 
_citation_author.name 
_citation_author.ordinal 
_citation_author.identifier_ORCID 
primary 'Prabu-Jeyabalan, M.' 1 ? 
primary 'Nalivaika, E.'       2 ? 
primary 'Schiffer, C.A.'      3 ? 
# 
_cell.entry_id           1KJF 
_cell.length_a           51.285 
_cell.length_b           59.071 
_cell.length_c           61.813 
_cell.angle_alpha        90.00 
_cell.angle_beta         90.00 
_cell.angle_gamma        90.00 
_cell.Z_PDB              8 
_cell.pdbx_unique_axis   ? 
# 
_symmetry.entry_id                         1KJF 
_symmetry.space_group_name_H-M             'P 21 21 21' 
_symmetry.pdbx_full_space_group_name_H-M   ? 
_symmetry.cell_setting                     ? 
_symmetry.Int_Tables_number                19 
# 
loop_
_entity.id 
_entity.type 
_entity.src_method 
_entity.pdbx_description 
_entity.formula_weight 
_entity.pdbx_number_of_molecules 
_entity.pdbx_ec 
_entity.pdbx_mutation 
_entity.pdbx_fragment 
_entity.details 
1 polymer     man 'POL POLYPROTEIN' 10800.777 2   3.4.23.16 D25N,Q7K 'HIV-1 PROTEASE, RESIDUES 57-155'           ? 
2 polymer     syn 'GAG POLYPROTEIN' 1173.325  1   ?         ?        'p1-p6 SUBSTRATE PEPTIDE, RESIDUES 443-452' ? 
3 non-polymer syn 'ACETATE ION'     59.044    4   ?         ?        ?                                           ? 
4 water       nat water             18.015    101 ?         ?        ?                                           ? 
# 
loop_
_entity_poly.entity_id 
_entity_poly.type 
_entity_poly.nstd_linkage 
_entity_poly.nstd_monomer 
_entity_poly.pdbx_seq_one_letter_code 
_entity_poly.pdbx_seq_one_letter_code_can 
_entity_poly.pdbx_strand_id 
_entity_poly.pdbx_target_identifier 
1 'polypeptide(L)' no no 
;PQITLWKRPLVTIRIGGQLKEALLNTGADDTVLEEMNLPGKWKPKMIGGIGGFIKVRQYDQIPVEICGHKAIGTVLVGPT
PVNIIGRNLLTQIGCTLNF
;
;PQITLWKRPLVTIRIGGQLKEALLNTGADDTVLEEMNLPGKWKPKMIGGIGGFIKVRQYDQIPVEICGHKAIGTVLVGPT
PVNIIGRNLLTQIGCTLNF
;
A,B ? 
2 'polypeptide(L)' no no RPGNFLQSRP                                                                                             
RPGNFLQSRP                                                                                             P   ? 
# 
loop_
_entity_poly_seq.entity_id 
_entity_poly_seq.num 
_entity_poly_seq.mon_id 
_entity_poly_seq.hetero 
1 1  PRO n 
1 2  GLN n 
1 3  ILE n 
1 4  THR n 
1 5  LEU n 
1 6  TRP n 
1 7  LYS n 
1 8  ARG n 
1 9  PRO n 
1 10 LEU n 
1 11 VAL n 
1 12 THR n 
1 13 ILE n 
1 14 ARG n 
1 15 ILE n 
1 16 GLY n 
1 17 GLY n 
1 18 GLN n 
1 19 LEU n 
1 20 LYS n 
1 21 GLU n 
1 22 ALA n 
1 23 LEU n 
1 24 LEU n 
1 25 ASN n 
1 26 THR n 
1 27 GLY n 
1 28 ALA n 
1 29 ASP n 
1 30 ASP n 
1 31 THR n 
1 32 VAL n 
1 33 LEU n 
1 34 GLU n 
1 35 GLU n 
1 36 MET n 
1 37 ASN n 
1 38 LEU n 
1 39 PRO n 
1 40 GLY n 
1 41 LYS n 
1 42 TRP n 
1 43 LYS n 
1 44 PRO n 
1 45 LYS n 
1 46 MET n 
1 47 ILE n 
1 48 GLY n 
1 49 GLY n 
1 50 ILE n 
1 51 GLY n 
1 52 GLY n 
1 53 PHE n 
1 54 ILE n 
1 55 LYS n 
1 56 VAL n 
1 57 ARG n 
1 58 GLN n 
1 59 TYR n 
1 60 ASP n 
1 61 GLN n 
1 62 ILE n 
1 63 PRO n 
1 64 VAL n 
1 65 GLU n 
1 66 ILE n 
1 67 CYS n 
1 68 GLY n 
1 69 HIS n 
1 70 LYS n 
1 71 ALA n 
1 72 ILE n 
1 73 GLY n 
1 74 THR n 
1 75 VAL n 
1 76 LEU n 
1 77 VAL n 
1 78 GLY n 
1 79 PRO n 
1 80 THR n 
1 81 PRO n 
1 82 VAL n 
1 83 ASN n 
1 84 ILE n 
1 85 ILE n 
1 86 GLY n 
1 87 ARG n 
1 88 ASN n 
1 89 LEU n 
1 90 LEU n 
1 91 THR n 
1 92 GLN n 
1 93 ILE n 
1 94 GLY n 
1 95 CYS n 
1 96 THR n 
1 97 LEU n 
1 98 ASN n 
1 99 PHE n 
2 1  ARG n 
2 2  PRO n 
2 3  GLY n 
2 4  ASN n 
2 5  PHE n 
2 6  LEU n 
2 7  GLN n 
2 8  SER n 
2 9  ARG n 
2 10 PRO n 
# 
_entity_src_gen.entity_id                          1 
_entity_src_gen.pdbx_src_id                        1 
_entity_src_gen.pdbx_alt_source_flag               sample 
_entity_src_gen.pdbx_seq_type                      ? 
_entity_src_gen.pdbx_beg_seq_num                   ? 
_entity_src_gen.pdbx_end_seq_num                   ? 
_entity_src_gen.gene_src_common_name               ? 
_entity_src_gen.gene_src_genus                     Lentivirus 
_entity_src_gen.pdbx_gene_src_gene                 POL 
_entity_src_gen.gene_src_species                   ? 
_entity_src_gen.gene_src_strain                    ? 
_entity_src_gen.gene_src_tissue                    ? 
_entity_src_gen.gene_src_tissue_fraction           ? 
_entity_src_gen.gene_src_details                   ? 
_entity_src_gen.pdbx_gene_src_fragment             ? 
_entity_src_gen.pdbx_gene_src_scientific_name      'Human immunodeficiency virus 1' 
_entity_src_gen.pdbx_gene_src_ncbi_taxonomy_id     11676 
_entity_src_gen.pdbx_gene_src_variant              ? 
_entity_src_gen.pdbx_gene_src_cell_line            ? 
_entity_src_gen.pdbx_gene_src_atcc                 ? 
_entity_src_gen.pdbx_gene_src_organ                ? 
_entity_src_gen.pdbx_gene_src_organelle            ? 
_entity_src_gen.pdbx_gene_src_cell                 ? 
_entity_src_gen.pdbx_gene_src_cellular_location    ? 
_entity_src_gen.host_org_common_name               ? 
_entity_src_gen.pdbx_host_org_scientific_name      'Escherichia coli' 
_entity_src_gen.pdbx_host_org_ncbi_taxonomy_id     562 
_entity_src_gen.host_org_genus                     Escherichia 
_entity_src_gen.pdbx_host_org_gene                 ? 
_entity_src_gen.pdbx_host_org_organ                ? 
_entity_src_gen.host_org_species                   ? 
_entity_src_gen.pdbx_host_org_tissue               ? 
_entity_src_gen.pdbx_host_org_tissue_fraction      ? 
_entity_src_gen.pdbx_host_org_strain               ? 
_entity_src_gen.pdbx_host_org_variant              ? 
_entity_src_gen.pdbx_host_org_cell_line            ? 
_entity_src_gen.pdbx_host_org_atcc                 ? 
_entity_src_gen.pdbx_host_org_culture_collection   ? 
_entity_src_gen.pdbx_host_org_cell                 ? 
_entity_src_gen.pdbx_host_org_organelle            ? 
_entity_src_gen.pdbx_host_org_cellular_location    ? 
_entity_src_gen.pdbx_host_org_vector_type          ? 
_entity_src_gen.pdbx_host_org_vector               ? 
_entity_src_gen.host_org_details                   ? 
_entity_src_gen.expression_system_id               ? 
_entity_src_gen.plasmid_name                       ? 
_entity_src_gen.plasmid_details                    ? 
_entity_src_gen.pdbx_description                   ? 
# 
loop_
_struct_ref.id 
_struct_ref.db_name 
_struct_ref.db_code 
_struct_ref.entity_id 
_struct_ref.pdbx_seq_one_letter_code 
_struct_ref.pdbx_align_begin 
_struct_ref.pdbx_db_accession 
_struct_ref.pdbx_db_isoform 
1 UNP POL_HV1A2 1 
;FFREDLAFLQGKAREFSSEQTRANSPTRRELQVWGGENNSLSEAGADRQGTVSFNFPQITLWQRPLVTIRIGGQLKEALL
DTGADDTVLEEMNLPGKWKPKMIGGIGGFIKVRQYDQIPVEICGHKAIGTVLVGPTPVNIIGRNLLTQIGCTLNFPISPI
ETVPVKLKPGMDGPKVKQWPLTEEKIKALVEICTEMEKEGKISKIGPENPYNTPVFAIKKKDSTKWRKLVDFRELNKRTQ
DFWEVQLGIPHPAGLKKKKSVTVLDVGDAYFSVPLDKDFRKYTAFTIPSINNETPGIRYQYNVLPQGWKGSPAIFQSSMT
KILEPFRKQNPDIVIYQYMDDLYVGSDLEIGQHRTKIEELRQHLLRWGFTTPDKKHQKEPPFLWMGYELHPDKWTVQPIM
LPEKDSWTVNDIQKLVGKLNWASQIYAGIKVKQLCKLLRGTKALTEVIPLTEEAELELAENREILKEPVHEVYYDPSKDL
VAEIQKQGQGQWTYQIYQEPFKNLKTGKYARMRGAHTNDVKQLTEAVQKVSTESIVIWGKIPKFKLPIQKETWEAWWMEY
WQATWIPEWEFVNTPPLVKLWYQLEKEPIVGAETFYVDGAANRETKLGKAGYVTDRGRQKVVSIADTTNQKTELQAIHLA
LQDSGLEVNIVTDSQYALGIIQAQPDKSESELVSQIIEQLIKKEKVYLAWVPAHKGIGGNEQVDKLVSAGIRKVLFLNGI
DKAQEEHEKYHSNWRAMASDFNLPPVVAKEIVASCDKCQLKGEAMHGQVDCSPGIWQLDCTHLEGKIILVAVHVASGYIE
AEVIPAETGQETAYFLLKLAGRWPVKTIHTDNGSNFTSTTVKAACWWAGIKQEFGIPYNPQSQGVVESMNNELKKIIGQV
RDQAEHLKTAVQMAVFIHNFKRKGGIGGYSAGERIVDIIATDIQTKELQKQITKIQNFRVYYRDNKDPLWKGPAKLLWKG
EGAVVIQDNSDIKVVPRRKAKIIRDYGKQMAGDDCVASRQDED
;
1   P03369 ? 
2 UNP POL_HV1JR 2 RPGNFLQSRP 443 P20875 ? 
# 
loop_
_struct_ref_seq.align_id 
_struct_ref_seq.ref_id 
_struct_ref_seq.pdbx_PDB_id_code 
_struct_ref_seq.pdbx_strand_id 
_struct_ref_seq.seq_align_beg 
_struct_ref_seq.pdbx_seq_align_beg_ins_code 
_struct_ref_seq.seq_align_end 
_struct_ref_seq.pdbx_seq_align_end_ins_code 
_struct_ref_seq.pdbx_db_accession 
_struct_ref_seq.db_align_beg 
_struct_ref_seq.pdbx_db_align_beg_ins_code 
_struct_ref_seq.db_align_end 
_struct_ref_seq.pdbx_db_align_end_ins_code 
_struct_ref_seq.pdbx_auth_seq_align_beg 
_struct_ref_seq.pdbx_auth_seq_align_end 
1 1 1KJF A 1 ? 99 ? P03369 57  ? 155 ? 1 99 
2 1 1KJF B 1 ? 99 ? P03369 57  ? 155 ? 1 99 
3 2 1KJF P 1 ? 10 ? P20875 443 ? 452 ? 1 10 
# 
loop_
_struct_ref_seq_dif.align_id 
_struct_ref_seq_dif.pdbx_pdb_id_code 
_struct_ref_seq_dif.mon_id 
_struct_ref_seq_dif.pdbx_pdb_strand_id 
_struct_ref_seq_dif.seq_num 
_struct_ref_seq_dif.pdbx_pdb_ins_code 
_struct_ref_seq_dif.pdbx_seq_db_name 
_struct_ref_seq_dif.pdbx_seq_db_accession_code 
_struct_ref_seq_dif.db_mon_id 
_struct_ref_seq_dif.pdbx_seq_db_seq_num 
_struct_ref_seq_dif.details 
_struct_ref_seq_dif.pdbx_auth_seq_num 
_struct_ref_seq_dif.pdbx_ordinal 
1 1KJF LYS A 7  ? UNP P03369 GLN 63 'engineered mutation' 7  1 
1 1KJF ASN A 25 ? UNP P03369 ASP 81 'engineered mutation' 25 2 
2 1KJF LYS B 7  ? UNP P03369 GLN 63 'engineered mutation' 7  3 
2 1KJF ASN B 25 ? UNP P03369 ASP 81 'engineered mutation' 25 4 
# 
loop_
_chem_comp.id 
_chem_comp.type 
_chem_comp.mon_nstd_flag 
_chem_comp.name 
_chem_comp.pdbx_synonyms 
_chem_comp.formula 
_chem_comp.formula_weight 
ACT non-polymer         . 'ACETATE ION'   ? 'C2 H3 O2 -1'    59.044  
ALA 'L-peptide linking' y ALANINE         ? 'C3 H7 N O2'     89.093  
ARG 'L-peptide linking' y ARGININE        ? 'C6 H15 N4 O2 1' 175.209 
ASN 'L-peptide linking' y ASPARAGINE      ? 'C4 H8 N2 O3'    132.118 
ASP 'L-peptide linking' y 'ASPARTIC ACID' ? 'C4 H7 N O4'     133.103 
CYS 'L-peptide linking' y CYSTEINE        ? 'C3 H7 N O2 S'   121.158 
GLN 'L-peptide linking' y GLUTAMINE       ? 'C5 H10 N2 O3'   146.144 
GLU 'L-peptide linking' y 'GLUTAMIC ACID' ? 'C5 H9 N O4'     147.129 
GLY 'peptide linking'   y GLYCINE         ? 'C2 H5 N O2'     75.067  
HIS 'L-peptide linking' y HISTIDINE       ? 'C6 H10 N3 O2 1' 156.162 
HOH non-polymer         . WATER           ? 'H2 O'           18.015  
ILE 'L-peptide linking' y ISOLEUCINE      ? 'C6 H13 N O2'    131.173 
LEU 'L-peptide linking' y LEUCINE         ? 'C6 H13 N O2'    131.173 
LYS 'L-peptide linking' y LYSINE          ? 'C6 H15 N2 O2 1' 147.195 
MET 'L-peptide linking' y METHIONINE      ? 'C5 H11 N O2 S'  149.211 
PHE 'L-peptide linking' y PHENYLALANINE   ? 'C9 H11 N O2'    165.189 
PRO 'L-peptide linking' y PROLINE         ? 'C5 H9 N O2'     115.130 
SER 'L-peptide linking' y SERINE          ? 'C3 H7 N O3'     105.093 
THR 'L-peptide linking' y THREONINE       ? 'C4 H9 N O3'     119.119 
TRP 'L-peptide linking' y TRYPTOPHAN      ? 'C11 H12 N2 O2'  204.225 
TYR 'L-peptide linking' y TYROSINE        ? 'C9 H11 N O3'    181.189 
VAL 'L-peptide linking' y VALINE          ? 'C5 H11 N O2'    117.146 
# 
_exptl.entry_id          1KJF 
_exptl.method            'X-RAY DIFFRACTION' 
_exptl.crystals_number   1 
# 
_exptl_crystal.id                    1 
_exptl_crystal.density_meas          ? 
_exptl_crystal.density_Matthews      2.05 
_exptl_crystal.density_percent_sol   40.12 
_exptl_crystal.description           ? 
# 
_exptl_crystal_grow.crystal_id      1 
_exptl_crystal_grow.method          'VAPOR DIFFUSION, HANGING DROP' 
_exptl_crystal_grow.temp            298 
_exptl_crystal_grow.temp_details    ? 
_exptl_crystal_grow.pH              ? 
_exptl_crystal_grow.pdbx_details    
'AMMONIUM SULPHATE, SODIUM PHOSPHATE, SODIUM CITRATE, VAPOR DIFFUSION, HANGING DROP, temperature 298K' 
_exptl_crystal_grow.pdbx_pH_range   . 
# 
_diffrn.id                     1 
_diffrn.ambient_temp           298.0 
_diffrn.ambient_temp_details   ? 
_diffrn.crystal_id             1 
# 
_diffrn_detector.diffrn_id              1 
_diffrn_detector.detector               'IMAGE PLATE' 
_diffrn_detector.type                   RIGAKU 
_diffrn_detector.pdbx_collection_date   1999-07-07 
_diffrn_detector.details                MIRRORS 
# 
_diffrn_radiation.diffrn_id                        1 
_diffrn_radiation.wavelength_id                    1 
_diffrn_radiation.pdbx_monochromatic_or_laue_m_l   M 
_diffrn_radiation.monochromator                    'YALE MIRRORS' 
_diffrn_radiation.pdbx_diffrn_protocol             'SINGLE WAVELENGTH' 
_diffrn_radiation.pdbx_scattering_type             x-ray 
# 
_diffrn_radiation_wavelength.id           1 
_diffrn_radiation_wavelength.wavelength   1.5418 
_diffrn_radiation_wavelength.wt           1.0 
# 
_diffrn_source.diffrn_id                   1 
_diffrn_source.source                      'ROTATING ANODE' 
_diffrn_source.type                        RIGAKU 
_diffrn_source.pdbx_synchrotron_site       ? 
_diffrn_source.pdbx_synchrotron_beamline   ? 
_diffrn_source.pdbx_wavelength             1.5418 
_diffrn_source.pdbx_wavelength_list        1.5418 
# 
_reflns.entry_id                     1KJF 
_reflns.observed_criterion_sigma_I   0 
_reflns.observed_criterion_sigma_F   0 
_reflns.d_resolution_low             32.82 
_reflns.d_resolution_high            2.000 
_reflns.number_obs                   12376 
_reflns.number_all                   12376 
_reflns.percent_possible_obs         93.4 
_reflns.pdbx_Rmerge_I_obs            0.0670000 
_reflns.pdbx_Rsym_value              ? 
_reflns.pdbx_netI_over_sigmaI        9.6000 
_reflns.B_iso_Wilson_estimate        22.7 
_reflns.pdbx_redundancy              5.00 
_reflns.R_free_details               ? 
_reflns.limit_h_max                  ? 
_reflns.limit_h_min                  ? 
_reflns.limit_k_max                  ? 
_reflns.limit_k_min                  ? 
_reflns.limit_l_max                  ? 
_reflns.limit_l_min                  ? 
_reflns.observed_criterion_F_max     ? 
_reflns.observed_criterion_F_min     ? 
_reflns.pdbx_diffrn_id               1 
_reflns.pdbx_ordinal                 1 
# 
_refine.entry_id                                 1KJF 
_refine.ls_number_reflns_obs                     12376 
_refine.ls_number_reflns_all                     12376 
_refine.pdbx_ls_sigma_I                          ? 
_refine.pdbx_ls_sigma_F                          0.0 
_refine.pdbx_data_cutoff_high_absF               189103.10 
_refine.pdbx_data_cutoff_low_absF                0.000000 
_refine.ls_d_res_low                             32.82 
_refine.ls_d_res_high                            2.00 
_refine.ls_percent_reflns_obs                    93.4 
_refine.ls_R_factor_obs                          0.2030000 
_refine.ls_R_factor_all                          ? 
_refine.ls_R_factor_R_work                       0.2030000 
_refine.ls_R_factor_R_free                       0.2510000 
_refine.ls_R_factor_R_free_error                 0.007 
_refine.ls_R_factor_R_free_error_details         ? 
_refine.ls_percent_reflns_R_free                 10.3 
_refine.ls_number_reflns_R_free                  1208 
_refine.ls_number_parameters                     ? 
_refine.ls_number_restraints                     ? 
_refine.occupancy_min                            ? 
_refine.occupancy_max                            ? 
_refine.B_iso_mean                               30.3 
_refine.aniso_B[1][1]                            -2.23 
_refine.aniso_B[2][2]                            -0.87 
_refine.aniso_B[3][3]                            3.11 
_refine.aniso_B[1][2]                            0.00 
_refine.aniso_B[1][3]                            0.00 
_refine.aniso_B[2][3]                            0.00 
_refine.solvent_model_details                    'FLAT MODEL' 
_refine.solvent_model_param_ksol                 0.350292 
_refine.solvent_model_param_bsol                 66.3761 
_refine.pdbx_ls_cross_valid_method               THROUGHOUT 
_refine.details                                  ? 
_refine.pdbx_starting_model                      'PDB ENTRY 1F7A' 
_refine.pdbx_method_to_determine_struct          'FOURIER SYNTHESIS' 
_refine.pdbx_isotropic_thermal_model             RESTRAINED 
_refine.pdbx_stereochemistry_target_values       'ENGH & HUBER' 
_refine.pdbx_stereochem_target_val_spec_case     ? 
_refine.pdbx_R_Free_selection_details            RANDOM 
_refine.pdbx_overall_ESU_R_Free                  ? 
_refine.overall_SU_B                             ? 
_refine.ls_redundancy_reflns_obs                 ? 
_refine.B_iso_min                                ? 
_refine.B_iso_max                                ? 
_refine.correlation_coeff_Fo_to_Fc               ? 
_refine.overall_SU_R_Cruickshank_DPI             ? 
_refine.overall_SU_R_free                        ? 
_refine.overall_SU_ML                            ? 
_refine.pdbx_overall_ESU_R                       ? 
_refine.pdbx_data_cutoff_high_rms_absF           ? 
_refine.correlation_coeff_Fo_to_Fc_free          ? 
_refine.pdbx_solvent_vdw_probe_radii             ? 
_refine.pdbx_solvent_ion_probe_radii             ? 
_refine.pdbx_solvent_shrinkage_radii             ? 
_refine.pdbx_refine_id                           'X-RAY DIFFRACTION' 
_refine.pdbx_diffrn_id                           1 
_refine.pdbx_TLS_residual_ADP_flag               ? 
_refine.pdbx_overall_phase_error                 ? 
_refine.pdbx_overall_SU_R_free_Cruickshank_DPI   ? 
_refine.pdbx_overall_SU_R_Blow_DPI               ? 
_refine.pdbx_overall_SU_R_free_Blow_DPI          ? 
# 
_refine_analyze.entry_id                        1KJF 
_refine_analyze.Luzzati_coordinate_error_obs    0.24 
_refine_analyze.Luzzati_sigma_a_obs             0.26 
_refine_analyze.Luzzati_d_res_low_obs           5.00 
_refine_analyze.Luzzati_coordinate_error_free   0.33 
_refine_analyze.Luzzati_sigma_a_free            0.34 
_refine_analyze.Luzzati_d_res_low_free          ? 
_refine_analyze.number_disordered_residues      ? 
_refine_analyze.occupancy_sum_hydrogen          ? 
_refine_analyze.occupancy_sum_non_hydrogen      ? 
_refine_analyze.pdbx_Luzzati_d_res_high_obs     ? 
_refine_analyze.pdbx_refine_id                  'X-RAY DIFFRACTION' 
# 
_refine_hist.pdbx_refine_id                   'X-RAY DIFFRACTION' 
_refine_hist.cycle_id                         LAST 
_refine_hist.pdbx_number_atoms_protein        1623 
_refine_hist.pdbx_number_atoms_nucleic_acid   0 
_refine_hist.pdbx_number_atoms_ligand         16 
_refine_hist.number_atoms_solvent             101 
_refine_hist.number_atoms_total               1740 
_refine_hist.d_res_high                       2.00 
_refine_hist.d_res_low                        32.82 
# 
loop_
_refine_ls_restr.type 
_refine_ls_restr.dev_ideal 
_refine_ls_restr.dev_ideal_target 
_refine_ls_restr.weight 
_refine_ls_restr.number 
_refine_ls_restr.pdbx_refine_id 
_refine_ls_restr.pdbx_restraint_function 
c_bond_d           0.006 ? ? ? 'X-RAY DIFFRACTION' ? 
c_angle_deg        1.3   ? ? ? 'X-RAY DIFFRACTION' ? 
c_dihedral_angle_d 26.1  ? ? ? 'X-RAY DIFFRACTION' ? 
c_improper_angle_d 0.87  ? ? ? 'X-RAY DIFFRACTION' ? 
# 
loop_
_pdbx_xplor_file.serial_no 
_pdbx_xplor_file.param_file 
_pdbx_xplor_file.topol_file 
_pdbx_xplor_file.pdbx_refine_id 
1 PROTEIN_REP.PARAM PROTEIN.TOP 'X-RAY DIFFRACTION' 
2 WATER_REP.PARAM   WATER.TOP   'X-RAY DIFFRACTION' 
3 ION.PARAM         ION.TOP     'X-RAY DIFFRACTION' 
4 ACE.PARAM         ACE.TOP     'X-RAY DIFFRACTION' 
# 
_struct.entry_id                  1KJF 
_struct.title                     
;SUBSTRATE SHAPE DETERMINES SPECIFICITY OF RECOGNITION RECOGNITION FOR HIV-1 PROTEASE: ANALYSIS OF CRYSTAL STRUCTURES OF SIX SUBSTRATE COMPLEXES
;
_struct.pdbx_model_details        ? 
_struct.pdbx_CASP_flag            ? 
_struct.pdbx_model_type_details   ? 
# 
_struct_keywords.entry_id        1KJF 
_struct_keywords.pdbx_keywords   HYDROLASE 
_struct_keywords.text            'p1-p6, SUBSTRATE RECOGNITION, HYDROLASE' 
# 
loop_
_struct_asym.id 
_struct_asym.pdbx_blank_PDB_chainid_flag 
_struct_asym.pdbx_modified 
_struct_asym.entity_id 
_struct_asym.details 
A N N 1 ? 
B N N 1 ? 
C N N 2 ? 
D N N 3 ? 
E N N 3 ? 
F N N 3 ? 
G N N 3 ? 
H N N 4 ? 
I N N 4 ? 
J N N 4 ? 
# 
_struct_biol.id                    1 
_struct_biol.pdbx_parent_biol_id   ? 
_struct_biol.details               ? 
# 
loop_
_struct_conf.conf_type_id 
_struct_conf.id 
_struct_conf.pdbx_PDB_helix_id 
_struct_conf.beg_label_comp_id 
_struct_conf.beg_label_asym_id 
_struct_conf.beg_label_seq_id 
_struct_conf.pdbx_beg_PDB_ins_code 
_struct_conf.end_label_comp_id 
_struct_conf.end_label_asym_id 
_struct_conf.end_label_seq_id 
_struct_conf.pdbx_end_PDB_ins_code 
_struct_conf.beg_auth_comp_id 
_struct_conf.beg_auth_asym_id 
_struct_conf.beg_auth_seq_id 
_struct_conf.end_auth_comp_id 
_struct_conf.end_auth_asym_id 
_struct_conf.end_auth_seq_id 
_struct_conf.pdbx_PDB_helix_class 
_struct_conf.details 
_struct_conf.pdbx_PDB_helix_length 
HELX_P HELX_P1 1 GLY A 86 ? THR A 91 ? GLY A 86 THR A 91 1 ? 6 
HELX_P HELX_P2 2 GLN A 92 ? GLY A 94 ? GLN A 92 GLY A 94 5 ? 3 
HELX_P HELX_P3 3 GLY B 86 ? THR B 91 ? GLY B 86 THR B 91 1 ? 6 
# 
_struct_conf_type.id          HELX_P 
_struct_conf_type.criteria    ? 
_struct_conf_type.reference   ? 
# 
loop_
_struct_sheet.id 
_struct_sheet.type 
_struct_sheet.number_strands 
_struct_sheet.details 
A ? 4 ? 
B ? 8 ? 
C ? 9 ? 
# 
loop_
_struct_sheet_order.sheet_id 
_struct_sheet_order.range_id_1 
_struct_sheet_order.range_id_2 
_struct_sheet_order.offset 
_struct_sheet_order.sense 
A 1 2 ? anti-parallel 
A 2 3 ? anti-parallel 
A 3 4 ? anti-parallel 
B 1 2 ? anti-parallel 
B 2 3 ? anti-parallel 
B 3 4 ? anti-parallel 
B 4 5 ? parallel      
B 5 6 ? anti-parallel 
B 6 7 ? parallel      
B 7 8 ? anti-parallel 
C 1 2 ? anti-parallel 
C 2 3 ? anti-parallel 
C 3 4 ? anti-parallel 
C 4 5 ? anti-parallel 
C 5 6 ? parallel      
C 6 7 ? anti-parallel 
C 7 8 ? parallel      
C 8 9 ? anti-parallel 
# 
loop_
_struct_sheet_range.sheet_id 
_struct_sheet_range.id 
_struct_sheet_range.beg_label_comp_id 
_struct_sheet_range.beg_label_asym_id 
_struct_sheet_range.beg_label_seq_id 
_struct_sheet_range.pdbx_beg_PDB_ins_code 
_struct_sheet_range.end_label_comp_id 
_struct_sheet_range.end_label_asym_id 
_struct_sheet_range.end_label_seq_id 
_struct_sheet_range.pdbx_end_PDB_ins_code 
_struct_sheet_range.beg_auth_comp_id 
_struct_sheet_range.beg_auth_asym_id 
_struct_sheet_range.beg_auth_seq_id 
_struct_sheet_range.end_auth_comp_id 
_struct_sheet_range.end_auth_asym_id 
_struct_sheet_range.end_auth_seq_id 
A 1 GLN A 2  ? THR A 4  ? GLN A 2  THR A 4  
A 2 THR B 96 ? ASN B 98 ? THR B 96 ASN B 98 
A 3 THR A 96 ? ASN A 98 ? THR A 96 ASN A 98 
A 4 GLN B 2  ? THR B 4  ? GLN B 2  THR B 4  
B 1 LYS A 43 ? GLY A 49 ? LYS A 43 GLY A 49 
B 2 GLY A 52 ? ILE A 66 ? GLY A 52 ILE A 66 
B 3 LEU A 10 ? ILE A 15 ? LEU A 10 ILE A 15 
B 4 GLN A 18 ? LEU A 24 ? GLN A 18 LEU A 24 
B 5 ILE A 84 ? ILE A 85 ? ILE A 84 ILE A 85 
B 6 VAL A 32 ? GLU A 34 ? VAL A 32 GLU A 34 
B 7 HIS A 69 ? GLY A 78 ? HIS A 69 GLY A 78 
B 8 GLY A 52 ? ILE A 66 ? GLY A 52 ILE A 66 
C 1 GLN C 7  ? SER C 8  ? GLN P 7  SER P 8  
C 2 LYS B 43 ? GLY B 49 ? LYS B 43 GLY B 49 
C 3 GLY B 52 ? ILE B 66 ? GLY B 52 ILE B 66 
C 4 LEU B 10 ? ILE B 15 ? LEU B 10 ILE B 15 
C 5 GLN B 18 ? LEU B 24 ? GLN B 18 LEU B 24 
C 6 ILE B 84 ? ILE B 85 ? ILE B 84 ILE B 85 
C 7 VAL B 32 ? LEU B 33 ? VAL B 32 LEU B 33 
C 8 HIS B 69 ? VAL B 77 ? HIS B 69 VAL B 77 
C 9 GLY B 52 ? ILE B 66 ? GLY B 52 ILE B 66 
# 
loop_
_pdbx_struct_sheet_hbond.sheet_id 
_pdbx_struct_sheet_hbond.range_id_1 
_pdbx_struct_sheet_hbond.range_id_2 
_pdbx_struct_sheet_hbond.range_1_label_atom_id 
_pdbx_struct_sheet_hbond.range_1_label_comp_id 
_pdbx_struct_sheet_hbond.range_1_label_asym_id 
_pdbx_struct_sheet_hbond.range_1_label_seq_id 
_pdbx_struct_sheet_hbond.range_1_PDB_ins_code 
_pdbx_struct_sheet_hbond.range_1_auth_atom_id 
_pdbx_struct_sheet_hbond.range_1_auth_comp_id 
_pdbx_struct_sheet_hbond.range_1_auth_asym_id 
_pdbx_struct_sheet_hbond.range_1_auth_seq_id 
_pdbx_struct_sheet_hbond.range_2_label_atom_id 
_pdbx_struct_sheet_hbond.range_2_label_comp_id 
_pdbx_struct_sheet_hbond.range_2_label_asym_id 
_pdbx_struct_sheet_hbond.range_2_label_seq_id 
_pdbx_struct_sheet_hbond.range_2_PDB_ins_code 
_pdbx_struct_sheet_hbond.range_2_auth_atom_id 
_pdbx_struct_sheet_hbond.range_2_auth_comp_id 
_pdbx_struct_sheet_hbond.range_2_auth_asym_id 
_pdbx_struct_sheet_hbond.range_2_auth_seq_id 
A 1 2 N ILE A 3  ? N ILE A 3  O LEU B 97 ? O LEU B 97 
A 2 3 O ASN B 98 ? O ASN B 98 N THR A 96 ? N THR A 96 
A 3 4 O LEU A 97 ? O LEU A 97 N ILE B 3  ? N ILE B 3  
B 1 2 N GLY A 49 ? N GLY A 49 O GLY A 52 ? O GLY A 52 
B 2 3 N GLU A 65 ? N GLU A 65 O ARG A 14 ? O ARG A 14 
B 3 4 N ILE A 15 ? N ILE A 15 O GLN A 18 ? O GLN A 18 
B 4 5 O LEU A 23 ? O LEU A 23 N ILE A 85 ? N ILE A 85 
B 5 6 N ILE A 84 ? N ILE A 84 O VAL A 32 ? O VAL A 32 
B 6 7 N LEU A 33 ? N LEU A 33 O LEU A 76 ? O LEU A 76 
B 7 8 O VAL A 77 ? O VAL A 77 N ARG A 57 ? N ARG A 57 
C 1 2 O SER C 8  ? O SER P 8  N GLY B 48 ? N GLY B 48 
C 2 3 N GLY B 49 ? N GLY B 49 O GLY B 52 ? O GLY B 52 
C 3 4 O GLU B 65 ? O GLU B 65 N ARG B 14 ? N ARG B 14 
C 4 5 O ILE B 15 ? O ILE B 15 N GLN B 18 ? N GLN B 18 
C 5 6 O LEU B 23 ? O LEU B 23 N ILE B 85 ? N ILE B 85 
C 6 7 N ILE B 84 ? N ILE B 84 O VAL B 32 ? O VAL B 32 
C 7 8 N LEU B 33 ? N LEU B 33 O LEU B 76 ? O LEU B 76 
C 8 9 O VAL B 77 ? O VAL B 77 N ARG B 57 ? N ARG B 57 
# 
loop_
_struct_site.id 
_struct_site.pdbx_evidence_code 
_struct_site.pdbx_auth_asym_id 
_struct_site.pdbx_auth_comp_id 
_struct_site.pdbx_auth_seq_id 
_struct_site.pdbx_auth_ins_code 
_struct_site.pdbx_num_residues 
_struct_site.details 
AC1 Software B ACT 501 ? 5 'BINDING SITE FOR RESIDUE ACT B 501' 
AC2 Software B ACT 502 ? 3 'BINDING SITE FOR RESIDUE ACT B 502' 
AC3 Software B ACT 503 ? 6 'BINDING SITE FOR RESIDUE ACT B 503' 
AC4 Software A ACT 504 ? 3 'BINDING SITE FOR RESIDUE ACT A 504' 
# 
loop_
_struct_site_gen.id 
_struct_site_gen.site_id 
_struct_site_gen.pdbx_num_res 
_struct_site_gen.label_comp_id 
_struct_site_gen.label_asym_id 
_struct_site_gen.label_seq_id 
_struct_site_gen.pdbx_auth_ins_code 
_struct_site_gen.auth_comp_id 
_struct_site_gen.auth_asym_id 
_struct_site_gen.auth_seq_id 
_struct_site_gen.label_atom_id 
_struct_site_gen.label_alt_id 
_struct_site_gen.symmetry 
_struct_site_gen.details 
1  AC1 5 PRO A 1  ? PRO A 1   . ? 4_456 ? 
2  AC1 5 HIS B 69 ? HIS B 69  . ? 1_555 ? 
3  AC1 5 LYS B 70 ? LYS B 70  . ? 1_555 ? 
4  AC1 5 HOH I .  ? HOH B 552 . ? 1_555 ? 
5  AC1 5 HOH I .  ? HOH B 553 . ? 1_555 ? 
6  AC2 3 PRO B 1  ? PRO B 1   . ? 1_555 ? 
7  AC2 3 HIS B 69 ? HIS B 69  . ? 1_555 ? 
8  AC2 3 HOH I .  ? HOH B 521 . ? 1_555 ? 
9  AC3 6 ARG A 14 ? ARG A 14  . ? 1_455 ? 
10 AC3 6 GLY A 17 ? GLY A 17  . ? 1_455 ? 
11 AC3 6 HOH H .  ? HOH A 526 . ? 1_455 ? 
12 AC3 6 ARG B 14 ? ARG B 14  . ? 1_555 ? 
13 AC3 6 GLY B 17 ? GLY B 17  . ? 1_555 ? 
14 AC3 6 HOH I .  ? HOH B 529 . ? 1_555 ? 
15 AC4 3 LYS A 7  ? LYS A 7   . ? 1_555 ? 
16 AC4 3 ARG A 8  ? ARG A 8   . ? 1_555 ? 
17 AC4 3 HOH H .  ? HOH A 517 . ? 1_555 ? 
# 
_atom_sites.entry_id                    1KJF 
_atom_sites.fract_transf_matrix[1][1]   0.00884257 
_atom_sites.fract_transf_matrix[1][2]   -0.01706633 
_atom_sites.fract_transf_matrix[1][3]   -0.00328032 
_atom_sites.fract_transf_matrix[2][1]   0.00944080 
_atom_sites.fract_transf_matrix[2][2]   0.00222465 
_atom_sites.fract_transf_matrix[2][3]   0.01387492 
_atom_sites.fract_transf_matrix[3][1]   -0.01124752 
_atom_sites.fract_transf_matrix[3][2]   -0.00753076 
_atom_sites.fract_transf_matrix[3][3]   0.00886051 
_atom_sites.fract_transf_vector[1]      0.102868 
_atom_sites.fract_transf_vector[2]      0.016263 
_atom_sites.fract_transf_vector[3]      0.288434 
# 
loop_
_atom_type.symbol 
C 
N 
O 
S 
# 
loop_
_atom_site.group_PDB 
_atom_site.id 
_atom_site.type_symbol 
_atom_site.label_atom_id 
_atom_site.label_alt_id 
_atom_site.label_comp_id 
_atom_site.label_asym_id 
_atom_site.label_entity_id 
_atom_site.label_seq_id 
_atom_site.pdbx_PDB_ins_code 
_atom_site.Cartn_x 
_atom_site.Cartn_y 
_atom_site.Cartn_z 
_atom_site.occupancy 
_atom_site.B_iso_or_equiv 
_atom_site.pdbx_formal_charge 
_atom_site.auth_seq_id 
_atom_site.auth_comp_id 
_atom_site.auth_asym_id 
_atom_site.auth_atom_id 
_atom_site.pdbx_PDB_model_num 
ATOM   1    N N   . PRO A 1 1  ? 2.290   -10.442 16.465  1.00 33.06 ? 1   PRO A N   1 
ATOM   2    C CA  . PRO A 1 1  ? 3.091   -9.269  16.887  1.00 31.96 ? 1   PRO A CA  1 
ATOM   3    C C   . PRO A 1 1  ? 2.307   -8.003  16.578  1.00 30.99 ? 1   PRO A C   1 
ATOM   4    O O   . PRO A 1 1  ? 1.278   -8.055  15.905  1.00 30.95 ? 1   PRO A O   1 
ATOM   5    C CB  . PRO A 1 1  ? 4.379   -9.278  16.071  1.00 31.56 ? 1   PRO A CB  1 
ATOM   6    C CG  . PRO A 1 1  ? 4.424   -10.709 15.541  1.00 32.54 ? 1   PRO A CG  1 
ATOM   7    C CD  . PRO A 1 1  ? 2.964   -11.124 15.347  1.00 33.37 ? 1   PRO A CD  1 
ATOM   8    N N   . GLN A 1 2  ? 2.786   -6.869  17.080  1.00 30.42 ? 2   GLN A N   1 
ATOM   9    C CA  . GLN A 1 2  ? 2.145   -5.597  16.794  1.00 30.89 ? 2   GLN A CA  1 
ATOM   10   C C   . GLN A 1 2  ? 3.202   -4.730  16.122  1.00 30.41 ? 2   GLN A C   1 
ATOM   11   O O   . GLN A 1 2  ? 4.256   -4.461  16.700  1.00 30.58 ? 2   GLN A O   1 
ATOM   12   C CB  . GLN A 1 2  ? 1.649   -4.906  18.062  1.00 32.75 ? 2   GLN A CB  1 
ATOM   13   C CG  . GLN A 1 2  ? 0.813   -3.673  17.751  1.00 35.70 ? 2   GLN A CG  1 
ATOM   14   C CD  . GLN A 1 2  ? 0.350   -2.941  18.992  1.00 39.16 ? 2   GLN A CD  1 
ATOM   15   O OE1 . GLN A 1 2  ? 1.102   -2.163  19.583  1.00 42.10 ? 2   GLN A OE1 1 
ATOM   16   N NE2 . GLN A 1 2  ? -0.892  -3.192  19.402  1.00 37.60 ? 2   GLN A NE2 1 
ATOM   17   N N   . ILE A 1 3  ? 2.913   -4.296  14.900  1.00 27.29 ? 3   ILE A N   1 
ATOM   18   C CA  . ILE A 1 3  ? 3.840   -3.480  14.130  1.00 24.54 ? 3   ILE A CA  1 
ATOM   19   C C   . ILE A 1 3  ? 3.392   -2.016  14.050  1.00 24.69 ? 3   ILE A C   1 
ATOM   20   O O   . ILE A 1 3  ? 2.281   -1.723  13.610  1.00 21.68 ? 3   ILE A O   1 
ATOM   21   C CB  . ILE A 1 3  ? 3.985   -4.070  12.708  1.00 25.96 ? 3   ILE A CB  1 
ATOM   22   C CG1 . ILE A 1 3  ? 4.407   -5.540  12.822  1.00 24.94 ? 3   ILE A CG1 1 
ATOM   23   C CG2 . ILE A 1 3  ? 5.000   -3.279  11.896  1.00 25.59 ? 3   ILE A CG2 1 
ATOM   24   C CD1 . ILE A 1 3  ? 4.796   -6.178  11.521  1.00 28.34 ? 3   ILE A CD1 1 
ATOM   25   N N   . THR A 1 4  ? 4.250   -1.102  14.499  1.00 22.21 ? 4   THR A N   1 
ATOM   26   C CA  . THR A 1 4  ? 3.925   0.317   14.444  1.00 23.04 ? 4   THR A CA  1 
ATOM   27   C C   . THR A 1 4  ? 4.274   0.817   13.042  1.00 21.98 ? 4   THR A C   1 
ATOM   28   O O   . THR A 1 4  ? 5.037   0.173   12.323  1.00 22.25 ? 4   THR A O   1 
ATOM   29   C CB  . THR A 1 4  ? 4.700   1.128   15.521  1.00 25.19 ? 4   THR A CB  1 
ATOM   30   O OG1 . THR A 1 4  ? 6.113   0.983   15.322  1.00 25.81 ? 4   THR A OG1 1 
ATOM   31   C CG2 . THR A 1 4  ? 4.329   0.633   16.920  1.00 26.46 ? 4   THR A CG2 1 
ATOM   32   N N   . LEU A 1 5  ? 3.724   1.958   12.652  1.00 19.40 ? 5   LEU A N   1 
ATOM   33   C CA  . LEU A 1 5  ? 3.963   2.462   11.314  1.00 20.04 ? 5   LEU A CA  1 
ATOM   34   C C   . LEU A 1 5  ? 4.899   3.650   11.190  1.00 18.90 ? 5   LEU A C   1 
ATOM   35   O O   . LEU A 1 5  ? 4.880   4.344   10.176  1.00 17.08 ? 5   LEU A O   1 
ATOM   36   C CB  . LEU A 1 5  ? 2.619   2.773   10.645  1.00 18.21 ? 5   LEU A CB  1 
ATOM   37   C CG  . LEU A 1 5  ? 1.666   1.569   10.625  1.00 20.55 ? 5   LEU A CG  1 
ATOM   38   C CD1 . LEU A 1 5  ? 0.331   1.966   10.019  1.00 17.30 ? 5   LEU A CD1 1 
ATOM   39   C CD2 . LEU A 1 5  ? 2.305   0.419   9.835   1.00 17.86 ? 5   LEU A CD2 1 
ATOM   40   N N   . TRP A 1 6  ? 5.733   3.871   12.207  1.00 20.43 ? 6   TRP A N   1 
ATOM   41   C CA  . TRP A 1 6  ? 6.690   4.978   12.185  1.00 21.71 ? 6   TRP A CA  1 
ATOM   42   C C   . TRP A 1 6  ? 7.612   4.822   10.986  1.00 22.55 ? 6   TRP A C   1 
ATOM   43   O O   . TRP A 1 6  ? 8.062   5.799   10.394  1.00 20.84 ? 6   TRP A O   1 
ATOM   44   C CB  . TRP A 1 6  ? 7.533   4.983   13.459  1.00 20.81 ? 6   TRP A CB  1 
ATOM   45   C CG  . TRP A 1 6  ? 6.747   5.248   14.707  1.00 21.46 ? 6   TRP A CG  1 
ATOM   46   C CD1 . TRP A 1 6  ? 6.600   4.411   15.780  1.00 20.77 ? 6   TRP A CD1 1 
ATOM   47   C CD2 . TRP A 1 6  ? 6.033   6.445   15.031  1.00 19.93 ? 6   TRP A CD2 1 
ATOM   48   N NE1 . TRP A 1 6  ? 5.843   5.017   16.750  1.00 20.84 ? 6   TRP A NE1 1 
ATOM   49   C CE2 . TRP A 1 6  ? 5.482   6.266   16.319  1.00 20.87 ? 6   TRP A CE2 1 
ATOM   50   C CE3 . TRP A 1 6  ? 5.805   7.654   14.358  1.00 19.89 ? 6   TRP A CE3 1 
ATOM   51   C CZ2 . TRP A 1 6  ? 4.719   7.252   16.952  1.00 21.32 ? 6   TRP A CZ2 1 
ATOM   52   C CZ3 . TRP A 1 6  ? 5.048   8.636   14.987  1.00 20.13 ? 6   TRP A CZ3 1 
ATOM   53   C CH2 . TRP A 1 6  ? 4.514   8.427   16.274  1.00 21.45 ? 6   TRP A CH2 1 
ATOM   54   N N   . LYS A 1 7  ? 7.899   3.570   10.650  1.00 23.75 ? 7   LYS A N   1 
ATOM   55   C CA  . LYS A 1 7  ? 8.757   3.245   9.524   1.00 23.39 ? 7   LYS A CA  1 
ATOM   56   C C   . LYS A 1 7  ? 8.010   2.246   8.657   1.00 22.63 ? 7   LYS A C   1 
ATOM   57   O O   . LYS A 1 7  ? 6.983   1.717   9.073   1.00 21.74 ? 7   LYS A O   1 
ATOM   58   C CB  . LYS A 1 7  ? 10.073  2.639   10.025  1.00 28.92 ? 7   LYS A CB  1 
ATOM   59   C CG  . LYS A 1 7  ? 10.861  3.577   10.930  1.00 33.93 ? 7   LYS A CG  1 
ATOM   60   C CD  . LYS A 1 7  ? 12.337  3.216   10.961  1.00 40.45 ? 7   LYS A CD  1 
ATOM   61   C CE  . LYS A 1 7  ? 13.167  4.344   11.565  1.00 43.20 ? 7   LYS A CE  1 
ATOM   62   N NZ  . LYS A 1 7  ? 14.637  4.109   11.415  1.00 46.35 ? 7   LYS A NZ  1 
ATOM   63   N N   . ARG A 1 8  ? 8.510   1.995   7.452   1.00 21.06 ? 8   ARG A N   1 
ATOM   64   C CA  . ARG A 1 8  ? 7.859   1.045   6.556   1.00 21.61 ? 8   ARG A CA  1 
ATOM   65   C C   . ARG A 1 8  ? 7.766   -0.315  7.239   1.00 19.67 ? 8   ARG A C   1 
ATOM   66   O O   . ARG A 1 8  ? 8.740   -0.777  7.817   1.00 18.29 ? 8   ARG A O   1 
ATOM   67   C CB  . ARG A 1 8  ? 8.655   0.921   5.256   1.00 22.49 ? 8   ARG A CB  1 
ATOM   68   C CG  . ARG A 1 8  ? 8.750   2.225   4.496   1.00 27.01 ? 8   ARG A CG  1 
ATOM   69   C CD  . ARG A 1 8  ? 9.464   2.067   3.163   1.00 30.71 ? 8   ARG A CD  1 
ATOM   70   N NE  . ARG A 1 8  ? 9.481   3.329   2.424   1.00 34.26 ? 8   ARG A NE  1 
ATOM   71   C CZ  . ARG A 1 8  ? 9.996   3.479   1.205   1.00 35.90 ? 8   ARG A CZ  1 
ATOM   72   N NH1 . ARG A 1 8  ? 10.544  2.442   0.578   1.00 34.98 ? 8   ARG A NH1 1 
ATOM   73   N NH2 . ARG A 1 8  ? 9.955   4.665   0.610   1.00 34.10 ? 8   ARG A NH2 1 
ATOM   74   N N   . PRO A 1 9  ? 6.581   -0.956  7.204   1.00 19.67 ? 9   PRO A N   1 
ATOM   75   C CA  . PRO A 1 9  ? 6.393   -2.269  7.830   1.00 20.84 ? 9   PRO A CA  1 
ATOM   76   C C   . PRO A 1 9  ? 7.051   -3.409  7.052   1.00 23.12 ? 9   PRO A C   1 
ATOM   77   O O   . PRO A 1 9  ? 6.383   -4.169  6.347   1.00 22.95 ? 9   PRO A O   1 
ATOM   78   C CB  . PRO A 1 9  ? 4.872   -2.404  7.894   1.00 19.52 ? 9   PRO A CB  1 
ATOM   79   C CG  . PRO A 1 9  ? 4.423   -1.652  6.687   1.00 19.16 ? 9   PRO A CG  1 
ATOM   80   C CD  . PRO A 1 9  ? 5.290   -0.414  6.742   1.00 18.42 ? 9   PRO A CD  1 
ATOM   81   N N   . LEU A 1 10 ? 8.369   -3.519  7.196   1.00 24.41 ? 10  LEU A N   1 
ATOM   82   C CA  . LEU A 1 10 ? 9.150   -4.550  6.521   1.00 27.10 ? 10  LEU A CA  1 
ATOM   83   C C   . LEU A 1 10 ? 9.333   -5.768  7.404   1.00 27.18 ? 10  LEU A C   1 
ATOM   84   O O   . LEU A 1 10 ? 9.597   -5.653  8.597   1.00 29.16 ? 10  LEU A O   1 
ATOM   85   C CB  . LEU A 1 10 ? 10.533  -4.014  6.138   1.00 27.87 ? 10  LEU A CB  1 
ATOM   86   C CG  . LEU A 1 10 ? 10.624  -2.937  5.060   1.00 30.04 ? 10  LEU A CG  1 
ATOM   87   C CD1 . LEU A 1 10 ? 12.069  -2.486  4.915   1.00 30.55 ? 10  LEU A CD1 1 
ATOM   88   C CD2 . LEU A 1 10 ? 10.102  -3.489  3.733   1.00 31.79 ? 10  LEU A CD2 1 
ATOM   89   N N   . VAL A 1 11 ? 9.194   -6.945  6.814   1.00 27.95 ? 11  VAL A N   1 
ATOM   90   C CA  . VAL A 1 11 ? 9.369   -8.171  7.566   1.00 26.76 ? 11  VAL A CA  1 
ATOM   91   C C   . VAL A 1 11 ? 10.090  -9.188  6.699   1.00 28.04 ? 11  VAL A C   1 
ATOM   92   O O   . VAL A 1 11 ? 10.193  -9.021  5.480   1.00 26.79 ? 11  VAL A O   1 
ATOM   93   C CB  . VAL A 1 11 ? 8.018   -8.749  8.015   1.00 26.79 ? 11  VAL A CB  1 
ATOM   94   C CG1 . VAL A 1 11 ? 7.275   -7.722  8.870   1.00 26.42 ? 11  VAL A CG1 1 
ATOM   95   C CG2 . VAL A 1 11 ? 7.197   -9.148  6.804   1.00 25.99 ? 11  VAL A CG2 1 
ATOM   96   N N   . THR A 1 12 ? 10.594  -10.235 7.335   1.00 27.77 ? 12  THR A N   1 
ATOM   97   C CA  . THR A 1 12 ? 11.310  -11.280 6.625   1.00 28.45 ? 12  THR A CA  1 
ATOM   98   C C   . THR A 1 12 ? 10.347  -12.366 6.175   1.00 29.05 ? 12  THR A C   1 
ATOM   99   O O   . THR A 1 12 ? 9.537   -12.858 6.958   1.00 29.41 ? 12  THR A O   1 
ATOM   100  C CB  . THR A 1 12 ? 12.403  -11.907 7.519   1.00 29.38 ? 12  THR A CB  1 
ATOM   101  O OG1 . THR A 1 12 ? 13.431  -10.941 7.764   1.00 30.85 ? 12  THR A OG1 1 
ATOM   102  C CG2 . THR A 1 12 ? 13.012  -13.136 6.850   1.00 29.38 ? 12  THR A CG2 1 
ATOM   103  N N   . ILE A 1 13 ? 10.435  -12.730 4.903   1.00 30.74 ? 13  ILE A N   1 
ATOM   104  C CA  . ILE A 1 13 ? 9.579   -13.768 4.356   1.00 31.51 ? 13  ILE A CA  1 
ATOM   105  C C   . ILE A 1 13 ? 10.437  -14.876 3.780   1.00 32.82 ? 13  ILE A C   1 
ATOM   106  O O   . ILE A 1 13 ? 11.620  -14.677 3.485   1.00 32.74 ? 13  ILE A O   1 
ATOM   107  C CB  . ILE A 1 13 ? 8.695   -13.236 3.224   1.00 32.09 ? 13  ILE A CB  1 
ATOM   108  C CG1 . ILE A 1 13 ? 9.580   -12.668 2.115   1.00 30.45 ? 13  ILE A CG1 1 
ATOM   109  C CG2 . ILE A 1 13 ? 7.739   -12.191 3.761   1.00 30.30 ? 13  ILE A CG2 1 
ATOM   110  C CD1 . ILE A 1 13 ? 8.848   -12.412 0.829   1.00 34.65 ? 13  ILE A CD1 1 
ATOM   111  N N   . ARG A 1 14 ? 9.829   -16.041 3.608   1.00 32.79 ? 14  ARG A N   1 
ATOM   112  C CA  . ARG A 1 14 ? 10.538  -17.183 3.056   1.00 35.47 ? 14  ARG A CA  1 
ATOM   113  C C   . ARG A 1 14 ? 9.767   -17.706 1.856   1.00 34.93 ? 14  ARG A C   1 
ATOM   114  O O   . ARG A 1 14 ? 8.590   -18.049 1.964   1.00 34.64 ? 14  ARG A O   1 
ATOM   115  C CB  . ARG A 1 14 ? 10.661  -18.274 4.117   1.00 37.00 ? 14  ARG A CB  1 
ATOM   116  C CG  . ARG A 1 14 ? 11.679  -19.351 3.801   1.00 40.77 ? 14  ARG A CG  1 
ATOM   117  C CD  . ARG A 1 14 ? 11.718  -20.371 4.925   1.00 43.76 ? 14  ARG A CD  1 
ATOM   118  N NE  . ARG A 1 14 ? 12.931  -21.179 4.899   1.00 47.55 ? 14  ARG A NE  1 
ATOM   119  C CZ  . ARG A 1 14 ? 13.224  -22.074 3.963   1.00 49.84 ? 14  ARG A CZ  1 
ATOM   120  N NH1 . ARG A 1 14 ? 12.384  -22.288 2.955   1.00 50.57 ? 14  ARG A NH1 1 
ATOM   121  N NH2 . ARG A 1 14 ? 14.360  -22.758 4.037   1.00 50.26 ? 14  ARG A NH2 1 
ATOM   122  N N   . ILE A 1 15 ? 10.426  -17.753 0.706   1.00 37.18 ? 15  ILE A N   1 
ATOM   123  C CA  . ILE A 1 15 ? 9.782   -18.246 -0.503  1.00 39.29 ? 15  ILE A CA  1 
ATOM   124  C C   . ILE A 1 15 ? 10.773  -18.986 -1.390  1.00 41.03 ? 15  ILE A C   1 
ATOM   125  O O   . ILE A 1 15 ? 11.869  -18.492 -1.661  1.00 39.64 ? 15  ILE A O   1 
ATOM   126  C CB  . ILE A 1 15 ? 9.152   -17.100 -1.317  1.00 39.22 ? 15  ILE A CB  1 
ATOM   127  C CG1 . ILE A 1 15 ? 8.566   -17.656 -2.619  1.00 40.40 ? 15  ILE A CG1 1 
ATOM   128  C CG2 . ILE A 1 15 ? 10.191  -16.032 -1.610  1.00 38.38 ? 15  ILE A CG2 1 
ATOM   129  C CD1 . ILE A 1 15 ? 7.911   -16.617 -3.493  1.00 40.25 ? 15  ILE A CD1 1 
ATOM   130  N N   . GLY A 1 16 ? 10.375  -20.174 -1.836  1.00 42.92 ? 16  GLY A N   1 
ATOM   131  C CA  . GLY A 1 16 ? 11.230  -20.975 -2.693  1.00 44.49 ? 16  GLY A CA  1 
ATOM   132  C C   . GLY A 1 16 ? 12.622  -21.184 -2.130  1.00 45.71 ? 16  GLY A C   1 
ATOM   133  O O   . GLY A 1 16 ? 13.597  -21.246 -2.879  1.00 47.03 ? 16  GLY A O   1 
ATOM   134  N N   . GLY A 1 17 ? 12.720  -21.286 -0.808  1.00 46.71 ? 17  GLY A N   1 
ATOM   135  C CA  . GLY A 1 17 ? 14.012  -21.495 -0.179  1.00 47.09 ? 17  GLY A CA  1 
ATOM   136  C C   . GLY A 1 17 ? 14.838  -20.237 -0.009  1.00 47.27 ? 17  GLY A C   1 
ATOM   137  O O   . GLY A 1 17 ? 16.034  -20.306 0.276   1.00 47.80 ? 17  GLY A O   1 
ATOM   138  N N   . GLN A 1 18 ? 14.209  -19.081 -0.188  1.00 47.68 ? 18  GLN A N   1 
ATOM   139  C CA  . GLN A 1 18 ? 14.907  -17.812 -0.033  1.00 47.61 ? 18  GLN A CA  1 
ATOM   140  C C   . GLN A 1 18 ? 14.259  -16.919 1.015   1.00 45.54 ? 18  GLN A C   1 
ATOM   141  O O   . GLN A 1 18 ? 13.037  -16.902 1.171   1.00 44.61 ? 18  GLN A O   1 
ATOM   142  C CB  . GLN A 1 18 ? 14.960  -17.048 -1.358  1.00 50.19 ? 18  GLN A CB  1 
ATOM   143  C CG  . GLN A 1 18 ? 15.809  -17.691 -2.433  1.00 52.73 ? 18  GLN A CG  1 
ATOM   144  C CD  . GLN A 1 18 ? 16.191  -16.708 -3.527  1.00 54.90 ? 18  GLN A CD  1 
ATOM   145  O OE1 . GLN A 1 18 ? 15.331  -16.051 -4.120  1.00 55.81 ? 18  GLN A OE1 1 
ATOM   146  N NE2 . GLN A 1 18 ? 17.489  -16.604 -3.801  1.00 55.10 ? 18  GLN A NE2 1 
ATOM   147  N N   . LEU A 1 19 ? 15.094  -16.184 1.739   1.00 43.29 ? 19  LEU A N   1 
ATOM   148  C CA  . LEU A 1 19 ? 14.614  -15.259 2.751   1.00 42.37 ? 19  LEU A CA  1 
ATOM   149  C C   . LEU A 1 19 ? 14.699  -13.859 2.162   1.00 41.43 ? 19  LEU A C   1 
ATOM   150  O O   . LEU A 1 19 ? 15.713  -13.491 1.567   1.00 41.44 ? 19  LEU A O   1 
ATOM   151  C CB  . LEU A 1 19 ? 15.472  -15.341 4.014   1.00 43.57 ? 19  LEU A CB  1 
ATOM   152  C CG  . LEU A 1 19 ? 15.319  -16.595 4.877   1.00 44.67 ? 19  LEU A CG  1 
ATOM   153  C CD1 . LEU A 1 19 ? 16.237  -16.494 6.076   1.00 44.87 ? 19  LEU A CD1 1 
ATOM   154  C CD2 . LEU A 1 19 ? 13.875  -16.738 5.332   1.00 45.68 ? 19  LEU A CD2 1 
ATOM   155  N N   . LYS A 1 20 ? 13.635  -13.082 2.314   1.00 38.60 ? 20  LYS A N   1 
ATOM   156  C CA  . LYS A 1 20 ? 13.630  -11.729 1.780   1.00 38.00 ? 20  LYS A CA  1 
ATOM   157  C C   . LYS A 1 20 ? 12.866  -10.779 2.683   1.00 35.24 ? 20  LYS A C   1 
ATOM   158  O O   . LYS A 1 20 ? 12.098  -11.203 3.542   1.00 33.52 ? 20  LYS A O   1 
ATOM   159  C CB  . LYS A 1 20 ? 12.990  -11.715 0.390   1.00 39.36 ? 20  LYS A CB  1 
ATOM   160  C CG  . LYS A 1 20 ? 13.709  -12.567 -0.626  1.00 42.74 ? 20  LYS A CG  1 
ATOM   161  C CD  . LYS A 1 20 ? 12.957  -12.609 -1.934  1.00 45.00 ? 20  LYS A CD  1 
ATOM   162  C CE  . LYS A 1 20 ? 13.673  -13.490 -2.943  1.00 47.41 ? 20  LYS A CE  1 
ATOM   163  N NZ  . LYS A 1 20 ? 15.037  -12.976 -3.257  1.00 48.95 ? 20  LYS A NZ  1 
ATOM   164  N N   . GLU A 1 21 ? 13.104  -9.489  2.495   1.00 34.92 ? 21  GLU A N   1 
ATOM   165  C CA  . GLU A 1 21 ? 12.400  -8.470  3.254   1.00 35.34 ? 21  GLU A CA  1 
ATOM   166  C C   . GLU A 1 21 ? 11.284  -7.997  2.344   1.00 32.60 ? 21  GLU A C   1 
ATOM   167  O O   . GLU A 1 21 ? 11.520  -7.677  1.179   1.00 29.42 ? 21  GLU A O   1 
ATOM   168  C CB  . GLU A 1 21 ? 13.306  -7.284  3.595   1.00 38.60 ? 21  GLU A CB  1 
ATOM   169  C CG  . GLU A 1 21 ? 14.175  -7.480  4.826   1.00 44.88 ? 21  GLU A CG  1 
ATOM   170  C CD  . GLU A 1 21 ? 14.592  -6.155  5.454   1.00 47.62 ? 21  GLU A CD  1 
ATOM   171  O OE1 . GLU A 1 21 ? 15.194  -5.319  4.745   1.00 49.27 ? 21  GLU A OE1 1 
ATOM   172  O OE2 . GLU A 1 21 ? 14.313  -5.947  6.655   1.00 48.58 ? 21  GLU A OE2 1 
ATOM   173  N N   . ALA A 1 22 ? 10.069  -7.972  2.875   1.00 29.38 ? 22  ALA A N   1 
ATOM   174  C CA  . ALA A 1 22 ? 8.918   -7.538  2.105   1.00 26.16 ? 22  ALA A CA  1 
ATOM   175  C C   . ALA A 1 22 ? 8.085   -6.569  2.927   1.00 25.12 ? 22  ALA A C   1 
ATOM   176  O O   . ALA A 1 22 ? 8.026   -6.657  4.156   1.00 24.19 ? 22  ALA A O   1 
ATOM   177  C CB  . ALA A 1 22 ? 8.081   -8.735  1.701   1.00 26.22 ? 22  ALA A CB  1 
ATOM   178  N N   . LEU A 1 23 ? 7.448   -5.639  2.230   1.00 23.15 ? 23  LEU A N   1 
ATOM   179  C CA  . LEU A 1 23 ? 6.608   -4.638  2.862   1.00 20.93 ? 23  LEU A CA  1 
ATOM   180  C C   . LEU A 1 23 ? 5.188   -5.158  3.051   1.00 21.55 ? 23  LEU A C   1 
ATOM   181  O O   . LEU A 1 23 ? 4.570   -5.631  2.096   1.00 22.52 ? 23  LEU A O   1 
ATOM   182  C CB  . LEU A 1 23 ? 6.579   -3.398  1.979   1.00 21.56 ? 23  LEU A CB  1 
ATOM   183  C CG  . LEU A 1 23 ? 5.668   -2.243  2.361   1.00 21.49 ? 23  LEU A CG  1 
ATOM   184  C CD1 . LEU A 1 23 ? 6.228   -1.529  3.578   1.00 21.56 ? 23  LEU A CD1 1 
ATOM   185  C CD2 . LEU A 1 23 ? 5.564   -1.293  1.186   1.00 23.28 ? 23  LEU A CD2 1 
ATOM   186  N N   . LEU A 1 24 ? 4.682   -5.093  4.282   1.00 19.80 ? 24  LEU A N   1 
ATOM   187  C CA  . LEU A 1 24 ? 3.314   -5.517  4.570   1.00 19.89 ? 24  LEU A CA  1 
ATOM   188  C C   . LEU A 1 24 ? 2.482   -4.360  4.023   1.00 19.87 ? 24  LEU A C   1 
ATOM   189  O O   . LEU A 1 24 ? 2.468   -3.274  4.604   1.00 20.12 ? 24  LEU A O   1 
ATOM   190  C CB  . LEU A 1 24 ? 3.106   -5.662  6.079   1.00 19.33 ? 24  LEU A CB  1 
ATOM   191  C CG  . LEU A 1 24 ? 3.393   -7.018  6.742   1.00 22.75 ? 24  LEU A CG  1 
ATOM   192  C CD1 . LEU A 1 24 ? 4.216   -7.937  5.852   1.00 21.62 ? 24  LEU A CD1 1 
ATOM   193  C CD2 . LEU A 1 24 ? 4.083   -6.757  8.062   1.00 21.79 ? 24  LEU A CD2 1 
ATOM   194  N N   . ASN A 1 25 ? 1.785   -4.604  2.916   1.00 18.08 ? 25  ASN A N   1 
ATOM   195  C CA  . ASN A 1 25 ? 1.022   -3.564  2.219   1.00 15.29 ? 25  ASN A CA  1 
ATOM   196  C C   . ASN A 1 25 ? -0.478  -3.821  2.168   1.00 15.47 ? 25  ASN A C   1 
ATOM   197  O O   . ASN A 1 25 ? -0.955  -4.548  1.288   1.00 15.57 ? 25  ASN A O   1 
ATOM   198  C CB  . ASN A 1 25 ? 1.594   -3.460  0.792   1.00 14.05 ? 25  ASN A CB  1 
ATOM   199  C CG  . ASN A 1 25 ? 1.122   -2.242  0.025   1.00 16.89 ? 25  ASN A CG  1 
ATOM   200  O OD1 . ASN A 1 25 ? 1.617   -1.978  -1.080  1.00 21.93 ? 25  ASN A OD1 1 
ATOM   201  N ND2 . ASN A 1 25 ? 0.173   -1.501  0.577   1.00 13.78 ? 25  ASN A ND2 1 
ATOM   202  N N   . THR A 1 26 ? -1.221  -3.221  3.098   1.00 13.53 ? 26  THR A N   1 
ATOM   203  C CA  . THR A 1 26 ? -2.678  -3.375  3.127   1.00 15.19 ? 26  THR A CA  1 
ATOM   204  C C   . THR A 1 26 ? -3.277  -2.658  1.913   1.00 16.13 ? 26  THR A C   1 
ATOM   205  O O   . THR A 1 26 ? -4.480  -2.754  1.659   1.00 17.93 ? 26  THR A O   1 
ATOM   206  C CB  . THR A 1 26 ? -3.313  -2.748  4.398   1.00 16.08 ? 26  THR A CB  1 
ATOM   207  O OG1 . THR A 1 26 ? -3.050  -1.335  4.419   1.00 17.08 ? 26  THR A OG1 1 
ATOM   208  C CG2 . THR A 1 26 ? -2.755  -3.408  5.670   1.00 10.30 ? 26  THR A CG2 1 
ATOM   209  N N   . GLY A 1 27 ? -2.426  -1.939  1.183   1.00 12.28 ? 27  GLY A N   1 
ATOM   210  C CA  . GLY A 1 27 ? -2.860  -1.211  0.006   1.00 14.50 ? 27  GLY A CA  1 
ATOM   211  C C   . GLY A 1 27 ? -2.665  -1.969  -1.300  1.00 14.61 ? 27  GLY A C   1 
ATOM   212  O O   . GLY A 1 27 ? -2.882  -1.416  -2.383  1.00 12.94 ? 27  GLY A O   1 
ATOM   213  N N   . ALA A 1 28 ? -2.253  -3.232  -1.201  1.00 13.87 ? 28  ALA A N   1 
ATOM   214  C CA  . ALA A 1 28 ? -2.064  -4.072  -2.383  1.00 13.59 ? 28  ALA A CA  1 
ATOM   215  C C   . ALA A 1 28 ? -2.997  -5.277  -2.293  1.00 14.52 ? 28  ALA A C   1 
ATOM   216  O O   . ALA A 1 28 ? -3.062  -5.937  -1.255  1.00 15.58 ? 28  ALA A O   1 
ATOM   217  C CB  . ALA A 1 28 ? -0.619  -4.534  -2.476  1.00 13.31 ? 28  ALA A CB  1 
ATOM   218  N N   . ASP A 1 29 ? -3.730  -5.553  -3.370  1.00 17.27 ? 29  ASP A N   1 
ATOM   219  C CA  . ASP A 1 29 ? -4.649  -6.691  -3.395  1.00 19.06 ? 29  ASP A CA  1 
ATOM   220  C C   . ASP A 1 29 ? -3.876  -8.004  -3.488  1.00 20.34 ? 29  ASP A C   1 
ATOM   221  O O   . ASP A 1 29 ? -4.319  -9.030  -2.967  1.00 18.20 ? 29  ASP A O   1 
ATOM   222  C CB  . ASP A 1 29 ? -5.592  -6.632  -4.604  1.00 19.75 ? 29  ASP A CB  1 
ATOM   223  C CG  . ASP A 1 29 ? -6.443  -5.382  -4.635  1.00 22.21 ? 29  ASP A CG  1 
ATOM   224  O OD1 . ASP A 1 29 ? -6.789  -4.861  -3.558  1.00 22.68 ? 29  ASP A OD1 1 
ATOM   225  O OD2 . ASP A 1 29 ? -6.783  -4.934  -5.748  1.00 23.48 ? 29  ASP A OD2 1 
ATOM   226  N N   . ASP A 1 30 ? -2.725  -7.957  -4.156  1.00 18.44 ? 30  ASP A N   1 
ATOM   227  C CA  . ASP A 1 30 ? -1.895  -9.139  -4.376  1.00 20.22 ? 30  ASP A CA  1 
ATOM   228  C C   . ASP A 1 30 ? -0.493  -8.972  -3.836  1.00 18.77 ? 30  ASP A C   1 
ATOM   229  O O   . ASP A 1 30 ? -0.108  -7.895  -3.403  1.00 18.16 ? 30  ASP A O   1 
ATOM   230  C CB  . ASP A 1 30 ? -1.778  -9.415  -5.873  1.00 23.98 ? 30  ASP A CB  1 
ATOM   231  C CG  . ASP A 1 30 ? -3.107  -9.325  -6.585  1.00 27.13 ? 30  ASP A CG  1 
ATOM   232  O OD1 . ASP A 1 30 ? -3.982  -10.177 -6.315  1.00 31.33 ? 30  ASP A OD1 1 
ATOM   233  O OD2 . ASP A 1 30 ? -3.274  -8.400  -7.412  1.00 28.56 ? 30  ASP A OD2 1 
ATOM   234  N N   . THR A 1 31 ? 0.268   -10.056 -3.890  1.00 19.40 ? 31  THR A N   1 
ATOM   235  C CA  . THR A 1 31 ? 1.655   -10.069 -3.444  1.00 19.94 ? 31  THR A CA  1 
ATOM   236  C C   . THR A 1 31 ? 2.525   -9.997  -4.687  1.00 19.73 ? 31  THR A C   1 
ATOM   237  O O   . THR A 1 31 ? 2.360   -10.782 -5.622  1.00 20.73 ? 31  THR A O   1 
ATOM   238  C CB  . THR A 1 31 ? 1.963   -11.355 -2.672  1.00 19.66 ? 31  THR A CB  1 
ATOM   239  O OG1 . THR A 1 31 ? 1.157   -11.385 -1.490  1.00 18.91 ? 31  THR A OG1 1 
ATOM   240  C CG2 . THR A 1 31 ? 3.443   -11.424 -2.300  1.00 19.32 ? 31  THR A CG2 1 
ATOM   241  N N   . VAL A 1 32 ? 3.443   -9.044  -4.703  1.00 20.90 ? 32  VAL A N   1 
ATOM   242  C CA  . VAL A 1 32 ? 4.312   -8.862  -5.852  1.00 20.38 ? 32  VAL A CA  1 
ATOM   243  C C   . VAL A 1 32 ? 5.745   -8.854  -5.373  1.00 22.76 ? 32  VAL A C   1 
ATOM   244  O O   . VAL A 1 32 ? 6.117   -8.029  -4.546  1.00 23.18 ? 32  VAL A O   1 
ATOM   245  C CB  . VAL A 1 32 ? 3.999   -7.523  -6.559  1.00 20.09 ? 32  VAL A CB  1 
ATOM   246  C CG1 . VAL A 1 32 ? 4.668   -7.475  -7.928  1.00 17.62 ? 32  VAL A CG1 1 
ATOM   247  C CG2 . VAL A 1 32 ? 2.490   -7.355  -6.685  1.00 20.64 ? 32  VAL A CG2 1 
ATOM   248  N N   . LEU A 1 33 ? 6.549   -9.778  -5.888  1.00 23.95 ? 33  LEU A N   1 
ATOM   249  C CA  . LEU A 1 33 ? 7.949   -9.864  -5.497  1.00 25.57 ? 33  LEU A CA  1 
ATOM   250  C C   . LEU A 1 33 ? 8.843   -9.413  -6.647  1.00 27.35 ? 33  LEU A C   1 
ATOM   251  O O   . LEU A 1 33 ? 8.469   -9.538  -7.817  1.00 25.38 ? 33  LEU A O   1 
ATOM   252  C CB  . LEU A 1 33 ? 8.284   -11.299 -5.100  1.00 26.54 ? 33  LEU A CB  1 
ATOM   253  C CG  . LEU A 1 33 ? 7.337   -11.914 -4.060  1.00 27.59 ? 33  LEU A CG  1 
ATOM   254  C CD1 . LEU A 1 33 ? 7.840   -13.293 -3.659  1.00 28.36 ? 33  LEU A CD1 1 
ATOM   255  C CD2 . LEU A 1 33 ? 7.257   -11.013 -2.839  1.00 27.67 ? 33  LEU A CD2 1 
ATOM   256  N N   . GLU A 1 34 ? 10.012  -8.870  -6.327  1.00 29.04 ? 34  GLU A N   1 
ATOM   257  C CA  . GLU A 1 34 ? 10.907  -8.430  -7.380  1.00 32.57 ? 34  GLU A CA  1 
ATOM   258  C C   . GLU A 1 34 ? 11.427  -9.641  -8.144  1.00 33.36 ? 34  GLU A C   1 
ATOM   259  O O   . GLU A 1 34 ? 11.534  -10.738 -7.593  1.00 31.00 ? 34  GLU A O   1 
ATOM   260  C CB  . GLU A 1 34 ? 12.080  -7.638  -6.830  1.00 34.43 ? 34  GLU A CB  1 
ATOM   261  C CG  . GLU A 1 34 ? 12.923  -7.063  -7.952  1.00 41.42 ? 34  GLU A CG  1 
ATOM   262  C CD  . GLU A 1 34 ? 14.181  -6.404  -7.460  1.00 44.55 ? 34  GLU A CD  1 
ATOM   263  O OE1 . GLU A 1 34 ? 14.079  -5.395  -6.730  1.00 48.39 ? 34  GLU A OE1 1 
ATOM   264  O OE2 . GLU A 1 34 ? 15.272  -6.902  -7.804  1.00 46.47 ? 34  GLU A OE2 1 
ATOM   265  N N   1 GLU A 1 35 ? 11.747  -9.426  -9.418  0.50 33.90 ? 35  GLU A N   1 
ATOM   266  N N   2 GLU A 1 35 ? 11.758  -9.427  -9.413  0.50 34.18 ? 35  GLU A N   1 
ATOM   267  C CA  1 GLU A 1 35 ? 12.224  -10.488 -10.293 0.50 35.23 ? 35  GLU A CA  1 
ATOM   268  C CA  2 GLU A 1 35 ? 12.255  -10.477 -10.295 0.50 35.75 ? 35  GLU A CA  1 
ATOM   269  C C   1 GLU A 1 35 ? 13.020  -11.585 -9.601  0.50 36.41 ? 35  GLU A C   1 
ATOM   270  C C   2 GLU A 1 35 ? 13.032  -11.589 -9.601  0.50 36.73 ? 35  GLU A C   1 
ATOM   271  O O   1 GLU A 1 35 ? 14.026  -11.332 -8.931  0.50 36.58 ? 35  GLU A O   1 
ATOM   272  O O   2 GLU A 1 35 ? 14.037  -11.348 -8.925  0.50 36.84 ? 35  GLU A O   1 
ATOM   273  C CB  1 GLU A 1 35 ? 13.047  -9.903  -11.445 0.50 35.35 ? 35  GLU A CB  1 
ATOM   274  C CB  2 GLU A 1 35 ? 13.117  -9.857  -11.396 0.50 36.32 ? 35  GLU A CB  1 
ATOM   275  C CG  1 GLU A 1 35 ? 13.469  -10.938 -12.475 0.50 34.99 ? 35  GLU A CG  1 
ATOM   276  C CG  2 GLU A 1 35 ? 12.455  -8.667  -12.060 0.50 36.96 ? 35  GLU A CG  1 
ATOM   277  C CD  1 GLU A 1 35 ? 12.307  -11.782 -12.971 0.50 35.37 ? 35  GLU A CD  1 
ATOM   278  C CD  2 GLU A 1 35 ? 11.282  -9.041  -12.939 0.50 37.19 ? 35  GLU A CD  1 
ATOM   279  O OE1 1 GLU A 1 35 ? 11.295  -11.201 -13.410 0.50 36.05 ? 35  GLU A OE1 1 
ATOM   280  O OE1 2 GLU A 1 35 ? 10.539  -9.987  -12.601 0.50 37.26 ? 35  GLU A OE1 1 
ATOM   281  O OE2 1 GLU A 1 35 ? 12.408  -13.027 -12.925 0.50 35.24 ? 35  GLU A OE2 1 
ATOM   282  O OE2 2 GLU A 1 35 ? 11.096  -8.365  -13.970 0.50 37.95 ? 35  GLU A OE2 1 
ATOM   283  N N   . MET A 1 36 ? 12.540  -12.811 -9.768  1.00 36.51 ? 36  MET A N   1 
ATOM   284  C CA  . MET A 1 36 ? 13.178  -13.969 -9.189  1.00 38.76 ? 36  MET A CA  1 
ATOM   285  C C   . MET A 1 36 ? 12.679  -15.148 -9.991  1.00 39.34 ? 36  MET A C   1 
ATOM   286  O O   . MET A 1 36 ? 11.531  -15.173 -10.443 1.00 37.77 ? 36  MET A O   1 
ATOM   287  C CB  . MET A 1 36 ? 12.819  -14.119 -7.718  1.00 40.23 ? 36  MET A CB  1 
ATOM   288  C CG  . MET A 1 36 ? 11.408  -14.544 -7.454  1.00 41.35 ? 36  MET A CG  1 
ATOM   289  S SD  . MET A 1 36 ? 11.290  -15.040 -5.738  1.00 46.15 ? 36  MET A SD  1 
ATOM   290  C CE  . MET A 1 36 ? 12.151  -16.639 -5.790  1.00 45.08 ? 36  MET A CE  1 
ATOM   291  N N   1 ASN A 1 37 ? 13.548  -16.130 -10.165 0.50 39.71 ? 37  ASN A N   1 
ATOM   292  N N   2 ASN A 1 37 ? 13.542  -16.134 -10.183 0.50 40.27 ? 37  ASN A N   1 
ATOM   293  C CA  1 ASN A 1 37 ? 13.185  -17.309 -10.921 0.50 40.70 ? 37  ASN A CA  1 
ATOM   294  C CA  2 ASN A 1 37 ? 13.168  -17.290 -10.981 0.50 41.64 ? 37  ASN A CA  1 
ATOM   295  C C   1 ASN A 1 37 ? 12.458  -18.330 -10.072 0.50 40.85 ? 37  ASN A C   1 
ATOM   296  C C   2 ASN A 1 37 ? 12.485  -18.364 -10.145 0.50 41.49 ? 37  ASN A C   1 
ATOM   297  O O   1 ASN A 1 37 ? 13.010  -18.861 -9.110  0.50 42.12 ? 37  ASN A O   1 
ATOM   298  O O   2 ASN A 1 37 ? 13.097  -18.969 -9.269  0.50 42.71 ? 37  ASN A O   1 
ATOM   299  C CB  1 ASN A 1 37 ? 14.429  -17.942 -11.543 0.50 40.95 ? 37  ASN A CB  1 
ATOM   300  C CB  2 ASN A 1 37 ? 14.412  -17.835 -11.682 0.50 42.89 ? 37  ASN A CB  1 
ATOM   301  C CG  1 ASN A 1 37 ? 15.038  -17.074 -12.618 0.50 40.82 ? 37  ASN A CG  1 
ATOM   302  C CG  2 ASN A 1 37 ? 14.139  -18.259 -13.110 0.50 43.83 ? 37  ASN A CG  1 
ATOM   303  O OD1 1 ASN A 1 37 ? 15.399  -15.926 -12.370 0.50 40.82 ? 37  ASN A OD1 1 
ATOM   304  O OD1 2 ASN A 1 37 ? 13.401  -17.596 -13.842 0.50 44.79 ? 37  ASN A OD1 1 
ATOM   305  N ND2 1 ASN A 1 37 ? 15.149  -17.616 -13.825 0.50 41.50 ? 37  ASN A ND2 1 
ATOM   306  N ND2 2 ASN A 1 37 ? 14.748  -19.366 -13.521 0.50 44.85 ? 37  ASN A ND2 1 
ATOM   307  N N   . LEU A 1 38 ? 11.204  -18.582 -10.430 1.00 41.25 ? 38  LEU A N   1 
ATOM   308  C CA  . LEU A 1 38 ? 10.394  -19.556 -9.728  1.00 40.92 ? 38  LEU A CA  1 
ATOM   309  C C   . LEU A 1 38 ? 9.966   -20.606 -10.735 1.00 40.73 ? 38  LEU A C   1 
ATOM   310  O O   . LEU A 1 38 ? 9.543   -20.281 -11.846 1.00 39.52 ? 38  LEU A O   1 
ATOM   311  C CB  . LEU A 1 38 ? 9.146   -18.899 -9.137  1.00 41.45 ? 38  LEU A CB  1 
ATOM   312  C CG  . LEU A 1 38 ? 9.330   -18.047 -7.883  1.00 42.67 ? 38  LEU A CG  1 
ATOM   313  C CD1 . LEU A 1 38 ? 8.001   -17.415 -7.483  1.00 41.93 ? 38  LEU A CD1 1 
ATOM   314  C CD2 . LEU A 1 38 ? 9.866   -18.933 -6.757  1.00 41.71 ? 38  LEU A CD2 1 
ATOM   315  N N   . PRO A 1 39 ? 10.079  -21.886 -10.371 1.00 40.81 ? 39  PRO A N   1 
ATOM   316  C CA  . PRO A 1 39 ? 9.672   -22.917 -11.320 1.00 40.47 ? 39  PRO A CA  1 
ATOM   317  C C   . PRO A 1 39 ? 8.148   -22.977 -11.382 1.00 40.62 ? 39  PRO A C   1 
ATOM   318  O O   . PRO A 1 39 ? 7.461   -22.460 -10.499 1.00 40.33 ? 39  PRO A O   1 
ATOM   319  C CB  . PRO A 1 39 ? 10.286  -24.175 -10.725 1.00 40.47 ? 39  PRO A CB  1 
ATOM   320  C CG  . PRO A 1 39 ? 10.149  -23.933 -9.262  1.00 39.17 ? 39  PRO A CG  1 
ATOM   321  C CD  . PRO A 1 39 ? 10.581  -22.488 -9.122  1.00 40.88 ? 39  PRO A CD  1 
ATOM   322  N N   . GLY A 1 40 ? 7.625   -23.600 -12.431 1.00 40.29 ? 40  GLY A N   1 
ATOM   323  C CA  . GLY A 1 40 ? 6.186   -23.716 -12.563 1.00 40.58 ? 40  GLY A CA  1 
ATOM   324  C C   . GLY A 1 40 ? 5.615   -22.881 -13.689 1.00 41.15 ? 40  GLY A C   1 
ATOM   325  O O   . GLY A 1 40 ? 6.281   -21.991 -14.226 1.00 41.81 ? 40  GLY A O   1 
ATOM   326  N N   . LYS A 1 41 ? 4.373   -23.179 -14.052 1.00 39.99 ? 41  LYS A N   1 
ATOM   327  C CA  . LYS A 1 41 ? 3.700   -22.448 -15.106 1.00 40.00 ? 41  LYS A CA  1 
ATOM   328  C C   . LYS A 1 41 ? 3.221   -21.122 -14.534 1.00 39.03 ? 41  LYS A C   1 
ATOM   329  O O   . LYS A 1 41 ? 3.003   -20.993 -13.327 1.00 38.93 ? 41  LYS A O   1 
ATOM   330  C CB  . LYS A 1 41 ? 2.519   -23.254 -15.633 1.00 39.87 ? 41  LYS A CB  1 
ATOM   331  N N   . TRP A 1 42 ? 3.071   -20.134 -15.406 1.00 38.32 ? 42  TRP A N   1 
ATOM   332  C CA  . TRP A 1 42 ? 2.608   -18.821 -14.997 1.00 36.87 ? 42  TRP A CA  1 
ATOM   333  C C   . TRP A 1 42 ? 1.773   -18.218 -16.121 1.00 36.44 ? 42  TRP A C   1 
ATOM   334  O O   . TRP A 1 42 ? 1.797   -18.705 -17.253 1.00 37.20 ? 42  TRP A O   1 
ATOM   335  C CB  . TRP A 1 42 ? 3.799   -17.915 -14.688 1.00 38.40 ? 42  TRP A CB  1 
ATOM   336  C CG  . TRP A 1 42 ? 4.809   -17.879 -15.790 1.00 40.17 ? 42  TRP A CG  1 
ATOM   337  C CD1 . TRP A 1 42 ? 5.860   -18.729 -15.967 1.00 40.16 ? 42  TRP A CD1 1 
ATOM   338  C CD2 . TRP A 1 42 ? 4.837   -16.966 -16.893 1.00 40.51 ? 42  TRP A CD2 1 
ATOM   339  N NE1 . TRP A 1 42 ? 6.545   -18.402 -17.113 1.00 41.70 ? 42  TRP A NE1 1 
ATOM   340  C CE2 . TRP A 1 42 ? 5.939   -17.323 -17.701 1.00 41.26 ? 42  TRP A CE2 1 
ATOM   341  C CE3 . TRP A 1 42 ? 4.039   -15.880 -17.278 1.00 40.45 ? 42  TRP A CE3 1 
ATOM   342  C CZ2 . TRP A 1 42 ? 6.265   -16.632 -18.873 1.00 41.32 ? 42  TRP A CZ2 1 
ATOM   343  C CZ3 . TRP A 1 42 ? 4.363   -15.191 -18.443 1.00 41.29 ? 42  TRP A CZ3 1 
ATOM   344  C CH2 . TRP A 1 42 ? 5.467   -15.570 -19.226 1.00 41.60 ? 42  TRP A CH2 1 
ATOM   345  N N   . LYS A 1 43 ? 1.029   -17.167 -15.798 1.00 33.29 ? 43  LYS A N   1 
ATOM   346  C CA  . LYS A 1 43 ? 0.191   -16.485 -16.774 1.00 32.42 ? 43  LYS A CA  1 
ATOM   347  C C   . LYS A 1 43 ? 0.555   -15.002 -16.780 1.00 32.68 ? 43  LYS A C   1 
ATOM   348  O O   . LYS A 1 43 ? 0.849   -14.421 -15.730 1.00 31.53 ? 43  LYS A O   1 
ATOM   349  C CB  . LYS A 1 43 ? -1.276  -16.662 -16.416 1.00 31.64 ? 43  LYS A CB  1 
ATOM   350  N N   . PRO A 1 44 ? 0.555   -14.372 -17.967 1.00 32.04 ? 44  PRO A N   1 
ATOM   351  C CA  . PRO A 1 44 ? 0.888   -12.947 -18.082 1.00 30.85 ? 44  PRO A CA  1 
ATOM   352  C C   . PRO A 1 44 ? -0.179  -12.111 -17.389 1.00 27.20 ? 44  PRO A C   1 
ATOM   353  O O   . PRO A 1 44 ? -1.364  -12.437 -17.449 1.00 25.88 ? 44  PRO A O   1 
ATOM   354  C CB  . PRO A 1 44 ? 0.893   -12.710 -19.593 1.00 31.96 ? 44  PRO A CB  1 
ATOM   355  C CG  . PRO A 1 44 ? 1.202   -14.080 -20.157 1.00 32.27 ? 44  PRO A CG  1 
ATOM   356  C CD  . PRO A 1 44 ? 0.338   -14.960 -19.298 1.00 31.58 ? 44  PRO A CD  1 
ATOM   357  N N   . LYS A 1 45 ? 0.233   -11.027 -16.747 1.00 25.66 ? 45  LYS A N   1 
ATOM   358  C CA  . LYS A 1 45 ? -0.726  -10.182 -16.062 1.00 25.02 ? 45  LYS A CA  1 
ATOM   359  C C   . LYS A 1 45 ? -0.231  -8.751  -15.932 1.00 24.42 ? 45  LYS A C   1 
ATOM   360  O O   . LYS A 1 45 ? 0.971   -8.497  -15.848 1.00 22.98 ? 45  LYS A O   1 
ATOM   361  C CB  . LYS A 1 45 ? -1.007  -10.750 -14.669 1.00 27.24 ? 45  LYS A CB  1 
ATOM   362  C CG  . LYS A 1 45 ? -2.265  -10.218 -13.998 1.00 31.44 ? 45  LYS A CG  1 
ATOM   363  C CD  . LYS A 1 45 ? -2.326  -10.670 -12.541 1.00 34.57 ? 45  LYS A CD  1 
ATOM   364  C CE  . LYS A 1 45 ? -3.668  -10.353 -11.899 1.00 35.59 ? 45  LYS A CE  1 
ATOM   365  N NZ  . LYS A 1 45 ? -4.729  -11.296 -12.357 1.00 38.47 ? 45  LYS A NZ  1 
ATOM   366  N N   . MET A 1 46 ? -1.175  -7.819  -15.924 1.00 22.59 ? 46  MET A N   1 
ATOM   367  C CA  . MET A 1 46 ? -0.868  -6.405  -15.762 1.00 23.94 ? 46  MET A CA  1 
ATOM   368  C C   . MET A 1 46 ? -1.475  -5.953  -14.441 1.00 22.91 ? 46  MET A C   1 
ATOM   369  O O   . MET A 1 46 ? -2.626  -6.265  -14.152 1.00 23.43 ? 46  MET A O   1 
ATOM   370  C CB  . MET A 1 46 ? -1.502  -5.585  -16.884 1.00 24.27 ? 46  MET A CB  1 
ATOM   371  C CG  . MET A 1 46 ? -0.914  -5.826  -18.237 1.00 27.25 ? 46  MET A CG  1 
ATOM   372  S SD  . MET A 1 46 ? 0.597   -4.938  -18.423 1.00 32.44 ? 46  MET A SD  1 
ATOM   373  C CE  . MET A 1 46 ? 0.061   -3.580  -19.500 1.00 29.67 ? 46  MET A CE  1 
ATOM   374  N N   . ILE A 1 47 ? -0.704  -5.251  -13.622 1.00 22.97 ? 47  ILE A N   1 
ATOM   375  C CA  . ILE A 1 47 ? -1.253  -4.731  -12.377 1.00 22.81 ? 47  ILE A CA  1 
ATOM   376  C C   . ILE A 1 47 ? -0.880  -3.265  -12.356 1.00 22.10 ? 47  ILE A C   1 
ATOM   377  O O   . ILE A 1 47 ? 0.157   -2.871  -12.896 1.00 18.85 ? 47  ILE A O   1 
ATOM   378  C CB  . ILE A 1 47 ? -0.703  -5.438  -11.107 1.00 23.87 ? 47  ILE A CB  1 
ATOM   379  C CG1 . ILE A 1 47 ? 0.770   -5.102  -10.883 1.00 25.56 ? 47  ILE A CG1 1 
ATOM   380  C CG2 . ILE A 1 47 ? -0.898  -6.928  -11.236 1.00 26.04 ? 47  ILE A CG2 1 
ATOM   381  C CD1 . ILE A 1 47 ? 1.672   -5.651  -11.933 1.00 29.35 ? 47  ILE A CD1 1 
ATOM   382  N N   . GLY A 1 48 ? -1.729  -2.450  -11.752 1.00 19.82 ? 48  GLY A N   1 
ATOM   383  C CA  . GLY A 1 48 ? -1.433  -1.040  -11.732 1.00 23.54 ? 48  GLY A CA  1 
ATOM   384  C C   . GLY A 1 48 ? -1.511  -0.384  -10.378 1.00 24.63 ? 48  GLY A C   1 
ATOM   385  O O   . GLY A 1 48 ? -2.016  -0.941  -9.400  1.00 24.57 ? 48  GLY A O   1 
ATOM   386  N N   . GLY A 1 49 ? -0.987  0.829   -10.339 1.00 24.17 ? 49  GLY A N   1 
ATOM   387  C CA  . GLY A 1 49 ? -1.006  1.603   -9.125  1.00 23.70 ? 49  GLY A CA  1 
ATOM   388  C C   . GLY A 1 49 ? -0.798  3.044   -9.515  1.00 23.86 ? 49  GLY A C   1 
ATOM   389  O O   . GLY A 1 49 ? -1.185  3.467   -10.606 1.00 22.14 ? 49  GLY A O   1 
ATOM   390  N N   1 ILE A 1 50 ? -0.143  3.780   -8.628  0.50 21.73 ? 50  ILE A N   1 
ATOM   391  N N   2 ILE A 1 50 ? -0.202  3.818   -8.616  0.50 23.36 ? 50  ILE A N   1 
ATOM   392  C CA  1 ILE A 1 50 ? 0.171   5.168   -8.881  0.50 21.21 ? 50  ILE A CA  1 
ATOM   393  C CA  2 ILE A 1 50 ? 0.016   5.239   -8.844  0.50 24.15 ? 50  ILE A CA  1 
ATOM   394  C C   1 ILE A 1 50 ? 1.253   5.167   -9.955  0.50 20.80 ? 50  ILE A C   1 
ATOM   395  C C   2 ILE A 1 50 ? 0.547   5.683   -10.210 0.50 23.58 ? 50  ILE A C   1 
ATOM   396  O O   1 ILE A 1 50 ? 2.214   4.396   -9.882  0.50 19.27 ? 50  ILE A O   1 
ATOM   397  O O   2 ILE A 1 50 ? -0.167  6.354   -10.952 0.50 24.35 ? 50  ILE A O   1 
ATOM   398  C CB  1 ILE A 1 50 ? 0.690   5.848   -7.596  0.50 19.91 ? 50  ILE A CB  1 
ATOM   399  C CB  2 ILE A 1 50 ? 0.903   5.827   -7.716  0.50 23.94 ? 50  ILE A CB  1 
ATOM   400  C CG1 1 ILE A 1 50 ? -0.487  6.115   -6.657  0.50 18.42 ? 50  ILE A CG1 1 
ATOM   401  C CG1 2 ILE A 1 50 ? 0.040   6.035   -6.468  0.50 23.77 ? 50  ILE A CG1 1 
ATOM   402  C CG2 1 ILE A 1 50 ? 1.447   7.122   -7.936  0.50 19.90 ? 50  ILE A CG2 1 
ATOM   403  C CG2 2 ILE A 1 50 ? 1.555   7.134   -8.159  0.50 23.86 ? 50  ILE A CG2 1 
ATOM   404  C CD1 1 ILE A 1 50 ? -0.088  6.642   -5.296  0.50 18.46 ? 50  ILE A CD1 1 
ATOM   405  C CD1 2 ILE A 1 50 ? 0.792   6.551   -5.261  0.50 25.11 ? 50  ILE A CD1 1 
ATOM   406  N N   1 GLY A 1 51 ? 1.076   6.011   -10.965 0.50 21.22 ? 51  GLY A N   1 
ATOM   407  N N   2 GLY A 1 51 ? 1.777   5.315   -10.553 0.50 23.58 ? 51  GLY A N   1 
ATOM   408  C CA  1 GLY A 1 51 ? 2.046   6.093   -12.038 0.50 19.69 ? 51  GLY A CA  1 
ATOM   409  C CA  2 GLY A 1 51 ? 2.332   5.753   -11.827 0.50 21.97 ? 51  GLY A CA  1 
ATOM   410  C C   1 GLY A 1 51 ? 1.697   5.253   -13.250 0.50 20.72 ? 51  GLY A C   1 
ATOM   411  C C   2 GLY A 1 51 ? 2.039   4.924   -13.066 0.50 22.34 ? 51  GLY A C   1 
ATOM   412  O O   1 GLY A 1 51 ? 2.116   5.570   -14.364 0.50 20.82 ? 51  GLY A O   1 
ATOM   413  O O   2 GLY A 1 51 ? 2.796   4.974   -14.036 0.50 22.84 ? 51  GLY A O   1 
ATOM   414  N N   . GLY A 1 52 ? 0.941   4.177   -13.050 1.00 21.29 ? 52  GLY A N   1 
ATOM   415  C CA  . GLY A 1 52 ? 0.584   3.341   -14.184 1.00 20.54 ? 52  GLY A CA  1 
ATOM   416  C C   . GLY A 1 52 ? 0.617   1.840   -13.935 1.00 20.56 ? 52  GLY A C   1 
ATOM   417  O O   . GLY A 1 52 ? 0.439   1.381   -12.803 1.00 18.41 ? 52  GLY A O   1 
ATOM   418  N N   . PHE A 1 53 ? 0.861   1.075   -14.998 1.00 18.72 ? 53  PHE A N   1 
ATOM   419  C CA  . PHE A 1 53 ? 0.887   -0.386  -14.920 1.00 20.76 ? 53  PHE A CA  1 
ATOM   420  C C   . PHE A 1 53 ? 2.218   -1.037  -15.266 1.00 19.94 ? 53  PHE A C   1 
ATOM   421  O O   . PHE A 1 53 ? 3.010   -0.497  -16.036 1.00 18.49 ? 53  PHE A O   1 
ATOM   422  C CB  . PHE A 1 53 ? -0.150  -0.997  -15.874 1.00 19.82 ? 53  PHE A CB  1 
ATOM   423  C CG  . PHE A 1 53 ? -1.576  -0.776  -15.473 1.00 21.60 ? 53  PHE A CG  1 
ATOM   424  C CD1 . PHE A 1 53 ? -2.149  0.492   -15.545 1.00 22.91 ? 53  PHE A CD1 1 
ATOM   425  C CD2 . PHE A 1 53 ? -2.364  -1.846  -15.061 1.00 20.47 ? 53  PHE A CD2 1 
ATOM   426  C CE1 . PHE A 1 53 ? -3.486  0.689   -15.215 1.00 21.77 ? 53  PHE A CE1 1 
ATOM   427  C CE2 . PHE A 1 53 ? -3.702  -1.657  -14.729 1.00 22.98 ? 53  PHE A CE2 1 
ATOM   428  C CZ  . PHE A 1 53 ? -4.264  -0.384  -14.806 1.00 21.21 ? 53  PHE A CZ  1 
ATOM   429  N N   . ILE A 1 54 ? 2.444   -2.220  -14.706 1.00 20.32 ? 54  ILE A N   1 
ATOM   430  C CA  . ILE A 1 54 ? 3.643   -2.995  -15.006 1.00 21.44 ? 54  ILE A CA  1 
ATOM   431  C C   . ILE A 1 54 ? 3.183   -4.397  -15.349 1.00 21.89 ? 54  ILE A C   1 
ATOM   432  O O   . ILE A 1 54 ? 2.122   -4.837  -14.905 1.00 20.56 ? 54  ILE A O   1 
ATOM   433  C CB  . ILE A 1 54 ? 4.637   -3.093  -13.816 1.00 21.64 ? 54  ILE A CB  1 
ATOM   434  C CG1 . ILE A 1 54 ? 3.906   -3.553  -12.561 1.00 19.66 ? 54  ILE A CG1 1 
ATOM   435  C CG2 . ILE A 1 54 ? 5.351   -1.764  -13.609 1.00 22.32 ? 54  ILE A CG2 1 
ATOM   436  C CD1 . ILE A 1 54 ? 4.830   -4.095  -11.494 1.00 24.36 ? 54  ILE A CD1 1 
ATOM   437  N N   . LYS A 1 55 ? 3.988   -5.096  -16.139 1.00 23.67 ? 55  LYS A N   1 
ATOM   438  C CA  . LYS A 1 55 ? 3.684   -6.453  -16.553 1.00 23.92 ? 55  LYS A CA  1 
ATOM   439  C C   . LYS A 1 55 ? 4.372   -7.398  -15.579 1.00 23.62 ? 55  LYS A C   1 
ATOM   440  O O   . LYS A 1 55 ? 5.530   -7.193  -15.224 1.00 22.43 ? 55  LYS A O   1 
ATOM   441  C CB  . LYS A 1 55 ? 4.197   -6.683  -17.979 1.00 26.53 ? 55  LYS A CB  1 
ATOM   442  C CG  . LYS A 1 55 ? 3.773   -7.995  -18.624 1.00 29.62 ? 55  LYS A CG  1 
ATOM   443  C CD  . LYS A 1 55 ? 4.159   -7.996  -20.104 1.00 32.01 ? 55  LYS A CD  1 
ATOM   444  C CE  . LYS A 1 55 ? 3.734   -9.273  -20.818 1.00 34.93 ? 55  LYS A CE  1 
ATOM   445  N NZ  . LYS A 1 55 ? 4.557   -10.467 -20.446 1.00 37.12 ? 55  LYS A NZ  1 
ATOM   446  N N   . VAL A 1 56 ? 3.649   -8.422  -15.137 1.00 22.62 ? 56  VAL A N   1 
ATOM   447  C CA  . VAL A 1 56 ? 4.193   -9.392  -14.197 1.00 23.93 ? 56  VAL A CA  1 
ATOM   448  C C   . VAL A 1 56 ? 3.814   -10.820 -14.579 1.00 24.83 ? 56  VAL A C   1 
ATOM   449  O O   . VAL A 1 56 ? 2.998   -11.047 -15.474 1.00 23.66 ? 56  VAL A O   1 
ATOM   450  C CB  . VAL A 1 56 ? 3.681   -9.134  -12.760 1.00 23.61 ? 56  VAL A CB  1 
ATOM   451  C CG1 . VAL A 1 56 ? 4.056   -7.733  -12.318 1.00 24.36 ? 56  VAL A CG1 1 
ATOM   452  C CG2 . VAL A 1 56 ? 2.167   -9.332  -12.699 1.00 22.00 ? 56  VAL A CG2 1 
ATOM   453  N N   . ARG A 1 57 ? 4.420   -11.779 -13.891 1.00 25.14 ? 57  ARG A N   1 
ATOM   454  C CA  . ARG A 1 57 ? 4.131   -13.177 -14.129 1.00 28.46 ? 57  ARG A CA  1 
ATOM   455  C C   . ARG A 1 57 ? 3.420   -13.706 -12.893 1.00 27.72 ? 57  ARG A C   1 
ATOM   456  O O   . ARG A 1 57 ? 3.842   -13.458 -11.766 1.00 28.33 ? 57  ARG A O   1 
ATOM   457  C CB  . ARG A 1 57 ? 5.427   -13.941 -14.421 1.00 30.61 ? 57  ARG A CB  1 
ATOM   458  C CG  . ARG A 1 57 ? 6.079   -13.464 -15.720 1.00 36.86 ? 57  ARG A CG  1 
ATOM   459  C CD  . ARG A 1 57 ? 7.247   -14.319 -16.200 1.00 42.00 ? 57  ARG A CD  1 
ATOM   460  N NE  . ARG A 1 57 ? 8.515   -14.013 -15.535 1.00 46.50 ? 57  ARG A NE  1 
ATOM   461  C CZ  . ARG A 1 57 ? 8.867   -14.466 -14.336 1.00 48.74 ? 57  ARG A CZ  1 
ATOM   462  N NH1 . ARG A 1 57 ? 10.042  -14.136 -13.812 1.00 48.55 ? 57  ARG A NH1 1 
ATOM   463  N NH2 . ARG A 1 57 ? 8.047   -15.257 -13.662 1.00 50.60 ? 57  ARG A NH2 1 
ATOM   464  N N   . GLN A 1 58 ? 2.316   -14.406 -13.114 1.00 27.44 ? 58  GLN A N   1 
ATOM   465  C CA  . GLN A 1 58 ? 1.521   -14.946 -12.025 1.00 29.11 ? 58  GLN A CA  1 
ATOM   466  C C   . GLN A 1 58 ? 1.740   -16.430 -11.758 1.00 29.36 ? 58  GLN A C   1 
ATOM   467  O O   . GLN A 1 58 ? 1.556   -17.266 -12.646 1.00 28.60 ? 58  GLN A O   1 
ATOM   468  C CB  . GLN A 1 58 ? 0.038   -14.716 -12.306 1.00 28.31 ? 58  GLN A CB  1 
ATOM   469  C CG  . GLN A 1 58 ? -0.869  -15.275 -11.226 1.00 32.38 ? 58  GLN A CG  1 
ATOM   470  C CD  . GLN A 1 58 ? -2.333  -15.174 -11.588 1.00 34.04 ? 58  GLN A CD  1 
ATOM   471  O OE1 . GLN A 1 58 ? -2.813  -14.115 -11.997 1.00 36.64 ? 58  GLN A OE1 1 
ATOM   472  N NE2 . GLN A 1 58 ? -3.058  -16.277 -11.431 1.00 35.26 ? 58  GLN A NE2 1 
ATOM   473  N N   . TYR A 1 59 ? 2.125   -16.744 -10.524 1.00 30.49 ? 59  TYR A N   1 
ATOM   474  C CA  . TYR A 1 59 ? 2.337   -18.121 -10.091 1.00 30.35 ? 59  TYR A CA  1 
ATOM   475  C C   . TYR A 1 59 ? 1.271   -18.434 -9.035  1.00 32.37 ? 59  TYR A C   1 
ATOM   476  O O   . TYR A 1 59 ? 0.936   -17.578 -8.217  1.00 32.01 ? 59  TYR A O   1 
ATOM   477  C CB  . TYR A 1 59 ? 3.722   -18.294 -9.469  1.00 31.41 ? 59  TYR A CB  1 
ATOM   478  C CG  . TYR A 1 59 ? 4.878   -18.096 -10.420 1.00 32.55 ? 59  TYR A CG  1 
ATOM   479  C CD1 . TYR A 1 59 ? 5.323   -16.819 -10.755 1.00 33.36 ? 59  TYR A CD1 1 
ATOM   480  C CD2 . TYR A 1 59 ? 5.540   -19.192 -10.976 1.00 32.64 ? 59  TYR A CD2 1 
ATOM   481  C CE1 . TYR A 1 59 ? 6.403   -16.635 -11.616 1.00 33.64 ? 59  TYR A CE1 1 
ATOM   482  C CE2 . TYR A 1 59 ? 6.621   -19.022 -11.841 1.00 33.07 ? 59  TYR A CE2 1 
ATOM   483  C CZ  . TYR A 1 59 ? 7.048   -17.741 -12.155 1.00 34.48 ? 59  TYR A CZ  1 
ATOM   484  O OH  . TYR A 1 59 ? 8.123   -17.565 -13.000 1.00 33.82 ? 59  TYR A OH  1 
ATOM   485  N N   . ASP A 1 60 ? 0.750   -19.656 -9.049  1.00 32.69 ? 60  ASP A N   1 
ATOM   486  C CA  . ASP A 1 60 ? -0.287  -20.066 -8.108  1.00 34.24 ? 60  ASP A CA  1 
ATOM   487  C C   . ASP A 1 60 ? 0.178   -21.106 -7.093  1.00 33.55 ? 60  ASP A C   1 
ATOM   488  O O   . ASP A 1 60 ? 1.106   -21.872 -7.349  1.00 33.03 ? 60  ASP A O   1 
ATOM   489  C CB  . ASP A 1 60 ? -1.476  -20.644 -8.871  1.00 37.38 ? 60  ASP A CB  1 
ATOM   490  C CG  . ASP A 1 60 ? -2.195  -19.610 -9.699  1.00 39.82 ? 60  ASP A CG  1 
ATOM   491  O OD1 . ASP A 1 60 ? -2.930  -20.010 -10.629 1.00 41.13 ? 60  ASP A OD1 1 
ATOM   492  O OD2 . ASP A 1 60 ? -2.037  -18.401 -9.413  1.00 42.16 ? 60  ASP A OD2 1 
ATOM   493  N N   . GLN A 1 61 ? -0.480  -21.121 -5.939  1.00 33.38 ? 61  GLN A N   1 
ATOM   494  C CA  . GLN A 1 61 ? -0.189  -22.089 -4.886  1.00 34.12 ? 61  GLN A CA  1 
ATOM   495  C C   . GLN A 1 61 ? 1.273   -22.146 -4.458  1.00 33.13 ? 61  GLN A C   1 
ATOM   496  O O   . GLN A 1 61 ? 1.850   -23.226 -4.310  1.00 30.78 ? 61  GLN A O   1 
ATOM   497  C CB  . GLN A 1 61 ? -0.649  -23.476 -5.344  1.00 37.50 ? 61  GLN A CB  1 
ATOM   498  C CG  . GLN A 1 61 ? -2.118  -23.523 -5.746  1.00 41.67 ? 61  GLN A CG  1 
ATOM   499  C CD  . GLN A 1 61 ? -3.049  -23.550 -4.554  1.00 43.99 ? 61  GLN A CD  1 
ATOM   500  O OE1 . GLN A 1 61 ? -3.300  -24.609 -3.978  1.00 48.03 ? 61  GLN A OE1 1 
ATOM   501  N NE2 . GLN A 1 61 ? -3.557  -22.385 -4.166  1.00 46.03 ? 61  GLN A NE2 1 
ATOM   502  N N   . ILE A 1 62 ? 1.864   -20.977 -4.246  1.00 29.81 ? 62  ILE A N   1 
ATOM   503  C CA  . ILE A 1 62 ? 3.250   -20.890 -3.824  1.00 28.12 ? 62  ILE A CA  1 
ATOM   504  C C   . ILE A 1 62 ? 3.306   -20.770 -2.306  1.00 29.13 ? 62  ILE A C   1 
ATOM   505  O O   . ILE A 1 62 ? 2.677   -19.882 -1.723  1.00 26.55 ? 62  ILE A O   1 
ATOM   506  C CB  . ILE A 1 62 ? 3.936   -19.653 -4.420  1.00 27.88 ? 62  ILE A CB  1 
ATOM   507  C CG1 . ILE A 1 62 ? 3.940   -19.732 -5.950  1.00 25.41 ? 62  ILE A CG1 1 
ATOM   508  C CG2 . ILE A 1 62 ? 5.330   -19.522 -3.846  1.00 29.35 ? 62  ILE A CG2 1 
ATOM   509  C CD1 . ILE A 1 62 ? 4.759   -20.873 -6.522  1.00 26.09 ? 62  ILE A CD1 1 
ATOM   510  N N   . PRO A 1 63 ? 4.042   -21.673 -1.643  1.00 28.67 ? 63  PRO A N   1 
ATOM   511  C CA  . PRO A 1 63 ? 4.137   -21.602 -0.182  1.00 29.04 ? 63  PRO A CA  1 
ATOM   512  C C   . PRO A 1 63 ? 5.007   -20.414 0.213   1.00 30.08 ? 63  PRO A C   1 
ATOM   513  O O   . PRO A 1 63 ? 6.077   -20.211 -0.352  1.00 28.32 ? 63  PRO A O   1 
ATOM   514  C CB  . PRO A 1 63 ? 4.796   -22.930 0.194   1.00 29.08 ? 63  PRO A CB  1 
ATOM   515  C CG  . PRO A 1 63 ? 4.412   -23.845 -0.937  1.00 28.13 ? 63  PRO A CG  1 
ATOM   516  C CD  . PRO A 1 63 ? 4.585   -22.950 -2.138  1.00 28.65 ? 63  PRO A CD  1 
ATOM   517  N N   . VAL A 1 64 ? 4.540   -19.626 1.174   1.00 30.91 ? 64  VAL A N   1 
ATOM   518  C CA  . VAL A 1 64 ? 5.302   -18.479 1.643   1.00 33.34 ? 64  VAL A CA  1 
ATOM   519  C C   . VAL A 1 64 ? 5.190   -18.383 3.158   1.00 34.20 ? 64  VAL A C   1 
ATOM   520  O O   . VAL A 1 64 ? 4.111   -18.583 3.719   1.00 35.55 ? 64  VAL A O   1 
ATOM   521  C CB  . VAL A 1 64 ? 4.794   -17.157 1.020   1.00 33.67 ? 64  VAL A CB  1 
ATOM   522  C CG1 . VAL A 1 64 ? 5.608   -15.982 1.557   1.00 34.38 ? 64  VAL A CG1 1 
ATOM   523  C CG2 . VAL A 1 64 ? 4.911   -17.221 -0.500  1.00 33.42 ? 64  VAL A CG2 1 
ATOM   524  N N   . GLU A 1 65 ? 6.308   -18.092 3.813   1.00 33.56 ? 65  GLU A N   1 
ATOM   525  C CA  . GLU A 1 65 ? 6.322   -17.957 5.259   1.00 36.22 ? 65  GLU A CA  1 
ATOM   526  C C   . GLU A 1 65 ? 6.587   -16.500 5.647   1.00 35.71 ? 65  GLU A C   1 
ATOM   527  O O   . GLU A 1 65 ? 7.651   -15.950 5.373   1.00 35.31 ? 65  GLU A O   1 
ATOM   528  C CB  . GLU A 1 65 ? 7.393   -18.861 5.871   1.00 37.73 ? 65  GLU A CB  1 
ATOM   529  C CG  . GLU A 1 65 ? 7.215   -19.071 7.361   1.00 41.88 ? 65  GLU A CG  1 
ATOM   530  C CD  . GLU A 1 65 ? 8.298   -19.934 7.966   1.00 43.97 ? 65  GLU A CD  1 
ATOM   531  O OE1 . GLU A 1 65 ? 9.449   -19.455 8.079   1.00 46.28 ? 65  GLU A OE1 1 
ATOM   532  O OE2 . GLU A 1 65 ? 8.001   -21.095 8.323   1.00 45.44 ? 65  GLU A OE2 1 
ATOM   533  N N   . ILE A 1 66 ? 5.602   -15.880 6.285   1.00 36.52 ? 66  ILE A N   1 
ATOM   534  C CA  . ILE A 1 66 ? 5.718   -14.491 6.710   1.00 37.09 ? 66  ILE A CA  1 
ATOM   535  C C   . ILE A 1 66 ? 5.957   -14.457 8.213   1.00 37.32 ? 66  ILE A C   1 
ATOM   536  O O   . ILE A 1 66 ? 5.059   -14.761 9.000   1.00 36.84 ? 66  ILE A O   1 
ATOM   537  C CB  . ILE A 1 66 ? 4.432   -13.715 6.386   1.00 35.91 ? 66  ILE A CB  1 
ATOM   538  C CG1 . ILE A 1 66 ? 4.128   -13.821 4.893   1.00 36.81 ? 66  ILE A CG1 1 
ATOM   539  C CG2 . ILE A 1 66 ? 4.586   -12.260 6.785   1.00 36.47 ? 66  ILE A CG2 1 
ATOM   540  C CD1 . ILE A 1 66 ? 2.706   -13.449 4.536   1.00 36.87 ? 66  ILE A CD1 1 
ATOM   541  N N   . CYS A 1 67 ? 7.172   -14.093 8.606   1.00 38.53 ? 67  CYS A N   1 
ATOM   542  C CA  . CYS A 1 67 ? 7.523   -14.040 10.020  1.00 41.07 ? 67  CYS A CA  1 
ATOM   543  C C   . CYS A 1 67 ? 7.052   -15.284 10.755  1.00 39.84 ? 67  CYS A C   1 
ATOM   544  O O   . CYS A 1 67 ? 6.290   -15.181 11.714  1.00 40.74 ? 67  CYS A O   1 
ATOM   545  C CB  . CYS A 1 67 ? 6.905   -12.810 10.688  1.00 41.61 ? 67  CYS A CB  1 
ATOM   546  S SG  . CYS A 1 67 ? 7.778   -11.280 10.367  1.00 48.88 ? 67  CYS A SG  1 
ATOM   547  N N   . GLY A 1 68 ? 7.493   -16.452 10.298  1.00 40.46 ? 68  GLY A N   1 
ATOM   548  C CA  . GLY A 1 68 ? 7.113   -17.694 10.949  1.00 40.02 ? 68  GLY A CA  1 
ATOM   549  C C   . GLY A 1 68 ? 5.714   -18.209 10.660  1.00 40.49 ? 68  GLY A C   1 
ATOM   550  O O   . GLY A 1 68 ? 5.410   -19.367 10.952  1.00 41.81 ? 68  GLY A O   1 
ATOM   551  N N   . HIS A 1 69 ? 4.851   -17.368 10.099  1.00 39.23 ? 69  HIS A N   1 
ATOM   552  C CA  . HIS A 1 69 ? 3.491   -17.793 9.786   1.00 37.77 ? 69  HIS A CA  1 
ATOM   553  C C   . HIS A 1 69 ? 3.426   -18.384 8.384   1.00 37.38 ? 69  HIS A C   1 
ATOM   554  O O   . HIS A 1 69 ? 3.904   -17.783 7.417   1.00 37.88 ? 69  HIS A O   1 
ATOM   555  C CB  . HIS A 1 69 ? 2.527   -16.615 9.908   1.00 37.86 ? 69  HIS A CB  1 
ATOM   556  C CG  . HIS A 1 69 ? 2.367   -16.119 11.311  1.00 37.75 ? 69  HIS A CG  1 
ATOM   557  N ND1 . HIS A 1 69 ? 1.218   -16.316 12.045  1.00 36.93 ? 69  HIS A ND1 1 
ATOM   558  C CD2 . HIS A 1 69 ? 3.225   -15.460 12.125  1.00 36.80 ? 69  HIS A CD2 1 
ATOM   559  C CE1 . HIS A 1 69 ? 1.374   -15.800 13.251  1.00 37.30 ? 69  HIS A CE1 1 
ATOM   560  N NE2 . HIS A 1 69 ? 2.584   -15.275 13.325  1.00 37.78 ? 69  HIS A NE2 1 
ATOM   561  N N   . LYS A 1 70 ? 2.836   -19.568 8.275   1.00 34.83 ? 70  LYS A N   1 
ATOM   562  C CA  . LYS A 1 70 ? 2.733   -20.226 6.986   1.00 32.80 ? 70  LYS A CA  1 
ATOM   563  C C   . LYS A 1 70 ? 1.535   -19.715 6.206   1.00 32.46 ? 70  LYS A C   1 
ATOM   564  O O   . LYS A 1 70 ? 0.465   -19.468 6.765   1.00 32.39 ? 70  LYS A O   1 
ATOM   565  C CB  . LYS A 1 70 ? 2.637   -21.735 7.173   1.00 33.03 ? 70  LYS A CB  1 
ATOM   566  N N   . ALA A 1 71 ? 1.732   -19.543 4.907   1.00 30.14 ? 71  ALA A N   1 
ATOM   567  C CA  . ALA A 1 71 ? 0.681   -19.086 4.026   1.00 28.77 ? 71  ALA A CA  1 
ATOM   568  C C   . ALA A 1 71 ? 0.969   -19.685 2.663   1.00 27.62 ? 71  ALA A C   1 
ATOM   569  O O   . ALA A 1 71 ? 2.100   -20.074 2.376   1.00 27.66 ? 71  ALA A O   1 
ATOM   570  C CB  . ALA A 1 71 ? 0.680   -17.557 3.945   1.00 27.39 ? 71  ALA A CB  1 
ATOM   571  N N   . ILE A 1 72 ? -0.058  -19.769 1.830   1.00 25.68 ? 72  ILE A N   1 
ATOM   572  C CA  . ILE A 1 72 ? 0.104   -20.301 0.486   1.00 26.76 ? 72  ILE A CA  1 
ATOM   573  C C   . ILE A 1 72 ? -0.899  -19.616 -0.422  1.00 24.50 ? 72  ILE A C   1 
ATOM   574  O O   . ILE A 1 72 ? -2.096  -19.566 -0.131  1.00 27.55 ? 72  ILE A O   1 
ATOM   575  C CB  . ILE A 1 72 ? -0.102  -21.844 0.444   1.00 26.15 ? 72  ILE A CB  1 
ATOM   576  C CG1 . ILE A 1 72 ? 0.083   -22.356 -0.986  1.00 26.28 ? 72  ILE A CG1 1 
ATOM   577  C CG2 . ILE A 1 72 ? -1.489  -22.216 0.963   1.00 27.76 ? 72  ILE A CG2 1 
ATOM   578  C CD1 . ILE A 1 72 ? -0.094  -23.854 -1.116  1.00 29.08 ? 72  ILE A CD1 1 
ATOM   579  N N   . GLY A 1 73 ? -0.407  -19.062 -1.519  1.00 24.77 ? 73  GLY A N   1 
ATOM   580  C CA  . GLY A 1 73 ? -1.302  -18.386 -2.430  1.00 24.20 ? 73  GLY A CA  1 
ATOM   581  C C   . GLY A 1 73 ? -0.621  -17.944 -3.700  1.00 23.71 ? 73  GLY A C   1 
ATOM   582  O O   . GLY A 1 73 ? 0.450   -18.435 -4.054  1.00 23.85 ? 73  GLY A O   1 
ATOM   583  N N   . THR A 1 74 ? -1.252  -17.001 -4.383  1.00 24.52 ? 74  THR A N   1 
ATOM   584  C CA  . THR A 1 74 ? -0.714  -16.482 -5.627  1.00 27.33 ? 74  THR A CA  1 
ATOM   585  C C   . THR A 1 74 ? 0.383   -15.457 -5.384  1.00 26.97 ? 74  THR A C   1 
ATOM   586  O O   . THR A 1 74 ? 0.296   -14.619 -4.483  1.00 27.77 ? 74  THR A O   1 
ATOM   587  C CB  . THR A 1 74 ? -1.819  -15.828 -6.467  1.00 29.99 ? 74  THR A CB  1 
ATOM   588  O OG1 . THR A 1 74 ? -2.833  -16.801 -6.748  1.00 33.69 ? 74  THR A OG1 1 
ATOM   589  C CG2 . THR A 1 74 ? -1.252  -15.288 -7.772  1.00 29.49 ? 74  THR A CG2 1 
ATOM   590  N N   . VAL A 1 75 ? 1.430   -15.544 -6.190  1.00 25.65 ? 75  VAL A N   1 
ATOM   591  C CA  . VAL A 1 75 ? 2.535   -14.611 -6.095  1.00 23.38 ? 75  VAL A CA  1 
ATOM   592  C C   . VAL A 1 75 ? 2.797   -14.087 -7.497  1.00 23.22 ? 75  VAL A C   1 
ATOM   593  O O   . VAL A 1 75 ? 2.906   -14.862 -8.444  1.00 24.11 ? 75  VAL A O   1 
ATOM   594  C CB  . VAL A 1 75 ? 3.810   -15.303 -5.555  1.00 24.20 ? 75  VAL A CB  1 
ATOM   595  C CG1 . VAL A 1 75 ? 5.036   -14.477 -5.880  1.00 23.57 ? 75  VAL A CG1 1 
ATOM   596  C CG2 . VAL A 1 75 ? 3.696   -15.493 -4.059  1.00 23.56 ? 75  VAL A CG2 1 
ATOM   597  N N   . LEU A 1 76 ? 2.862   -12.767 -7.622  1.00 22.79 ? 76  LEU A N   1 
ATOM   598  C CA  . LEU A 1 76 ? 3.140   -12.124 -8.896  1.00 21.00 ? 76  LEU A CA  1 
ATOM   599  C C   . LEU A 1 76 ? 4.618   -11.749 -8.876  1.00 20.93 ? 76  LEU A C   1 
ATOM   600  O O   . LEU A 1 76 ? 5.151   -11.380 -7.833  1.00 21.35 ? 76  LEU A O   1 
ATOM   601  C CB  . LEU A 1 76 ? 2.275   -10.872 -9.056  1.00 20.23 ? 76  LEU A CB  1 
ATOM   602  C CG  . LEU A 1 76 ? 0.754   -11.074 -8.978  1.00 19.87 ? 76  LEU A CG  1 
ATOM   603  C CD1 . LEU A 1 76 ? 0.062   -9.742  -9.181  1.00 19.57 ? 76  LEU A CD1 1 
ATOM   604  C CD2 . LEU A 1 76 ? 0.295   -12.070 -10.044 1.00 19.49 ? 76  LEU A CD2 1 
ATOM   605  N N   . VAL A 1 77 ? 5.284   -11.861 -10.019 1.00 22.80 ? 77  VAL A N   1 
ATOM   606  C CA  . VAL A 1 77 ? 6.708   -11.537 -10.113 1.00 23.42 ? 77  VAL A CA  1 
ATOM   607  C C   . VAL A 1 77 ? 6.930   -10.532 -11.234 1.00 23.84 ? 77  VAL A C   1 
ATOM   608  O O   . VAL A 1 77 ? 6.442   -10.710 -12.349 1.00 25.21 ? 77  VAL A O   1 
ATOM   609  C CB  . VAL A 1 77 ? 7.550   -12.805 -10.392 1.00 26.07 ? 77  VAL A CB  1 
ATOM   610  C CG1 . VAL A 1 77 ? 9.021   -12.448 -10.495 1.00 25.13 ? 77  VAL A CG1 1 
ATOM   611  C CG2 . VAL A 1 77 ? 7.327   -13.828 -9.283  1.00 26.79 ? 77  VAL A CG2 1 
ATOM   612  N N   . GLY A 1 78 ? 7.659   -9.466  -10.936 1.00 23.05 ? 78  GLY A N   1 
ATOM   613  C CA  . GLY A 1 78 ? 7.900   -8.456  -11.939 1.00 23.99 ? 78  GLY A CA  1 
ATOM   614  C C   . GLY A 1 78 ? 8.779   -7.341  -11.419 1.00 24.92 ? 78  GLY A C   1 
ATOM   615  O O   . GLY A 1 78 ? 9.195   -7.363  -10.261 1.00 25.16 ? 78  GLY A O   1 
ATOM   616  N N   . PRO A 1 79 ? 9.059   -6.331  -12.252 1.00 25.12 ? 79  PRO A N   1 
ATOM   617  C CA  . PRO A 1 79 ? 9.904   -5.194  -11.879 1.00 25.75 ? 79  PRO A CA  1 
ATOM   618  C C   . PRO A 1 79 ? 9.279   -4.243  -10.865 1.00 27.38 ? 79  PRO A C   1 
ATOM   619  O O   . PRO A 1 79 ? 8.970   -3.099  -11.189 1.00 28.39 ? 79  PRO A O   1 
ATOM   620  C CB  . PRO A 1 79 ? 10.159  -4.515  -13.217 1.00 25.36 ? 79  PRO A CB  1 
ATOM   621  C CG  . PRO A 1 79 ? 8.828   -4.677  -13.894 1.00 26.01 ? 79  PRO A CG  1 
ATOM   622  C CD  . PRO A 1 79 ? 8.480   -6.132  -13.596 1.00 24.70 ? 79  PRO A CD  1 
ATOM   623  N N   . THR A 1 80 ? 9.078   -4.717  -9.641  1.00 28.77 ? 80  THR A N   1 
ATOM   624  C CA  . THR A 1 80 ? 8.523   -3.863  -8.604  1.00 29.15 ? 80  THR A CA  1 
ATOM   625  C C   . THR A 1 80 ? 9.687   -3.345  -7.769  1.00 29.09 ? 80  THR A C   1 
ATOM   626  O O   . THR A 1 80 ? 10.586  -4.101  -7.408  1.00 31.07 ? 80  THR A O   1 
ATOM   627  C CB  . THR A 1 80 ? 7.533   -4.624  -7.692  1.00 28.72 ? 80  THR A CB  1 
ATOM   628  O OG1 . THR A 1 80 ? 7.160   -3.784  -6.592  1.00 26.47 ? 80  THR A OG1 1 
ATOM   629  C CG2 . THR A 1 80 ? 8.163   -5.910  -7.167  1.00 26.83 ? 80  THR A CG2 1 
ATOM   630  N N   . PRO A 1 81 ? 9.692   -2.043  -7.461  1.00 30.49 ? 81  PRO A N   1 
ATOM   631  C CA  . PRO A 1 81 ? 10.769  -1.441  -6.663  1.00 30.14 ? 81  PRO A CA  1 
ATOM   632  C C   . PRO A 1 81 ? 10.999  -2.074  -5.292  1.00 31.49 ? 81  PRO A C   1 
ATOM   633  O O   . PRO A 1 81 ? 12.059  -1.907  -4.694  1.00 32.56 ? 81  PRO A O   1 
ATOM   634  C CB  . PRO A 1 81 ? 10.359  0.031   -6.576  1.00 29.77 ? 81  PRO A CB  1 
ATOM   635  C CG  . PRO A 1 81 ? 8.869   0.007   -6.788  1.00 31.58 ? 81  PRO A CG  1 
ATOM   636  C CD  . PRO A 1 81 ? 8.691   -1.037  -7.851  1.00 28.81 ? 81  PRO A CD  1 
ATOM   637  N N   . VAL A 1 82 ? 10.009  -2.807  -4.797  1.00 30.78 ? 82  VAL A N   1 
ATOM   638  C CA  . VAL A 1 82 ? 10.123  -3.463  -3.500  1.00 28.60 ? 82  VAL A CA  1 
ATOM   639  C C   . VAL A 1 82 ? 9.210   -4.674  -3.440  1.00 28.35 ? 82  VAL A C   1 
ATOM   640  O O   . VAL A 1 82 ? 8.201   -4.747  -4.148  1.00 27.87 ? 82  VAL A O   1 
ATOM   641  C CB  . VAL A 1 82 ? 9.722   -2.525  -2.336  1.00 30.28 ? 82  VAL A CB  1 
ATOM   642  C CG1 . VAL A 1 82 ? 10.703  -1.372  -2.218  1.00 33.26 ? 82  VAL A CG1 1 
ATOM   643  C CG2 . VAL A 1 82 ? 8.318   -2.000  -2.560  1.00 29.54 ? 82  VAL A CG2 1 
ATOM   644  N N   . ASN A 1 83 ? 9.570   -5.624  -2.590  1.00 26.69 ? 83  ASN A N   1 
ATOM   645  C CA  . ASN A 1 83 ? 8.768   -6.817  -2.416  1.00 25.49 ? 83  ASN A CA  1 
ATOM   646  C C   . ASN A 1 83 ? 7.539   -6.419  -1.615  1.00 24.66 ? 83  ASN A C   1 
ATOM   647  O O   . ASN A 1 83 ? 7.650   -5.738  -0.594  1.00 22.41 ? 83  ASN A O   1 
ATOM   648  C CB  . ASN A 1 83 ? 9.574   -7.883  -1.692  1.00 27.17 ? 83  ASN A CB  1 
ATOM   649  C CG  . ASN A 1 83 ? 10.735  -8.373  -2.520  1.00 30.22 ? 83  ASN A CG  1 
ATOM   650  O OD1 . ASN A 1 83 ? 10.591  -8.608  -3.722  1.00 29.12 ? 83  ASN A OD1 1 
ATOM   651  N ND2 . ASN A 1 83 ? 11.892  -8.536  -1.889  1.00 32.51 ? 83  ASN A ND2 1 
ATOM   652  N N   . ILE A 1 84 ? 6.372   -6.848  -2.081  1.00 22.35 ? 84  ILE A N   1 
ATOM   653  C CA  . ILE A 1 84 ? 5.127   -6.490  -1.431  1.00 22.65 ? 84  ILE A CA  1 
ATOM   654  C C   . ILE A 1 84 ? 4.208   -7.650  -1.075  1.00 23.00 ? 84  ILE A C   1 
ATOM   655  O O   . ILE A 1 84 ? 3.835   -8.443  -1.936  1.00 23.23 ? 84  ILE A O   1 
ATOM   656  C CB  . ILE A 1 84 ? 4.333   -5.504  -2.321  1.00 23.07 ? 84  ILE A CB  1 
ATOM   657  C CG1 . ILE A 1 84 ? 5.078   -4.174  -2.392  1.00 24.94 ? 84  ILE A CG1 1 
ATOM   658  C CG2 . ILE A 1 84 ? 2.919   -5.310  -1.779  1.00 21.53 ? 84  ILE A CG2 1 
ATOM   659  C CD1 . ILE A 1 84 ? 4.662   -3.307  -3.558  1.00 26.21 ? 84  ILE A CD1 1 
ATOM   660  N N   . ILE A 1 85 ? 3.843   -7.732  0.202   1.00 21.03 ? 85  ILE A N   1 
ATOM   661  C CA  . ILE A 1 85 ? 2.922   -8.757  0.658   1.00 20.57 ? 85  ILE A CA  1 
ATOM   662  C C   . ILE A 1 85 ? 1.553   -8.080  0.694   1.00 21.11 ? 85  ILE A C   1 
ATOM   663  O O   . ILE A 1 85 ? 1.355   -7.107  1.435   1.00 21.65 ? 85  ILE A O   1 
ATOM   664  C CB  . ILE A 1 85 ? 3.269   -9.255  2.065   1.00 21.60 ? 85  ILE A CB  1 
ATOM   665  C CG1 . ILE A 1 85 ? 4.693   -9.819  2.084   1.00 23.29 ? 85  ILE A CG1 1 
ATOM   666  C CG2 . ILE A 1 85 ? 2.256   -10.306 2.493   1.00 20.03 ? 85  ILE A CG2 1 
ATOM   667  C CD1 . ILE A 1 85 ? 4.884   -11.074 1.223   1.00 24.96 ? 85  ILE A CD1 1 
ATOM   668  N N   . GLY A 1 86 ? 0.627   -8.589  -0.119  1.00 18.73 ? 86  GLY A N   1 
ATOM   669  C CA  . GLY A 1 86 ? -0.708  -8.023  -0.192  1.00 17.97 ? 86  GLY A CA  1 
ATOM   670  C C   . GLY A 1 86 ? -1.764  -8.730  0.640   1.00 18.62 ? 86  GLY A C   1 
ATOM   671  O O   . GLY A 1 86 ? -1.474  -9.663  1.376   1.00 19.14 ? 86  GLY A O   1 
ATOM   672  N N   . ARG A 1 87 ? -3.005  -8.280  0.504   1.00 18.27 ? 87  ARG A N   1 
ATOM   673  C CA  . ARG A 1 87 ? -4.114  -8.839  1.257   1.00 18.65 ? 87  ARG A CA  1 
ATOM   674  C C   . ARG A 1 87 ? -4.354  -10.327 1.056   1.00 20.10 ? 87  ARG A C   1 
ATOM   675  O O   . ARG A 1 87 ? -4.719  -11.023 2.004   1.00 19.25 ? 87  ARG A O   1 
ATOM   676  C CB  . ARG A 1 87 ? -5.394  -8.058  0.958   1.00 17.15 ? 87  ARG A CB  1 
ATOM   677  C CG  . ARG A 1 87 ? -5.335  -6.622  1.465   1.00 18.71 ? 87  ARG A CG  1 
ATOM   678  C CD  . ARG A 1 87 ? -6.654  -5.893  1.271   1.00 18.00 ? 87  ARG A CD  1 
ATOM   679  N NE  . ARG A 1 87 ? -7.068  -5.873  -0.126  1.00 21.39 ? 87  ARG A NE  1 
ATOM   680  C CZ  . ARG A 1 87 ? -8.024  -6.644  -0.641  1.00 22.05 ? 87  ARG A CZ  1 
ATOM   681  N NH1 . ARG A 1 87 ? -8.673  -7.508  0.125   1.00 21.46 ? 87  ARG A NH1 1 
ATOM   682  N NH2 . ARG A 1 87 ? -8.346  -6.532  -1.923  1.00 20.70 ? 87  ARG A NH2 1 
ATOM   683  N N   . ASN A 1 88 ? -4.144  -10.817 -0.161  1.00 21.42 ? 88  ASN A N   1 
ATOM   684  C CA  . ASN A 1 88 ? -4.357  -12.227 -0.444  1.00 22.30 ? 88  ASN A CA  1 
ATOM   685  C C   . ASN A 1 88 ? -3.599  -13.100 0.561   1.00 22.51 ? 88  ASN A C   1 
ATOM   686  O O   . ASN A 1 88 ? -4.103  -14.130 0.998   1.00 22.68 ? 88  ASN A O   1 
ATOM   687  C CB  . ASN A 1 88 ? -3.934  -12.556 -1.887  1.00 23.22 ? 88  ASN A CB  1 
ATOM   688  C CG  . ASN A 1 88 ? -2.433  -12.637 -2.060  1.00 23.88 ? 88  ASN A CG  1 
ATOM   689  O OD1 . ASN A 1 88 ? -1.707  -11.686 -1.768  1.00 24.60 ? 88  ASN A OD1 1 
ATOM   690  N ND2 . ASN A 1 88 ? -1.956  -13.782 -2.542  1.00 22.93 ? 88  ASN A ND2 1 
ATOM   691  N N   . LEU A 1 89 ? -2.405  -12.672 0.952   1.00 24.24 ? 89  LEU A N   1 
ATOM   692  C CA  . LEU A 1 89 ? -1.611  -13.434 1.915   1.00 24.46 ? 89  LEU A CA  1 
ATOM   693  C C   . LEU A 1 89 ? -1.732  -12.957 3.359   1.00 24.79 ? 89  LEU A C   1 
ATOM   694  O O   . LEU A 1 89 ? -1.547  -13.744 4.287   1.00 22.12 ? 89  LEU A O   1 
ATOM   695  C CB  . LEU A 1 89 ? -0.134  -13.431 1.523   1.00 25.73 ? 89  LEU A CB  1 
ATOM   696  C CG  . LEU A 1 89 ? 0.242   -14.207 0.263   1.00 27.63 ? 89  LEU A CG  1 
ATOM   697  C CD1 . LEU A 1 89 ? 1.755   -14.340 0.204   1.00 27.30 ? 89  LEU A CD1 1 
ATOM   698  C CD2 . LEU A 1 89 ? -0.412  -15.581 0.291   1.00 27.42 ? 89  LEU A CD2 1 
ATOM   699  N N   . LEU A 1 90 ? -2.039  -11.674 3.545   1.00 23.26 ? 90  LEU A N   1 
ATOM   700  C CA  . LEU A 1 90 ? -2.169  -11.111 4.886   1.00 23.64 ? 90  LEU A CA  1 
ATOM   701  C C   . LEU A 1 90 ? -3.368  -11.696 5.622   1.00 24.00 ? 90  LEU A C   1 
ATOM   702  O O   . LEU A 1 90 ? -3.314  -11.909 6.831   1.00 23.80 ? 90  LEU A O   1 
ATOM   703  C CB  . LEU A 1 90 ? -2.287  -9.583  4.815   1.00 21.27 ? 90  LEU A CB  1 
ATOM   704  C CG  . LEU A 1 90 ? -1.068  -8.826  4.270   1.00 23.00 ? 90  LEU A CG  1 
ATOM   705  C CD1 . LEU A 1 90 ? -1.443  -7.375  4.031   1.00 21.93 ? 90  LEU A CD1 1 
ATOM   706  C CD2 . LEU A 1 90 ? 0.098   -8.926  5.246   1.00 20.40 ? 90  LEU A CD2 1 
ATOM   707  N N   . THR A 1 91 ? -4.453  -11.946 4.894   1.00 25.18 ? 91  THR A N   1 
ATOM   708  C CA  . THR A 1 91 ? -5.646  -12.525 5.504   1.00 26.21 ? 91  THR A CA  1 
ATOM   709  C C   . THR A 1 91 ? -5.320  -13.928 6.015   1.00 27.97 ? 91  THR A C   1 
ATOM   710  O O   . THR A 1 91 ? -5.845  -14.372 7.037   1.00 27.77 ? 91  THR A O   1 
ATOM   711  C CB  . THR A 1 91 ? -6.804  -12.642 4.495   1.00 26.92 ? 91  THR A CB  1 
ATOM   712  O OG1 . THR A 1 91 ? -6.359  -13.362 3.342   1.00 27.68 ? 91  THR A OG1 1 
ATOM   713  C CG2 . THR A 1 91 ? -7.299  -11.270 4.075   1.00 24.89 ? 91  THR A CG2 1 
ATOM   714  N N   . GLN A 1 92 ? -4.439  -14.617 5.301   1.00 28.34 ? 92  GLN A N   1 
ATOM   715  C CA  . GLN A 1 92 ? -4.050  -15.964 5.677   1.00 29.74 ? 92  GLN A CA  1 
ATOM   716  C C   . GLN A 1 92 ? -3.339  -16.075 7.019   1.00 30.47 ? 92  GLN A C   1 
ATOM   717  O O   . GLN A 1 92 ? -3.465  -17.089 7.707   1.00 29.56 ? 92  GLN A O   1 
ATOM   718  C CB  . GLN A 1 92 ? -3.189  -16.579 4.575   1.00 29.50 ? 92  GLN A CB  1 
ATOM   719  C CG  . GLN A 1 92 ? -4.023  -17.102 3.422   1.00 31.74 ? 92  GLN A CG  1 
ATOM   720  C CD  . GLN A 1 92 ? -3.188  -17.763 2.361   1.00 32.76 ? 92  GLN A CD  1 
ATOM   721  O OE1 . GLN A 1 92 ? -2.234  -18.475 2.670   1.00 35.26 ? 92  GLN A OE1 1 
ATOM   722  N NE2 . GLN A 1 92 ? -3.544  -17.543 1.099   1.00 35.76 ? 92  GLN A NE2 1 
ATOM   723  N N   . ILE A 1 93 ? -2.593  -15.040 7.395   1.00 31.22 ? 93  ILE A N   1 
ATOM   724  C CA  . ILE A 1 93 ? -1.882  -15.068 8.667   1.00 29.94 ? 93  ILE A CA  1 
ATOM   725  C C   . ILE A 1 93 ? -2.656  -14.325 9.758   1.00 29.87 ? 93  ILE A C   1 
ATOM   726  O O   . ILE A 1 93 ? -2.133  -14.055 10.836  1.00 30.77 ? 93  ILE A O   1 
ATOM   727  C CB  . ILE A 1 93 ? -0.459  -14.482 8.523   1.00 30.50 ? 93  ILE A CB  1 
ATOM   728  C CG1 . ILE A 1 93 ? -0.521  -13.018 8.081   1.00 31.56 ? 93  ILE A CG1 1 
ATOM   729  C CG2 . ILE A 1 93 ? 0.318   -15.289 7.494   1.00 29.63 ? 93  ILE A CG2 1 
ATOM   730  C CD1 . ILE A 1 93 ? 0.832   -12.348 8.024   1.00 29.93 ? 93  ILE A CD1 1 
ATOM   731  N N   . GLY A 1 94 ? -3.910  -14.002 9.463   1.00 29.82 ? 94  GLY A N   1 
ATOM   732  C CA  . GLY A 1 94 ? -4.761  -13.326 10.424  1.00 28.61 ? 94  GLY A CA  1 
ATOM   733  C C   . GLY A 1 94 ? -4.329  -11.922 10.776  1.00 29.26 ? 94  GLY A C   1 
ATOM   734  O O   . GLY A 1 94 ? -4.475  -11.483 11.922  1.00 27.28 ? 94  GLY A O   1 
ATOM   735  N N   . CYS A 1 95 ? -3.798  -11.209 9.790   1.00 27.81 ? 95  CYS A N   1 
ATOM   736  C CA  . CYS A 1 95 ? -3.342  -9.846  10.005  1.00 26.27 ? 95  CYS A CA  1 
ATOM   737  C C   . CYS A 1 95 ? -4.507  -8.859  9.978   1.00 25.25 ? 95  CYS A C   1 
ATOM   738  O O   . CYS A 1 95 ? -5.388  -8.946  9.120   1.00 27.00 ? 95  CYS A O   1 
ATOM   739  C CB  . CYS A 1 95 ? -2.317  -9.474  8.931   1.00 28.98 ? 95  CYS A CB  1 
ATOM   740  S SG  . CYS A 1 95 ? -1.689  -7.808  9.087   1.00 30.46 ? 95  CYS A SG  1 
ATOM   741  N N   . THR A 1 96 ? -4.517  -7.928  10.926  1.00 22.97 ? 96  THR A N   1 
ATOM   742  C CA  . THR A 1 96 ? -5.567  -6.919  10.994  1.00 21.40 ? 96  THR A CA  1 
ATOM   743  C C   . THR A 1 96 ? -4.991  -5.522  11.206  1.00 22.72 ? 96  THR A C   1 
ATOM   744  O O   . THR A 1 96 ? -3.835  -5.371  11.610  1.00 21.03 ? 96  THR A O   1 
ATOM   745  C CB  . THR A 1 96 ? -6.557  -7.185  12.161  1.00 22.17 ? 96  THR A CB  1 
ATOM   746  O OG1 . THR A 1 96 ? -5.842  -7.220  13.400  1.00 20.58 ? 96  THR A OG1 1 
ATOM   747  C CG2 . THR A 1 96 ? -7.293  -8.507  11.963  1.00 23.36 ? 96  THR A CG2 1 
ATOM   748  N N   . LEU A 1 97 ? -5.808  -4.511  10.909  1.00 21.97 ? 97  LEU A N   1 
ATOM   749  C CA  . LEU A 1 97 ? -5.438  -3.113  11.118  1.00 23.97 ? 97  LEU A CA  1 
ATOM   750  C C   . LEU A 1 97 ? -6.210  -2.736  12.366  1.00 24.08 ? 97  LEU A C   1 
ATOM   751  O O   . LEU A 1 97 ? -7.391  -3.053  12.463  1.00 24.27 ? 97  LEU A O   1 
ATOM   752  C CB  . LEU A 1 97 ? -5.900  -2.226  9.954   1.00 23.72 ? 97  LEU A CB  1 
ATOM   753  C CG  . LEU A 1 97 ? -5.025  -2.182  8.699   1.00 24.60 ? 97  LEU A CG  1 
ATOM   754  C CD1 . LEU A 1 97 ? -5.690  -1.323  7.620   1.00 24.07 ? 97  LEU A CD1 1 
ATOM   755  C CD2 . LEU A 1 97 ? -3.668  -1.604  9.059   1.00 23.29 ? 97  LEU A CD2 1 
ATOM   756  N N   . ASN A 1 98 ? -5.558  -2.074  13.318  1.00 24.78 ? 98  ASN A N   1 
ATOM   757  C CA  . ASN A 1 98 ? -6.233  -1.695  14.555  1.00 25.62 ? 98  ASN A CA  1 
ATOM   758  C C   . ASN A 1 98 ? -5.960  -0.281  15.044  1.00 25.79 ? 98  ASN A C   1 
ATOM   759  O O   . ASN A 1 98 ? -4.809  0.152   15.107  1.00 21.88 ? 98  ASN A O   1 
ATOM   760  C CB  . ASN A 1 98 ? -5.856  -2.660  15.678  1.00 28.37 ? 98  ASN A CB  1 
ATOM   761  C CG  . ASN A 1 98 ? -6.240  -4.087  15.370  1.00 31.09 ? 98  ASN A CG  1 
ATOM   762  O OD1 . ASN A 1 98 ? -5.529  -4.795  14.656  1.00 30.86 ? 98  ASN A OD1 1 
ATOM   763  N ND2 . ASN A 1 98 ? -7.383  -4.514  15.896  1.00 31.52 ? 98  ASN A ND2 1 
ATOM   764  N N   . PHE A 1 99 ? -7.025  0.429   15.404  1.00 25.76 ? 99  PHE A N   1 
ATOM   765  C CA  . PHE A 1 99 ? -6.895  1.782   15.932  1.00 27.36 ? 99  PHE A CA  1 
ATOM   766  C C   . PHE A 1 99 ? -8.172  2.217   16.634  1.00 29.40 ? 99  PHE A C   1 
ATOM   767  O O   . PHE A 1 99 ? -8.298  3.430   16.901  1.00 30.46 ? 99  PHE A O   1 
ATOM   768  C CB  . PHE A 1 99 ? -6.573  2.784   14.823  1.00 24.72 ? 99  PHE A CB  1 
ATOM   769  C CG  . PHE A 1 99 ? -7.644  2.908   13.783  1.00 25.31 ? 99  PHE A CG  1 
ATOM   770  C CD1 . PHE A 1 99 ? -7.736  1.985   12.750  1.00 24.32 ? 99  PHE A CD1 1 
ATOM   771  C CD2 . PHE A 1 99 ? -8.554  3.964   13.828  1.00 24.98 ? 99  PHE A CD2 1 
ATOM   772  C CE1 . PHE A 1 99 ? -8.713  2.108   11.770  1.00 25.20 ? 99  PHE A CE1 1 
ATOM   773  C CE2 . PHE A 1 99 ? -9.534  4.098   12.858  1.00 25.32 ? 99  PHE A CE2 1 
ATOM   774  C CZ  . PHE A 1 99 ? -9.616  3.166   11.822  1.00 26.64 ? 99  PHE A CZ  1 
ATOM   775  O OXT . PHE A 1 99 ? -9.019  1.345   16.914  1.00 29.41 ? 99  PHE A OXT 1 
ATOM   776  N N   . PRO B 1 1  ? -11.123 0.598   15.915  1.00 31.10 ? 1   PRO B N   1 
ATOM   777  C CA  . PRO B 1 1  ? -11.755 -0.658  15.452  1.00 29.76 ? 1   PRO B CA  1 
ATOM   778  C C   . PRO B 1 1  ? -10.721 -1.636  14.911  1.00 29.65 ? 1   PRO B C   1 
ATOM   779  O O   . PRO B 1 1  ? -9.562  -1.275  14.706  1.00 31.03 ? 1   PRO B O   1 
ATOM   780  C CB  . PRO B 1 1  ? -12.735 -0.272  14.360  1.00 31.78 ? 1   PRO B CB  1 
ATOM   781  C CG  . PRO B 1 1  ? -12.070 0.985   13.791  1.00 30.62 ? 1   PRO B CG  1 
ATOM   782  C CD  . PRO B 1 1  ? -11.517 1.713   15.033  1.00 30.93 ? 1   PRO B CD  1 
ATOM   783  N N   . GLN B 1 2  ? -11.144 -2.876  14.697  1.00 28.07 ? 2   GLN B N   1 
ATOM   784  C CA  . GLN B 1 2  ? -10.275 -3.906  14.144  1.00 27.83 ? 2   GLN B CA  1 
ATOM   785  C C   . GLN B 1 2  ? -10.769 -4.129  12.725  1.00 26.40 ? 2   GLN B C   1 
ATOM   786  O O   . GLN B 1 2  ? -11.954 -4.368  12.507  1.00 25.34 ? 2   GLN B O   1 
ATOM   787  C CB  . GLN B 1 2  ? -10.377 -5.203  14.944  1.00 30.01 ? 2   GLN B CB  1 
ATOM   788  C CG  . GLN B 1 2  ? -9.379  -6.253  14.498  1.00 33.40 ? 2   GLN B CG  1 
ATOM   789  C CD  . GLN B 1 2  ? -9.164  -7.340  15.532  1.00 35.72 ? 2   GLN B CD  1 
ATOM   790  O OE1 . GLN B 1 2  ? -8.097  -7.951  15.585  1.00 38.42 ? 2   GLN B OE1 1 
ATOM   791  N NE2 . GLN B 1 2  ? -10.180 -7.595  16.353  1.00 36.98 ? 2   GLN B NE2 1 
ATOM   792  N N   . ILE B 1 3  ? -9.866  -4.033  11.760  1.00 24.91 ? 3   ILE B N   1 
ATOM   793  C CA  . ILE B 1 3  ? -10.243 -4.190  10.364  1.00 23.81 ? 3   ILE B CA  1 
ATOM   794  C C   . ILE B 1 3  ? -9.503  -5.356  9.725   1.00 23.62 ? 3   ILE B C   1 
ATOM   795  O O   . ILE B 1 3  ? -8.267  -5.367  9.676   1.00 24.43 ? 3   ILE B O   1 
ATOM   796  C CB  . ILE B 1 3  ? -9.944  -2.879  9.588   1.00 24.09 ? 3   ILE B CB  1 
ATOM   797  C CG1 . ILE B 1 3  ? -10.738 -1.722  10.211  1.00 22.26 ? 3   ILE B CG1 1 
ATOM   798  C CG2 . ILE B 1 3  ? -10.271 -3.045  8.113   1.00 22.14 ? 3   ILE B CG2 1 
ATOM   799  C CD1 . ILE B 1 3  ? -10.335 -0.343  9.716   1.00 23.05 ? 3   ILE B CD1 1 
ATOM   800  N N   . THR B 1 4  ? -10.268 -6.341  9.255   1.00 22.80 ? 4   THR B N   1 
ATOM   801  C CA  . THR B 1 4  ? -9.715  -7.527  8.601   1.00 22.27 ? 4   THR B CA  1 
ATOM   802  C C   . THR B 1 4  ? -9.465  -7.187  7.142   1.00 22.76 ? 4   THR B C   1 
ATOM   803  O O   . THR B 1 4  ? -10.027 -6.225  6.622   1.00 21.85 ? 4   THR B O   1 
ATOM   804  C CB  . THR B 1 4  ? -10.681 -8.734  8.668   1.00 23.13 ? 4   THR B CB  1 
ATOM   805  O OG1 . THR B 1 4  ? -11.979 -8.345  8.199   1.00 23.95 ? 4   THR B OG1 1 
ATOM   806  C CG2 . THR B 1 4  ? -10.774 -9.260  10.091  1.00 21.80 ? 4   THR B CG2 1 
ATOM   807  N N   . LEU B 1 5  ? -8.660  -7.998  6.466   1.00 22.61 ? 5   LEU B N   1 
ATOM   808  C CA  . LEU B 1 5  ? -8.310  -7.693  5.092   1.00 23.53 ? 5   LEU B CA  1 
ATOM   809  C C   . LEU B 1 5  ? -8.902  -8.526  3.961   1.00 22.85 ? 5   LEU B C   1 
ATOM   810  O O   . LEU B 1 5  ? -8.356  -8.542  2.855   1.00 24.28 ? 5   LEU B O   1 
ATOM   811  C CB  . LEU B 1 5  ? -6.784  -7.661  4.993   1.00 20.33 ? 5   LEU B CB  1 
ATOM   812  C CG  . LEU B 1 5  ? -6.205  -6.745  6.080   1.00 19.36 ? 5   LEU B CG  1 
ATOM   813  C CD1 . LEU B 1 5  ? -4.692  -6.840  6.085   1.00 17.77 ? 5   LEU B CD1 1 
ATOM   814  C CD2 . LEU B 1 5  ? -6.659  -5.306  5.847   1.00 18.13 ? 5   LEU B CD2 1 
ATOM   815  N N   . TRP B 1 6  ? -10.022 -9.199  4.219   1.00 25.38 ? 6   TRP B N   1 
ATOM   816  C CA  . TRP B 1 6  ? -10.677 -9.991  3.180   1.00 25.31 ? 6   TRP B CA  1 
ATOM   817  C C   . TRP B 1 6  ? -11.153 -9.044  2.094   1.00 25.42 ? 6   TRP B C   1 
ATOM   818  O O   . TRP B 1 6  ? -11.321 -9.429  0.943   1.00 27.49 ? 6   TRP B O   1 
ATOM   819  C CB  . TRP B 1 6  ? -11.857 -10.771 3.762   1.00 27.05 ? 6   TRP B CB  1 
ATOM   820  C CG  . TRP B 1 6  ? -11.413 -11.731 4.803   1.00 30.01 ? 6   TRP B CG  1 
ATOM   821  C CD1 . TRP B 1 6  ? -11.519 -11.585 6.155   1.00 30.62 ? 6   TRP B CD1 1 
ATOM   822  C CD2 . TRP B 1 6  ? -10.700 -12.950 4.584   1.00 30.92 ? 6   TRP B CD2 1 
ATOM   823  N NE1 . TRP B 1 6  ? -10.911 -12.636 6.793   1.00 32.23 ? 6   TRP B NE1 1 
ATOM   824  C CE2 . TRP B 1 6  ? -10.398 -13.489 5.851   1.00 32.26 ? 6   TRP B CE2 1 
ATOM   825  C CE3 . TRP B 1 6  ? -10.283 -13.636 3.438   1.00 32.29 ? 6   TRP B CE3 1 
ATOM   826  C CZ2 . TRP B 1 6  ? -9.697  -14.688 6.009   1.00 34.16 ? 6   TRP B CZ2 1 
ATOM   827  C CZ3 . TRP B 1 6  ? -9.585  -14.829 3.591   1.00 34.60 ? 6   TRP B CZ3 1 
ATOM   828  C CH2 . TRP B 1 6  ? -9.298  -15.343 4.868   1.00 35.80 ? 6   TRP B CH2 1 
ATOM   829  N N   . LYS B 1 7  ? -11.362 -7.791  2.480   1.00 26.14 ? 7   LYS B N   1 
ATOM   830  C CA  . LYS B 1 7  ? -11.780 -6.747  1.556   1.00 26.24 ? 7   LYS B CA  1 
ATOM   831  C C   . LYS B 1 7  ? -10.819 -5.568  1.693   1.00 25.34 ? 7   LYS B C   1 
ATOM   832  O O   . LYS B 1 7  ? -10.058 -5.486  2.655   1.00 23.16 ? 7   LYS B O   1 
ATOM   833  C CB  . LYS B 1 7  ? -13.200 -6.267  1.873   1.00 28.42 ? 7   LYS B CB  1 
ATOM   834  C CG  . LYS B 1 7  ? -14.292 -7.275  1.553   1.00 31.92 ? 7   LYS B CG  1 
ATOM   835  C CD  . LYS B 1 7  ? -15.672 -6.636  1.621   1.00 35.72 ? 7   LYS B CD  1 
ATOM   836  C CE  . LYS B 1 7  ? -15.822 -5.525  0.579   1.00 37.93 ? 7   LYS B CE  1 
ATOM   837  N NZ  . LYS B 1 7  ? -17.219 -5.010  0.481   1.00 38.22 ? 7   LYS B NZ  1 
ATOM   838  N N   . ARG B 1 8  ? -10.861 -4.659  0.726   1.00 22.85 ? 8   ARG B N   1 
ATOM   839  C CA  . ARG B 1 8  ? -10.023 -3.469  0.759   1.00 24.34 ? 8   ARG B CA  1 
ATOM   840  C C   . ARG B 1 8  ? -10.352 -2.662  2.016   1.00 21.99 ? 8   ARG B C   1 
ATOM   841  O O   . ARG B 1 8  ? -11.519 -2.446  2.332   1.00 22.29 ? 8   ARG B O   1 
ATOM   842  C CB  . ARG B 1 8  ? -10.304 -2.632  -0.480  1.00 26.75 ? 8   ARG B CB  1 
ATOM   843  C CG  . ARG B 1 8  ? -9.946  -3.353  -1.735  1.00 30.23 ? 8   ARG B CG  1 
ATOM   844  C CD  . ARG B 1 8  ? -8.569  -2.966  -2.158  1.00 36.06 ? 8   ARG B CD  1 
ATOM   845  N NE  . ARG B 1 8  ? -8.629  -1.888  -3.135  1.00 39.23 ? 8   ARG B NE  1 
ATOM   846  C CZ  . ARG B 1 8  ? -9.009  -2.063  -4.393  1.00 38.83 ? 8   ARG B CZ  1 
ATOM   847  N NH1 . ARG B 1 8  ? -9.349  -3.270  -4.809  1.00 40.18 ? 8   ARG B NH1 1 
ATOM   848  N NH2 . ARG B 1 8  ? -9.055  -1.034  -5.229  1.00 40.40 ? 8   ARG B NH2 1 
ATOM   849  N N   . PRO B 1 9  ? -9.326  -2.210  2.750   1.00 19.62 ? 9   PRO B N   1 
ATOM   850  C CA  . PRO B 1 9  ? -9.577  -1.431  3.967   1.00 20.18 ? 9   PRO B CA  1 
ATOM   851  C C   . PRO B 1 9  ? -10.005 0.006   3.686   1.00 20.48 ? 9   PRO B C   1 
ATOM   852  O O   . PRO B 1 9  ? -9.248  0.949   3.907   1.00 19.70 ? 9   PRO B O   1 
ATOM   853  C CB  . PRO B 1 9  ? -8.251  -1.525  4.712   1.00 18.98 ? 9   PRO B CB  1 
ATOM   854  C CG  . PRO B 1 9  ? -7.259  -1.563  3.595   1.00 19.89 ? 9   PRO B CG  1 
ATOM   855  C CD  . PRO B 1 9  ? -7.894  -2.516  2.602   1.00 19.20 ? 9   PRO B CD  1 
ATOM   856  N N   . LEU B 1 10 ? -11.232 0.158   3.199   1.00 22.91 ? 10  LEU B N   1 
ATOM   857  C CA  . LEU B 1 10 ? -11.792 1.467   2.875   1.00 25.70 ? 10  LEU B CA  1 
ATOM   858  C C   . LEU B 1 10 ? -12.503 2.101   4.064   1.00 25.73 ? 10  LEU B C   1 
ATOM   859  O O   . LEU B 1 10 ? -13.239 1.438   4.790   1.00 28.05 ? 10  LEU B O   1 
ATOM   860  C CB  . LEU B 1 10 ? -12.794 1.341   1.727   1.00 26.80 ? 10  LEU B CB  1 
ATOM   861  C CG  . LEU B 1 10 ? -12.255 0.838   0.387   1.00 29.52 ? 10  LEU B CG  1 
ATOM   862  C CD1 . LEU B 1 10 ? -13.413 0.377   -0.499  1.00 30.00 ? 10  LEU B CD1 1 
ATOM   863  C CD2 . LEU B 1 10 ? -11.456 1.943   -0.287  1.00 29.00 ? 10  LEU B CD2 1 
ATOM   864  N N   . VAL B 1 11 ? -12.278 3.391   4.259   1.00 25.68 ? 11  VAL B N   1 
ATOM   865  C CA  . VAL B 1 11 ? -12.929 4.121   5.333   1.00 26.01 ? 11  VAL B CA  1 
ATOM   866  C C   . VAL B 1 11 ? -13.357 5.469   4.798   1.00 25.68 ? 11  VAL B C   1 
ATOM   867  O O   . VAL B 1 11 ? -12.867 5.926   3.768   1.00 25.81 ? 11  VAL B O   1 
ATOM   868  C CB  . VAL B 1 11 ? -11.996 4.359   6.539   1.00 25.83 ? 11  VAL B CB  1 
ATOM   869  C CG1 . VAL B 1 11 ? -11.605 3.035   7.163   1.00 27.33 ? 11  VAL B CG1 1 
ATOM   870  C CG2 . VAL B 1 11 ? -10.762 5.138   6.102   1.00 28.02 ? 11  VAL B CG2 1 
ATOM   871  N N   . THR B 1 12 ? -14.279 6.103   5.502   1.00 28.32 ? 12  THR B N   1 
ATOM   872  C CA  . THR B 1 12 ? -14.759 7.413   5.109   1.00 27.68 ? 12  THR B CA  1 
ATOM   873  C C   . THR B 1 12 ? -13.933 8.445   5.855   1.00 27.98 ? 12  THR B C   1 
ATOM   874  O O   . THR B 1 12 ? -13.688 8.306   7.050   1.00 28.16 ? 12  THR B O   1 
ATOM   875  C CB  . THR B 1 12 ? -16.240 7.598   5.479   1.00 29.19 ? 12  THR B CB  1 
ATOM   876  O OG1 . THR B 1 12 ? -17.030 6.656   4.746   1.00 30.85 ? 12  THR B OG1 1 
ATOM   877  C CG2 . THR B 1 12 ? -16.704 9.013   5.150   1.00 27.89 ? 12  THR B CG2 1 
ATOM   878  N N   . ILE B 1 13 ? -13.480 9.468   5.143   1.00 27.59 ? 13  ILE B N   1 
ATOM   879  C CA  . ILE B 1 13 ? -12.702 10.516  5.777   1.00 28.46 ? 13  ILE B CA  1 
ATOM   880  C C   . ILE B 1 13 ? -13.400 11.837  5.518   1.00 28.19 ? 13  ILE B C   1 
ATOM   881  O O   . ILE B 1 13 ? -14.208 11.949  4.598   1.00 26.15 ? 13  ILE B O   1 
ATOM   882  C CB  . ILE B 1 13 ? -11.272 10.590  5.212   1.00 28.14 ? 13  ILE B CB  1 
ATOM   883  C CG1 . ILE B 1 13 ? -11.313 11.006  3.742   1.00 27.57 ? 13  ILE B CG1 1 
ATOM   884  C CG2 . ILE B 1 13 ? -10.581 9.238   5.376   1.00 27.78 ? 13  ILE B CG2 1 
ATOM   885  C CD1 . ILE B 1 13 ? -9.945  11.212  3.127   1.00 29.08 ? 13  ILE B CD1 1 
ATOM   886  N N   . ARG B 1 14 ? -13.096 12.835  6.335   1.00 30.67 ? 14  ARG B N   1 
ATOM   887  C CA  . ARG B 1 14 ? -13.692 14.144  6.152   1.00 32.00 ? 14  ARG B CA  1 
ATOM   888  C C   . ARG B 1 14 ? -12.561 15.142  6.033   1.00 32.15 ? 14  ARG B C   1 
ATOM   889  O O   . ARG B 1 14 ? -11.738 15.268  6.936   1.00 29.43 ? 14  ARG B O   1 
ATOM   890  C CB  . ARG B 1 14 ? -14.593 14.501  7.336   1.00 36.41 ? 14  ARG B CB  1 
ATOM   891  C CG  . ARG B 1 14 ? -15.601 15.592  7.016   1.00 39.47 ? 14  ARG B CG  1 
ATOM   892  C CD  . ARG B 1 14 ? -16.564 15.822  8.169   1.00 43.51 ? 14  ARG B CD  1 
ATOM   893  N NE  . ARG B 1 14 ? -15.881 16.386  9.326   1.00 46.44 ? 14  ARG B NE  1 
ATOM   894  C CZ  . ARG B 1 14 ? -15.235 17.547  9.310   1.00 47.85 ? 14  ARG B CZ  1 
ATOM   895  N NH1 . ARG B 1 14 ? -14.633 17.989  10.408  1.00 47.88 ? 14  ARG B NH1 1 
ATOM   896  N NH2 . ARG B 1 14 ? -15.194 18.269  8.196   1.00 48.04 ? 14  ARG B NH2 1 
ATOM   897  N N   . ILE B 1 15 ? -12.505 15.832  4.901   1.00 32.77 ? 15  ILE B N   1 
ATOM   898  C CA  . ILE B 1 15 ? -11.461 16.816  4.670   1.00 35.22 ? 15  ILE B CA  1 
ATOM   899  C C   . ILE B 1 15 ? -12.016 18.011  3.909   1.00 37.72 ? 15  ILE B C   1 
ATOM   900  O O   . ILE B 1 15 ? -12.854 17.856  3.022   1.00 36.95 ? 15  ILE B O   1 
ATOM   901  C CB  . ILE B 1 15 ? -10.279 16.200  3.885   1.00 35.49 ? 15  ILE B CB  1 
ATOM   902  C CG1 . ILE B 1 15 ? -9.184  17.251  3.681   1.00 36.20 ? 15  ILE B CG1 1 
ATOM   903  C CG2 . ILE B 1 15 ? -10.767 15.637  2.559   1.00 33.45 ? 15  ILE B CG2 1 
ATOM   904  C CD1 . ILE B 1 15 ? -7.902  16.697  3.102   1.00 35.65 ? 15  ILE B CD1 1 
ATOM   905  N N   . GLY B 1 16 ? -11.550 19.203  4.269   1.00 40.27 ? 16  GLY B N   1 
ATOM   906  C CA  . GLY B 1 16 ? -12.021 20.414  3.621   1.00 41.82 ? 16  GLY B CA  1 
ATOM   907  C C   . GLY B 1 16 ? -13.535 20.546  3.673   1.00 42.49 ? 16  GLY B C   1 
ATOM   908  O O   . GLY B 1 16 ? -14.120 21.338  2.931   1.00 43.21 ? 16  GLY B O   1 
ATOM   909  N N   . GLY B 1 17 ? -14.171 19.768  4.548   1.00 42.01 ? 17  GLY B N   1 
ATOM   910  C CA  . GLY B 1 17 ? -15.619 19.817  4.672   1.00 41.91 ? 17  GLY B CA  1 
ATOM   911  C C   . GLY B 1 17 ? -16.355 18.774  3.847   1.00 42.55 ? 17  GLY B C   1 
ATOM   912  O O   . GLY B 1 17 ? -17.578 18.665  3.930   1.00 43.28 ? 17  GLY B O   1 
ATOM   913  N N   . GLN B 1 18 ? -15.621 18.002  3.051   1.00 41.55 ? 18  GLN B N   1 
ATOM   914  C CA  . GLN B 1 18 ? -16.230 16.968  2.217   1.00 40.88 ? 18  GLN B CA  1 
ATOM   915  C C   . GLN B 1 18 ? -15.990 15.564  2.753   1.00 38.01 ? 18  GLN B C   1 
ATOM   916  O O   . GLN B 1 18 ? -15.048 15.323  3.500   1.00 37.49 ? 18  GLN B O   1 
ATOM   917  C CB  . GLN B 1 18 ? -15.676 17.028  0.796   1.00 43.11 ? 18  GLN B CB  1 
ATOM   918  C CG  . GLN B 1 18 ? -15.940 18.315  0.060   1.00 49.09 ? 18  GLN B CG  1 
ATOM   919  C CD  . GLN B 1 18 ? -15.480 18.248  -1.385  1.00 51.87 ? 18  GLN B CD  1 
ATOM   920  O OE1 . GLN B 1 18 ? -15.565 19.230  -2.117  1.00 54.51 ? 18  GLN B OE1 1 
ATOM   921  N NE2 . GLN B 1 18 ? -14.993 17.083  -1.801  1.00 54.34 ? 18  GLN B NE2 1 
ATOM   922  N N   . LEU B 1 19 ? -16.848 14.636  2.351   1.00 34.75 ? 19  LEU B N   1 
ATOM   923  C CA  . LEU B 1 19 ? -16.717 13.247  2.760   1.00 33.86 ? 19  LEU B CA  1 
ATOM   924  C C   . LEU B 1 19 ? -16.143 12.488  1.578   1.00 32.76 ? 19  LEU B C   1 
ATOM   925  O O   . LEU B 1 19 ? -16.620 12.631  0.453   1.00 32.85 ? 19  LEU B O   1 
ATOM   926  C CB  . LEU B 1 19 ? -18.075 12.644  3.114   1.00 32.27 ? 19  LEU B CB  1 
ATOM   927  C CG  . LEU B 1 19 ? -18.907 13.295  4.218   1.00 35.52 ? 19  LEU B CG  1 
ATOM   928  C CD1 . LEU B 1 19 ? -20.221 12.534  4.365   1.00 34.16 ? 19  LEU B CD1 1 
ATOM   929  C CD2 . LEU B 1 19 ? -18.132 13.291  5.527   1.00 35.06 ? 19  LEU B CD2 1 
ATOM   930  N N   . LYS B 1 20 ? -15.115 11.690  1.823   1.00 31.47 ? 20  LYS B N   1 
ATOM   931  C CA  . LYS B 1 20 ? -14.522 10.914  0.750   1.00 30.81 ? 20  LYS B CA  1 
ATOM   932  C C   . LYS B 1 20 ? -14.124 9.544   1.243   1.00 29.84 ? 20  LYS B C   1 
ATOM   933  O O   . LYS B 1 20 ? -13.889 9.342   2.432   1.00 32.06 ? 20  LYS B O   1 
ATOM   934  C CB  . LYS B 1 20 ? -13.308 11.639  0.160   1.00 31.96 ? 20  LYS B CB  1 
ATOM   935  C CG  . LYS B 1 20 ? -13.679 12.865  -0.666  1.00 34.48 ? 20  LYS B CG  1 
ATOM   936  C CD  . LYS B 1 20 ? -12.695 13.114  -1.808  1.00 36.94 ? 20  LYS B CD  1 
ATOM   937  C CE  . LYS B 1 20 ? -13.183 14.241  -2.720  1.00 37.10 ? 20  LYS B CE  1 
ATOM   938  N NZ  . LYS B 1 20 ? -12.367 14.391  -3.961  1.00 38.85 ? 20  LYS B NZ  1 
ATOM   939  N N   . GLU B 1 21 ? -14.068 8.592   0.323   1.00 30.17 ? 21  GLU B N   1 
ATOM   940  C CA  . GLU B 1 21 ? -13.691 7.235   0.674   1.00 30.04 ? 21  GLU B CA  1 
ATOM   941  C C   . GLU B 1 21 ? -12.182 7.098   0.481   1.00 26.60 ? 21  GLU B C   1 
ATOM   942  O O   . GLU B 1 21 ? -11.628 7.595   -0.499  1.00 25.18 ? 21  GLU B O   1 
ATOM   943  C CB  . GLU B 1 21 ? -14.450 6.250   -0.211  1.00 31.56 ? 21  GLU B CB  1 
ATOM   944  C CG  . GLU B 1 21 ? -14.333 4.813   0.233   1.00 37.75 ? 21  GLU B CG  1 
ATOM   945  C CD  . GLU B 1 21 ? -15.278 3.903   -0.525  1.00 39.29 ? 21  GLU B CD  1 
ATOM   946  O OE1 . GLU B 1 21 ? -15.137 3.802   -1.763  1.00 42.72 ? 21  GLU B OE1 1 
ATOM   947  O OE2 . GLU B 1 21 ? -16.164 3.296   0.115   1.00 40.94 ? 21  GLU B OE2 1 
ATOM   948  N N   . ALA B 1 22 ? -11.514 6.435   1.414   1.00 23.55 ? 22  ALA B N   1 
ATOM   949  C CA  . ALA B 1 22 ? -10.071 6.280   1.314   1.00 20.88 ? 22  ALA B CA  1 
ATOM   950  C C   . ALA B 1 22 ? -9.602  4.928   1.812   1.00 21.07 ? 22  ALA B C   1 
ATOM   951  O O   . ALA B 1 22 ? -10.229 4.298   2.661   1.00 21.54 ? 22  ALA B O   1 
ATOM   952  C CB  . ALA B 1 22 ? -9.367  7.397   2.084   1.00 19.41 ? 22  ALA B CB  1 
ATOM   953  N N   . LEU B 1 23 ? -8.467  4.505   1.286   1.00 18.51 ? 23  LEU B N   1 
ATOM   954  C CA  . LEU B 1 23 ? -7.880  3.226   1.626   1.00 19.42 ? 23  LEU B CA  1 
ATOM   955  C C   . LEU B 1 23 ? -6.763  3.383   2.660   1.00 17.98 ? 23  LEU B C   1 
ATOM   956  O O   . LEU B 1 23 ? -5.841  4.174   2.457   1.00 16.93 ? 23  LEU B O   1 
ATOM   957  C CB  . LEU B 1 23 ? -7.326  2.616   0.341   1.00 22.47 ? 23  LEU B CB  1 
ATOM   958  C CG  . LEU B 1 23 ? -6.618  1.271   0.298   1.00 25.30 ? 23  LEU B CG  1 
ATOM   959  C CD1 . LEU B 1 23 ? -7.638  0.150   0.334   1.00 26.03 ? 23  LEU B CD1 1 
ATOM   960  C CD2 . LEU B 1 23 ? -5.805  1.200   -0.993  1.00 28.70 ? 23  LEU B CD2 1 
ATOM   961  N N   . LEU B 1 24 ? -6.864  2.654   3.773   1.00 15.24 ? 24  LEU B N   1 
ATOM   962  C CA  . LEU B 1 24 ? -5.826  2.675   4.806   1.00 16.38 ? 24  LEU B CA  1 
ATOM   963  C C   . LEU B 1 24 ? -4.715  1.855   4.166   1.00 15.81 ? 24  LEU B C   1 
ATOM   964  O O   . LEU B 1 24 ? -4.820  0.636   4.036   1.00 15.17 ? 24  LEU B O   1 
ATOM   965  C CB  . LEU B 1 24 ? -6.313  1.997   6.090   1.00 15.45 ? 24  LEU B CB  1 
ATOM   966  C CG  . LEU B 1 24 ? -7.572  2.628   6.683   1.00 18.91 ? 24  LEU B CG  1 
ATOM   967  C CD1 . LEU B 1 24 ? -7.911  1.951   8.005   1.00 17.66 ? 24  LEU B CD1 1 
ATOM   968  C CD2 . LEU B 1 24 ? -7.337  4.129   6.876   1.00 18.22 ? 24  LEU B CD2 1 
ATOM   969  N N   . ASN B 1 25 ? -3.656  2.546   3.777   1.00 16.05 ? 25  ASN B N   1 
ATOM   970  C CA  . ASN B 1 25 ? -2.553  1.952   3.044   1.00 15.22 ? 25  ASN B CA  1 
ATOM   971  C C   . ASN B 1 25 ? -1.203  1.982   3.769   1.00 14.63 ? 25  ASN B C   1 
ATOM   972  O O   . ASN B 1 25 ? -0.507  2.997   3.752   1.00 13.28 ? 25  ASN B O   1 
ATOM   973  C CB  . ASN B 1 25 ? -2.470  2.704   1.709   1.00 14.36 ? 25  ASN B CB  1 
ATOM   974  C CG  . ASN B 1 25 ? -1.447  2.138   0.767   1.00 14.68 ? 25  ASN B CG  1 
ATOM   975  O OD1 . ASN B 1 25 ? -0.750  1.172   1.078   1.00 11.52 ? 25  ASN B OD1 1 
ATOM   976  N ND2 . ASN B 1 25 ? -1.349  2.747   -0.408  1.00 15.93 ? 25  ASN B ND2 1 
ATOM   977  N N   . THR B 1 26 ? -0.832  0.863   4.391   1.00 13.36 ? 26  THR B N   1 
ATOM   978  C CA  . THR B 1 26 ? 0.441   0.778   5.096   1.00 14.02 ? 26  THR B CA  1 
ATOM   979  C C   . THR B 1 26 ? 1.626   0.767   4.133   1.00 14.71 ? 26  THR B C   1 
ATOM   980  O O   . THR B 1 26 ? 2.771   0.859   4.566   1.00 14.36 ? 26  THR B O   1 
ATOM   981  C CB  . THR B 1 26 ? 0.534   -0.487  5.975   1.00 15.90 ? 26  THR B CB  1 
ATOM   982  O OG1 . THR B 1 26 ? 0.387   -1.656  5.158   1.00 15.28 ? 26  THR B OG1 1 
ATOM   983  C CG2 . THR B 1 26 ? -0.543  -0.468  7.065   1.00 14.30 ? 26  THR B CG2 1 
ATOM   984  N N   . GLY B 1 27 ? 1.342   0.647   2.835   1.00 15.75 ? 27  GLY B N   1 
ATOM   985  C CA  . GLY B 1 27 ? 2.390   0.630   1.822   1.00 13.38 ? 27  GLY B CA  1 
ATOM   986  C C   . GLY B 1 27 ? 2.700   1.984   1.198   1.00 15.72 ? 27  GLY B C   1 
ATOM   987  O O   . GLY B 1 27 ? 3.453   2.080   0.219   1.00 15.99 ? 27  GLY B O   1 
ATOM   988  N N   . ALA B 1 28 ? 2.118   3.040   1.758   1.00 14.68 ? 28  ALA B N   1 
ATOM   989  C CA  . ALA B 1 28 ? 2.368   4.386   1.263   1.00 14.38 ? 28  ALA B CA  1 
ATOM   990  C C   . ALA B 1 28 ? 2.965   5.219   2.392   1.00 14.74 ? 28  ALA B C   1 
ATOM   991  O O   . ALA B 1 28 ? 2.461   5.185   3.523   1.00 13.01 ? 28  ALA B O   1 
ATOM   992  C CB  . ALA B 1 28 ? 1.065   5.021   0.777   1.00 15.71 ? 28  ALA B CB  1 
ATOM   993  N N   . ASP B 1 29 ? 4.034   5.959   2.101   1.00 12.00 ? 29  ASP B N   1 
ATOM   994  C CA  . ASP B 1 29 ? 4.654   6.793   3.122   1.00 16.00 ? 29  ASP B CA  1 
ATOM   995  C C   . ASP B 1 29 ? 3.778   8.016   3.371   1.00 16.70 ? 29  ASP B C   1 
ATOM   996  O O   . ASP B 1 29 ? 3.656   8.499   4.501   1.00 16.23 ? 29  ASP B O   1 
ATOM   997  C CB  . ASP B 1 29 ? 6.035   7.297   2.682   1.00 18.34 ? 29  ASP B CB  1 
ATOM   998  C CG  . ASP B 1 29 ? 7.000   6.173   2.336   1.00 20.72 ? 29  ASP B CG  1 
ATOM   999  O OD1 . ASP B 1 29 ? 6.957   5.110   2.983   1.00 21.74 ? 29  ASP B OD1 1 
ATOM   1000 O OD2 . ASP B 1 29 ? 7.818   6.372   1.418   1.00 21.31 ? 29  ASP B OD2 1 
ATOM   1001 N N   . ASP B 1 30 ? 3.170   8.502   2.297   1.00 16.50 ? 30  ASP B N   1 
ATOM   1002 C CA  . ASP B 1 30 ? 2.342   9.693   2.345   1.00 18.37 ? 30  ASP B CA  1 
ATOM   1003 C C   . ASP B 1 30 ? 0.875   9.429   2.065   1.00 18.72 ? 30  ASP B C   1 
ATOM   1004 O O   . ASP B 1 30 ? 0.481   8.319   1.692   1.00 19.67 ? 30  ASP B O   1 
ATOM   1005 C CB  . ASP B 1 30 ? 2.855   10.706  1.323   1.00 21.41 ? 30  ASP B CB  1 
ATOM   1006 C CG  . ASP B 1 30 ? 4.337   10.981  1.469   1.00 22.10 ? 30  ASP B CG  1 
ATOM   1007 O OD1 . ASP B 1 30 ? 4.752   11.454  2.543   1.00 26.25 ? 30  ASP B OD1 1 
ATOM   1008 O OD2 . ASP B 1 30 ? 5.084   10.721  0.507   1.00 26.59 ? 30  ASP B OD2 1 
ATOM   1009 N N   . THR B 1 31 ? 0.084   10.481  2.241   1.00 16.09 ? 31  THR B N   1 
ATOM   1010 C CA  . THR B 1 31 ? -1.344  10.456  1.992   1.00 17.34 ? 31  THR B CA  1 
ATOM   1011 C C   . THR B 1 31 ? -1.591  11.169  0.651   1.00 18.23 ? 31  THR B C   1 
ATOM   1012 O O   . THR B 1 31 ? -1.184  12.316  0.454   1.00 19.38 ? 31  THR B O   1 
ATOM   1013 C CB  . THR B 1 31 ? -2.074  11.154  3.142   1.00 15.84 ? 31  THR B CB  1 
ATOM   1014 O OG1 . THR B 1 31 ? -2.040  10.307  4.301   1.00 15.54 ? 31  THR B OG1 1 
ATOM   1015 C CG2 . THR B 1 31 ? -3.502  11.466  2.769   1.00 14.96 ? 31  THR B CG2 1 
ATOM   1016 N N   . VAL B 1 32 ? -2.239  10.477  -0.277  1.00 20.03 ? 32  VAL B N   1 
ATOM   1017 C CA  . VAL B 1 32 ? -2.491  11.032  -1.602  1.00 19.68 ? 32  VAL B CA  1 
ATOM   1018 C C   . VAL B 1 32 ? -3.973  10.980  -1.963  1.00 19.90 ? 32  VAL B C   1 
ATOM   1019 O O   . VAL B 1 32 ? -4.595  9.927   -1.926  1.00 20.76 ? 32  VAL B O   1 
ATOM   1020 C CB  . VAL B 1 32 ? -1.687  10.262  -2.688  1.00 21.67 ? 32  VAL B CB  1 
ATOM   1021 C CG1 . VAL B 1 32 ? -1.679  11.052  -3.994  1.00 18.35 ? 32  VAL B CG1 1 
ATOM   1022 C CG2 . VAL B 1 32 ? -0.260  10.001  -2.201  1.00 22.06 ? 32  VAL B CG2 1 
ATOM   1023 N N   . LEU B 1 33 ? -4.524  12.131  -2.321  1.00 20.06 ? 33  LEU B N   1 
ATOM   1024 C CA  . LEU B 1 33 ? -5.925  12.224  -2.682  1.00 18.99 ? 33  LEU B CA  1 
ATOM   1025 C C   . LEU B 1 33 ? -6.089  12.607  -4.141  1.00 19.39 ? 33  LEU B C   1 
ATOM   1026 O O   . LEU B 1 33 ? -5.224  13.239  -4.732  1.00 16.12 ? 33  LEU B O   1 
ATOM   1027 C CB  . LEU B 1 33 ? -6.607  13.259  -1.798  1.00 18.60 ? 33  LEU B CB  1 
ATOM   1028 C CG  . LEU B 1 33 ? -6.367  13.085  -0.298  1.00 19.30 ? 33  LEU B CG  1 
ATOM   1029 C CD1 . LEU B 1 33 ? -7.118  14.178  0.462   1.00 22.05 ? 33  LEU B CD1 1 
ATOM   1030 C CD2 . LEU B 1 33 ? -6.832  11.711  0.149   1.00 20.93 ? 33  LEU B CD2 1 
ATOM   1031 N N   . GLU B 1 34 ? -7.207  12.207  -4.722  1.00 22.45 ? 34  GLU B N   1 
ATOM   1032 C CA  . GLU B 1 34 ? -7.491  12.522  -6.114  1.00 26.83 ? 34  GLU B CA  1 
ATOM   1033 C C   . GLU B 1 34 ? -7.645  14.032  -6.270  1.00 27.64 ? 34  GLU B C   1 
ATOM   1034 O O   . GLU B 1 34 ? -7.886  14.741  -5.299  1.00 24.64 ? 34  GLU B O   1 
ATOM   1035 C CB  . GLU B 1 34 ? -8.772  11.806  -6.552  1.00 29.78 ? 34  GLU B CB  1 
ATOM   1036 C CG  . GLU B 1 34 ? -9.900  11.906  -5.535  1.00 37.28 ? 34  GLU B CG  1 
ATOM   1037 C CD  . GLU B 1 34 ? -10.980 10.862  -5.750  1.00 40.49 ? 34  GLU B CD  1 
ATOM   1038 O OE1 . GLU B 1 34 ? -10.626 9.704   -6.063  1.00 41.71 ? 34  GLU B OE1 1 
ATOM   1039 O OE2 . GLU B 1 34 ? -12.174 11.196  -5.589  1.00 42.81 ? 34  GLU B OE2 1 
ATOM   1040 N N   . GLU B 1 35 ? -7.493  14.516  -7.496  1.00 30.05 ? 35  GLU B N   1 
ATOM   1041 C CA  . GLU B 1 35 ? -7.624  15.940  -7.778  1.00 35.28 ? 35  GLU B CA  1 
ATOM   1042 C C   . GLU B 1 35 ? -8.818  16.550  -7.035  1.00 34.15 ? 35  GLU B C   1 
ATOM   1043 O O   . GLU B 1 35 ? -9.908  15.990  -7.031  1.00 35.48 ? 35  GLU B O   1 
ATOM   1044 C CB  . GLU B 1 35 ? -7.780  16.157  -9.288  1.00 38.06 ? 35  GLU B CB  1 
ATOM   1045 C CG  . GLU B 1 35 ? -6.505  15.908  -10.093 1.00 44.73 ? 35  GLU B CG  1 
ATOM   1046 C CD  . GLU B 1 35 ? -5.454  16.968  -9.834  1.00 46.78 ? 35  GLU B CD  1 
ATOM   1047 O OE1 . GLU B 1 35 ? -4.354  16.887  -10.429 1.00 48.50 ? 35  GLU B OE1 1 
ATOM   1048 O OE2 . GLU B 1 35 ? -5.736  17.887  -9.033  1.00 48.58 ? 35  GLU B OE2 1 
ATOM   1049 N N   . MET B 1 36 ? -8.588  17.689  -6.392  1.00 34.13 ? 36  MET B N   1 
ATOM   1050 C CA  . MET B 1 36 ? -9.619  18.407  -5.643  1.00 34.77 ? 36  MET B CA  1 
ATOM   1051 C C   . MET B 1 36 ? -9.009  19.737  -5.211  1.00 34.63 ? 36  MET B C   1 
ATOM   1052 O O   . MET B 1 36 ? -7.800  19.926  -5.297  1.00 32.32 ? 36  MET B O   1 
ATOM   1053 C CB  . MET B 1 36 ? -10.061 17.612  -4.404  1.00 32.65 ? 36  MET B CB  1 
ATOM   1054 C CG  . MET B 1 36 ? -9.039  17.550  -3.269  1.00 34.64 ? 36  MET B CG  1 
ATOM   1055 S SD  . MET B 1 36 ? -9.688  16.651  -1.829  1.00 34.06 ? 36  MET B SD  1 
ATOM   1056 C CE  . MET B 1 36 ? -11.094 17.693  -1.393  1.00 35.18 ? 36  MET B CE  1 
ATOM   1057 N N   . ASN B 1 37 ? -9.837  20.662  -4.749  1.00 37.60 ? 37  ASN B N   1 
ATOM   1058 C CA  . ASN B 1 37 ? -9.315  21.951  -4.323  1.00 38.40 ? 37  ASN B CA  1 
ATOM   1059 C C   . ASN B 1 37 ? -9.188  22.071  -2.816  1.00 38.29 ? 37  ASN B C   1 
ATOM   1060 O O   . ASN B 1 37 ? -10.143 21.867  -2.077  1.00 38.06 ? 37  ASN B O   1 
ATOM   1061 C CB  . ASN B 1 37 ? -10.186 23.095  -4.853  1.00 41.10 ? 37  ASN B CB  1 
ATOM   1062 C CG  . ASN B 1 37 ? -9.898  23.425  -6.310  1.00 43.55 ? 37  ASN B CG  1 
ATOM   1063 O OD1 . ASN B 1 37 ? -10.511 24.324  -6.888  1.00 45.88 ? 37  ASN B OD1 1 
ATOM   1064 N ND2 . ASN B 1 37 ? -8.953  22.707  -6.906  1.00 44.10 ? 37  ASN B ND2 1 
ATOM   1065 N N   . LEU B 1 38 ? -7.984  22.384  -2.366  1.00 37.89 ? 38  LEU B N   1 
ATOM   1066 C CA  . LEU B 1 38 ? -7.746  22.578  -0.954  1.00 38.96 ? 38  LEU B CA  1 
ATOM   1067 C C   . LEU B 1 38 ? -7.207  23.988  -0.829  1.00 39.90 ? 38  LEU B C   1 
ATOM   1068 O O   . LEU B 1 38 ? -6.490  24.466  -1.706  1.00 41.22 ? 38  LEU B O   1 
ATOM   1069 C CB  . LEU B 1 38 ? -6.720  21.574  -0.425  1.00 36.38 ? 38  LEU B CB  1 
ATOM   1070 C CG  . LEU B 1 38 ? -7.137  20.103  -0.453  1.00 34.27 ? 38  LEU B CG  1 
ATOM   1071 C CD1 . LEU B 1 38 ? -5.989  19.236  0.044   1.00 31.01 ? 38  LEU B CD1 1 
ATOM   1072 C CD2 . LEU B 1 38 ? -8.378  19.909  0.402   1.00 32.48 ? 38  LEU B CD2 1 
ATOM   1073 N N   . PRO B 1 39 ? -7.561  24.682  0.255   1.00 42.35 ? 39  PRO B N   1 
ATOM   1074 C CA  . PRO B 1 39 ? -7.098  26.053  0.481   1.00 42.75 ? 39  PRO B CA  1 
ATOM   1075 C C   . PRO B 1 39 ? -5.625  26.065  0.874   1.00 43.36 ? 39  PRO B C   1 
ATOM   1076 O O   . PRO B 1 39 ? -5.035  25.015  1.126   1.00 43.47 ? 39  PRO B O   1 
ATOM   1077 C CB  . PRO B 1 39 ? -7.995  26.527  1.612   1.00 43.30 ? 39  PRO B CB  1 
ATOM   1078 C CG  . PRO B 1 39 ? -8.168  25.265  2.418   1.00 43.36 ? 39  PRO B CG  1 
ATOM   1079 C CD  . PRO B 1 39 ? -8.441  24.235  1.352   1.00 42.24 ? 39  PRO B CD  1 
ATOM   1080 N N   . GLY B 1 40 ? -5.035  27.252  0.919   1.00 43.71 ? 40  GLY B N   1 
ATOM   1081 C CA  . GLY B 1 40 ? -3.641  27.362  1.303   1.00 43.48 ? 40  GLY B CA  1 
ATOM   1082 C C   . GLY B 1 40 ? -2.668  27.281  0.145   1.00 42.94 ? 40  GLY B C   1 
ATOM   1083 O O   . GLY B 1 40 ? -3.046  26.984  -0.989  1.00 43.11 ? 40  GLY B O   1 
ATOM   1084 N N   . LYS B 1 41 ? -1.402  27.548  0.438   1.00 41.83 ? 41  LYS B N   1 
ATOM   1085 C CA  . LYS B 1 41 ? -0.366  27.504  -0.577  1.00 41.55 ? 41  LYS B CA  1 
ATOM   1086 C C   . LYS B 1 41 ? 0.058   26.061  -0.815  1.00 41.41 ? 41  LYS B C   1 
ATOM   1087 O O   . LYS B 1 41 ? 0.148   25.264  0.122   1.00 40.74 ? 41  LYS B O   1 
ATOM   1088 C CB  . LYS B 1 41 ? 0.830   28.335  -0.138  1.00 40.88 ? 41  LYS B CB  1 
ATOM   1089 N N   . TRP B 1 42 ? 0.306   25.724  -2.074  1.00 40.11 ? 42  TRP B N   1 
ATOM   1090 C CA  . TRP B 1 42 ? 0.738   24.379  -2.408  1.00 38.18 ? 42  TRP B CA  1 
ATOM   1091 C C   . TRP B 1 42 ? 1.998   24.447  -3.258  1.00 37.85 ? 42  TRP B C   1 
ATOM   1092 O O   . TRP B 1 42 ? 2.194   25.400  -4.028  1.00 37.45 ? 42  TRP B O   1 
ATOM   1093 C CB  . TRP B 1 42 ? -0.365  23.626  -3.162  1.00 38.98 ? 42  TRP B CB  1 
ATOM   1094 C CG  . TRP B 1 42 ? -0.715  24.208  -4.506  1.00 39.78 ? 42  TRP B CG  1 
ATOM   1095 C CD1 . TRP B 1 42 ? -1.730  25.078  -4.789  1.00 39.71 ? 42  TRP B CD1 1 
ATOM   1096 C CD2 . TRP B 1 42 ? -0.046  23.953  -5.750  1.00 39.12 ? 42  TRP B CD2 1 
ATOM   1097 N NE1 . TRP B 1 42 ? -1.739  25.378  -6.133  1.00 38.74 ? 42  TRP B NE1 1 
ATOM   1098 C CE2 . TRP B 1 42 ? -0.717  24.700  -6.746  1.00 39.45 ? 42  TRP B CE2 1 
ATOM   1099 C CE3 . TRP B 1 42 ? 1.051   23.164  -6.121  1.00 38.61 ? 42  TRP B CE3 1 
ATOM   1100 C CZ2 . TRP B 1 42 ? -0.322  24.682  -8.090  1.00 38.82 ? 42  TRP B CZ2 1 
ATOM   1101 C CZ3 . TRP B 1 42 ? 1.444   23.146  -7.462  1.00 38.50 ? 42  TRP B CZ3 1 
ATOM   1102 C CH2 . TRP B 1 42 ? 0.756   23.901  -8.427  1.00 38.40 ? 42  TRP B CH2 1 
ATOM   1103 N N   . LYS B 1 43 ? 2.854   23.441  -3.107  1.00 34.10 ? 43  LYS B N   1 
ATOM   1104 C CA  . LYS B 1 43 ? 4.096   23.366  -3.863  1.00 32.53 ? 43  LYS B CA  1 
ATOM   1105 C C   . LYS B 1 43 ? 4.120   22.071  -4.663  1.00 32.01 ? 43  LYS B C   1 
ATOM   1106 O O   . LYS B 1 43 ? 3.582   21.056  -4.225  1.00 31.95 ? 43  LYS B O   1 
ATOM   1107 C CB  . LYS B 1 43 ? 5.296   23.425  -2.917  1.00 32.79 ? 43  LYS B CB  1 
ATOM   1108 N N   . PRO B 1 44 ? 4.740   22.094  -5.855  1.00 31.86 ? 44  PRO B N   1 
ATOM   1109 C CA  . PRO B 1 44 ? 4.836   20.916  -6.720  1.00 31.09 ? 44  PRO B CA  1 
ATOM   1110 C C   . PRO B 1 44 ? 5.785   19.871  -6.144  1.00 30.64 ? 44  PRO B C   1 
ATOM   1111 O O   . PRO B 1 44 ? 6.845   20.207  -5.618  1.00 30.52 ? 44  PRO B O   1 
ATOM   1112 C CB  . PRO B 1 44 ? 5.372   21.487  -8.037  1.00 31.08 ? 44  PRO B CB  1 
ATOM   1113 C CG  . PRO B 1 44 ? 5.002   22.940  -7.983  1.00 32.58 ? 44  PRO B CG  1 
ATOM   1114 C CD  . PRO B 1 44 ? 5.257   23.287  -6.545  1.00 31.59 ? 44  PRO B CD  1 
ATOM   1115 N N   . LYS B 1 45 ? 5.405   18.603  -6.244  1.00 29.90 ? 45  LYS B N   1 
ATOM   1116 C CA  . LYS B 1 45 ? 6.249   17.522  -5.752  1.00 29.21 ? 45  LYS B CA  1 
ATOM   1117 C C   . LYS B 1 45 ? 6.059   16.309  -6.641  1.00 28.54 ? 45  LYS B C   1 
ATOM   1118 O O   . LYS B 1 45 ? 5.134   16.256  -7.449  1.00 25.61 ? 45  LYS B O   1 
ATOM   1119 C CB  . LYS B 1 45 ? 5.899   17.158  -4.302  1.00 32.05 ? 45  LYS B CB  1 
ATOM   1120 C CG  . LYS B 1 45 ? 6.285   18.215  -3.257  1.00 36.88 ? 45  LYS B CG  1 
ATOM   1121 C CD  . LYS B 1 45 ? 7.777   18.548  -3.313  1.00 38.84 ? 45  LYS B CD  1 
ATOM   1122 C CE  . LYS B 1 45 ? 8.198   19.571  -2.252  1.00 40.97 ? 45  LYS B CE  1 
ATOM   1123 N NZ  . LYS B 1 45 ? 8.389   18.977  -0.889  1.00 41.93 ? 45  LYS B NZ  1 
ATOM   1124 N N   . MET B 1 46 ? 6.951   15.339  -6.507  1.00 28.13 ? 46  MET B N   1 
ATOM   1125 C CA  . MET B 1 46 ? 6.845   14.125  -7.289  1.00 28.45 ? 46  MET B CA  1 
ATOM   1126 C C   . MET B 1 46 ? 6.950   12.931  -6.371  1.00 27.44 ? 46  MET B C   1 
ATOM   1127 O O   . MET B 1 46 ? 7.790   12.907  -5.478  1.00 28.67 ? 46  MET B O   1 
ATOM   1128 C CB  . MET B 1 46 ? 7.943   14.067  -8.343  1.00 30.39 ? 46  MET B CB  1 
ATOM   1129 C CG  . MET B 1 46 ? 7.706   15.004  -9.509  1.00 32.91 ? 46  MET B CG  1 
ATOM   1130 S SD  . MET B 1 46 ? 8.947   14.770  -10.782 1.00 37.50 ? 46  MET B SD  1 
ATOM   1131 C CE  . MET B 1 46 ? 8.299   13.306  -11.607 1.00 35.04 ? 46  MET B CE  1 
ATOM   1132 N N   . ILE B 1 47 ? 6.077   11.951  -6.579  1.00 24.74 ? 47  ILE B N   1 
ATOM   1133 C CA  . ILE B 1 47 ? 6.082   10.739  -5.772  1.00 24.43 ? 47  ILE B CA  1 
ATOM   1134 C C   . ILE B 1 47 ? 6.109   9.526   -6.687  1.00 22.88 ? 47  ILE B C   1 
ATOM   1135 O O   . ILE B 1 47 ? 5.696   9.595   -7.843  1.00 23.80 ? 47  ILE B O   1 
ATOM   1136 C CB  . ILE B 1 47 ? 4.830   10.632  -4.848  1.00 24.49 ? 47  ILE B CB  1 
ATOM   1137 C CG1 . ILE B 1 47 ? 3.547   10.625  -5.692  1.00 24.09 ? 47  ILE B CG1 1 
ATOM   1138 C CG2 . ILE B 1 47 ? 4.823   11.778  -3.846  1.00 23.71 ? 47  ILE B CG2 1 
ATOM   1139 C CD1 . ILE B 1 47 ? 2.277   10.430  -4.872  1.00 24.61 ? 47  ILE B CD1 1 
ATOM   1140 N N   . GLY B 1 48 ? 6.591   8.412   -6.156  1.00 23.37 ? 48  GLY B N   1 
ATOM   1141 C CA  . GLY B 1 48 ? 6.675   7.208   -6.949  1.00 24.19 ? 48  GLY B CA  1 
ATOM   1142 C C   . GLY B 1 48 ? 5.752   6.114   -6.472  1.00 24.77 ? 48  GLY B C   1 
ATOM   1143 O O   . GLY B 1 48 ? 5.414   6.013   -5.289  1.00 25.47 ? 48  GLY B O   1 
ATOM   1144 N N   . GLY B 1 49 ? 5.341   5.285   -7.413  1.00 24.28 ? 49  GLY B N   1 
ATOM   1145 C CA  . GLY B 1 49 ? 4.465   4.183   -7.088  1.00 26.29 ? 49  GLY B CA  1 
ATOM   1146 C C   . GLY B 1 49 ? 4.882   3.009   -7.939  1.00 26.43 ? 49  GLY B C   1 
ATOM   1147 O O   . GLY B 1 49 ? 5.971   2.992   -8.507  1.00 25.95 ? 49  GLY B O   1 
ATOM   1148 N N   1 ILE B 1 50 ? 4.023   2.001   -8.007  0.50 26.36 ? 50  ILE B N   1 
ATOM   1149 N N   2 ILE B 1 50 ? 4.003   2.026   -8.046  0.50 27.75 ? 50  ILE B N   1 
ATOM   1150 C CA  1 ILE B 1 50 ? 4.321   0.784   -8.751  0.50 25.62 ? 50  ILE B CA  1 
ATOM   1151 C CA  2 ILE B 1 50 ? 4.294   0.897   -8.899  0.50 28.20 ? 50  ILE B CA  1 
ATOM   1152 C C   1 ILE B 1 50 ? 4.548   0.962   -10.251 0.50 23.68 ? 50  ILE B C   1 
ATOM   1153 C C   2 ILE B 1 50 ? 3.939   1.480   -10.266 0.50 27.07 ? 50  ILE B C   1 
ATOM   1154 O O   1 ILE B 1 50 ? 5.352   0.241   -10.837 0.50 23.02 ? 50  ILE B O   1 
ATOM   1155 O O   2 ILE B 1 50 ? 2.916   2.155   -10.414 0.50 26.68 ? 50  ILE B O   1 
ATOM   1156 C CB  1 ILE B 1 50 ? 3.204   -0.273  -8.536  0.50 26.77 ? 50  ILE B CB  1 
ATOM   1157 C CB  2 ILE B 1 50 ? 3.392   -0.319  -8.553  0.50 29.68 ? 50  ILE B CB  1 
ATOM   1158 C CG1 1 ILE B 1 50 ? 3.688   -1.649  -8.995  0.50 28.26 ? 50  ILE B CG1 1 
ATOM   1159 C CG1 2 ILE B 1 50 ? 3.973   -1.589  -9.177  0.50 31.40 ? 50  ILE B CG1 1 
ATOM   1160 C CG2 1 ILE B 1 50 ? 1.956   0.122   -9.304  0.50 27.08 ? 50  ILE B CG2 1 
ATOM   1161 C CG2 2 ILE B 1 50 ? 1.972   -0.089  -9.046  0.50 30.12 ? 50  ILE B CG2 1 
ATOM   1162 C CD1 1 ILE B 1 50 ? 4.821   -2.199  -8.157  0.50 29.82 ? 50  ILE B CD1 1 
ATOM   1163 C CD1 2 ILE B 1 50 ? 5.358   -1.930  -8.660  0.50 32.98 ? 50  ILE B CD1 1 
ATOM   1164 N N   1 GLY B 1 51 ? 3.855   1.916   -10.868 0.50 22.98 ? 51  GLY B N   1 
ATOM   1165 N N   2 GLY B 1 51 ? 4.799   1.277   -11.253 0.50 27.18 ? 51  GLY B N   1 
ATOM   1166 C CA  1 GLY B 1 51 ? 4.009   2.122   -12.301 0.50 23.37 ? 51  GLY B CA  1 
ATOM   1167 C CA  2 GLY B 1 51 ? 4.506   1.818   -12.566 0.50 26.18 ? 51  GLY B CA  1 
ATOM   1168 C C   1 GLY B 1 51 ? 4.660   3.427   -12.718 0.50 24.17 ? 51  GLY B C   1 
ATOM   1169 C C   2 GLY B 1 51 ? 5.207   3.120   -12.905 0.50 25.59 ? 51  GLY B C   1 
ATOM   1170 O O   1 GLY B 1 51 ? 4.339   3.983   -13.766 0.50 24.69 ? 51  GLY B O   1 
ATOM   1171 O O   2 GLY B 1 51 ? 5.400   3.415   -14.080 0.50 26.03 ? 51  GLY B O   1 
ATOM   1172 N N   . GLY B 1 52 ? 5.586   3.912   -11.902 1.00 25.37 ? 52  GLY B N   1 
ATOM   1173 C CA  . GLY B 1 52 ? 6.266   5.159   -12.207 1.00 24.58 ? 52  GLY B CA  1 
ATOM   1174 C C   . GLY B 1 52 ? 6.045   6.306   -11.237 1.00 26.34 ? 52  GLY B C   1 
ATOM   1175 O O   . GLY B 1 52 ? 5.504   6.123   -10.141 1.00 25.17 ? 52  GLY B O   1 
ATOM   1176 N N   . PHE B 1 53 ? 6.472   7.495   -11.658 1.00 23.32 ? 53  PHE B N   1 
ATOM   1177 C CA  . PHE B 1 53 ? 6.351   8.702   -10.853 1.00 24.35 ? 53  PHE B CA  1 
ATOM   1178 C C   . PHE B 1 53 ? 5.300   9.659   -11.395 1.00 22.52 ? 53  PHE B C   1 
ATOM   1179 O O   . PHE B 1 53 ? 5.061   9.710   -12.600 1.00 24.18 ? 53  PHE B O   1 
ATOM   1180 C CB  . PHE B 1 53 ? 7.699   9.430   -10.791 1.00 23.24 ? 53  PHE B CB  1 
ATOM   1181 C CG  . PHE B 1 53 ? 8.731   8.719   -9.970  1.00 23.19 ? 53  PHE B CG  1 
ATOM   1182 C CD1 . PHE B 1 53 ? 9.319   7.545   -10.428 1.00 23.28 ? 53  PHE B CD1 1 
ATOM   1183 C CD2 . PHE B 1 53 ? 9.081   9.199   -8.713  1.00 23.76 ? 53  PHE B CD2 1 
ATOM   1184 C CE1 . PHE B 1 53 ? 10.241  6.856   -9.646  1.00 23.40 ? 53  PHE B CE1 1 
ATOM   1185 C CE2 . PHE B 1 53 ? 10.006  8.517   -7.921  1.00 24.15 ? 53  PHE B CE2 1 
ATOM   1186 C CZ  . PHE B 1 53 ? 10.584  7.341   -8.390  1.00 24.64 ? 53  PHE B CZ  1 
ATOM   1187 N N   . ILE B 1 54 ? 4.668   10.411  -10.504 1.00 21.18 ? 54  ILE B N   1 
ATOM   1188 C CA  . ILE B 1 54 ? 3.671   11.386  -10.921 1.00 22.68 ? 54  ILE B CA  1 
ATOM   1189 C C   . ILE B 1 54 ? 3.875   12.707  -10.196 1.00 21.67 ? 54  ILE B C   1 
ATOM   1190 O O   . ILE B 1 54 ? 4.546   12.765  -9.166  1.00 22.13 ? 54  ILE B O   1 
ATOM   1191 C CB  . ILE B 1 54 ? 2.219   10.888  -10.676 1.00 22.01 ? 54  ILE B CB  1 
ATOM   1192 C CG1 . ILE B 1 54 ? 1.965   10.689  -9.182  1.00 22.75 ? 54  ILE B CG1 1 
ATOM   1193 C CG2 . ILE B 1 54 ? 1.989   9.572   -11.428 1.00 23.25 ? 54  ILE B CG2 1 
ATOM   1194 C CD1 . ILE B 1 54 ? 0.529   10.348  -8.845  1.00 25.70 ? 54  ILE B CD1 1 
ATOM   1195 N N   . LYS B 1 55 ? 3.295   13.767  -10.746 1.00 22.07 ? 55  LYS B N   1 
ATOM   1196 C CA  . LYS B 1 55 ? 3.397   15.097  -10.155 1.00 23.62 ? 55  LYS B CA  1 
ATOM   1197 C C   . LYS B 1 55 ? 2.178   15.340  -9.285  1.00 22.41 ? 55  LYS B C   1 
ATOM   1198 O O   . LYS B 1 55 ? 1.055   15.018  -9.671  1.00 23.74 ? 55  LYS B O   1 
ATOM   1199 C CB  . LYS B 1 55 ? 3.464   16.174  -11.250 1.00 26.56 ? 55  LYS B CB  1 
ATOM   1200 C CG  . LYS B 1 55 ? 4.834   16.358  -11.886 1.00 31.61 ? 55  LYS B CG  1 
ATOM   1201 C CD  . LYS B 1 55 ? 4.776   17.293  -13.103 1.00 35.80 ? 55  LYS B CD  1 
ATOM   1202 C CE  . LYS B 1 55 ? 6.148   17.434  -13.759 1.00 37.64 ? 55  LYS B CE  1 
ATOM   1203 N NZ  . LYS B 1 55 ? 6.100   18.208  -15.040 1.00 40.61 ? 55  LYS B NZ  1 
ATOM   1204 N N   . VAL B 1 56 ? 2.396   15.906  -8.108  1.00 21.47 ? 56  VAL B N   1 
ATOM   1205 C CA  . VAL B 1 56 ? 1.297   16.184  -7.200  1.00 23.83 ? 56  VAL B CA  1 
ATOM   1206 C C   . VAL B 1 56 ? 1.460   17.567  -6.583  1.00 24.94 ? 56  VAL B C   1 
ATOM   1207 O O   . VAL B 1 56 ? 2.482   18.228  -6.784  1.00 24.53 ? 56  VAL B O   1 
ATOM   1208 C CB  . VAL B 1 56 ? 1.232   15.129  -6.064  1.00 23.25 ? 56  VAL B CB  1 
ATOM   1209 C CG1 . VAL B 1 56 ? 0.918   13.747  -6.645  1.00 20.43 ? 56  VAL B CG1 1 
ATOM   1210 C CG2 . VAL B 1 56 ? 2.547   15.101  -5.305  1.00 21.86 ? 56  VAL B CG2 1 
ATOM   1211 N N   . ARG B 1 57 ? 0.438   18.002  -5.854  1.00 25.10 ? 57  ARG B N   1 
ATOM   1212 C CA  . ARG B 1 57 ? 0.463   19.291  -5.169  1.00 27.87 ? 57  ARG B CA  1 
ATOM   1213 C C   . ARG B 1 57 ? 0.501   18.992  -3.670  1.00 27.34 ? 57  ARG B C   1 
ATOM   1214 O O   . ARG B 1 57 ? -0.344  18.255  -3.161  1.00 25.21 ? 57  ARG B O   1 
ATOM   1215 C CB  . ARG B 1 57 ? -0.787  20.114  -5.504  1.00 27.65 ? 57  ARG B CB  1 
ATOM   1216 C CG  . ARG B 1 57 ? -1.041  20.299  -6.998  1.00 32.96 ? 57  ARG B CG  1 
ATOM   1217 C CD  . ARG B 1 57 ? -1.994  21.465  -7.275  1.00 36.74 ? 57  ARG B CD  1 
ATOM   1218 N NE  . ARG B 1 57 ? -3.261  21.369  -6.551  1.00 41.30 ? 57  ARG B NE  1 
ATOM   1219 C CZ  . ARG B 1 57 ? -4.268  20.566  -6.886  1.00 44.71 ? 57  ARG B CZ  1 
ATOM   1220 N NH1 . ARG B 1 57 ? -4.172  19.775  -7.946  1.00 47.25 ? 57  ARG B NH1 1 
ATOM   1221 N NH2 . ARG B 1 57 ? -5.380  20.558  -6.163  1.00 45.36 ? 57  ARG B NH2 1 
ATOM   1222 N N   . GLN B 1 58 ? 1.480   19.557  -2.967  1.00 26.36 ? 58  GLN B N   1 
ATOM   1223 C CA  . GLN B 1 58 ? 1.609   19.320  -1.532  1.00 27.99 ? 58  GLN B CA  1 
ATOM   1224 C C   . GLN B 1 58 ? 0.983   20.421  -0.686  1.00 28.20 ? 58  GLN B C   1 
ATOM   1225 O O   . GLN B 1 58 ? 1.300   21.600  -0.853  1.00 28.92 ? 58  GLN B O   1 
ATOM   1226 C CB  . GLN B 1 58 ? 3.089   19.169  -1.135  1.00 27.76 ? 58  GLN B CB  1 
ATOM   1227 C CG  . GLN B 1 58 ? 3.311   18.896  0.365   1.00 29.62 ? 58  GLN B CG  1 
ATOM   1228 C CD  . GLN B 1 58 ? 4.784   18.754  0.761   1.00 31.71 ? 58  GLN B CD  1 
ATOM   1229 O OE1 . GLN B 1 58 ? 5.524   17.966  0.178   1.00 32.01 ? 58  GLN B OE1 1 
ATOM   1230 N NE2 . GLN B 1 58 ? 5.202   19.512  1.769   1.00 32.06 ? 58  GLN B NE2 1 
ATOM   1231 N N   . TYR B 1 59 ? 0.090   20.024  0.216   1.00 26.82 ? 59  TYR B N   1 
ATOM   1232 C CA  . TYR B 1 59 ? -0.559  20.952  1.136   1.00 27.68 ? 59  TYR B CA  1 
ATOM   1233 C C   . TYR B 1 59 ? -0.123  20.550  2.544   1.00 29.25 ? 59  TYR B C   1 
ATOM   1234 O O   . TYR B 1 59 ? -0.212  19.376  2.904   1.00 29.01 ? 59  TYR B O   1 
ATOM   1235 C CB  . TYR B 1 59 ? -2.081  20.855  1.032   1.00 25.76 ? 59  TYR B CB  1 
ATOM   1236 C CG  . TYR B 1 59 ? -2.646  21.338  -0.279  1.00 26.24 ? 59  TYR B CG  1 
ATOM   1237 C CD1 . TYR B 1 59 ? -2.679  20.507  -1.392  1.00 25.24 ? 59  TYR B CD1 1 
ATOM   1238 C CD2 . TYR B 1 59 ? -3.142  22.633  -0.408  1.00 25.94 ? 59  TYR B CD2 1 
ATOM   1239 C CE1 . TYR B 1 59 ? -3.194  20.949  -2.603  1.00 26.98 ? 59  TYR B CE1 1 
ATOM   1240 C CE2 . TYR B 1 59 ? -3.658  23.089  -1.615  1.00 28.02 ? 59  TYR B CE2 1 
ATOM   1241 C CZ  . TYR B 1 59 ? -3.683  22.240  -2.709  1.00 27.26 ? 59  TYR B CZ  1 
ATOM   1242 O OH  . TYR B 1 59 ? -4.208  22.673  -3.902  1.00 28.81 ? 59  TYR B OH  1 
ATOM   1243 N N   . ASP B 1 60 ? 0.355   21.513  3.330   1.00 29.83 ? 60  ASP B N   1 
ATOM   1244 C CA  . ASP B 1 60 ? 0.808   21.240  4.693   1.00 31.17 ? 60  ASP B CA  1 
ATOM   1245 C C   . ASP B 1 60 ? -0.224  21.574  5.770   1.00 29.99 ? 60  ASP B C   1 
ATOM   1246 O O   . ASP B 1 60 ? -1.109  22.404  5.563   1.00 30.46 ? 60  ASP B O   1 
ATOM   1247 C CB  . ASP B 1 60 ? 2.089   22.020  5.004   1.00 32.15 ? 60  ASP B CB  1 
ATOM   1248 C CG  . ASP B 1 60 ? 3.249   21.614  4.129   1.00 36.48 ? 60  ASP B CG  1 
ATOM   1249 O OD1 . ASP B 1 60 ? 3.539   20.399  4.040   1.00 38.81 ? 60  ASP B OD1 1 
ATOM   1250 O OD2 . ASP B 1 60 ? 3.880   22.513  3.536   1.00 38.74 ? 60  ASP B OD2 1 
ATOM   1251 N N   1 GLN B 1 61 ? -0.094  20.915  6.917   0.50 29.96 ? 61  GLN B N   1 
ATOM   1252 N N   2 GLN B 1 61 ? -0.083  20.928  6.925   0.50 29.38 ? 61  GLN B N   1 
ATOM   1253 C CA  1 GLN B 1 61 ? -0.979  21.123  8.065   0.50 30.11 ? 61  GLN B CA  1 
ATOM   1254 C CA  2 GLN B 1 61 ? -0.984  21.127  8.053   0.50 31.10 ? 61  GLN B CA  1 
ATOM   1255 C C   1 GLN B 1 61 ? -2.464  21.142  7.706   0.50 28.74 ? 61  GLN B C   1 
ATOM   1256 C C   2 GLN B 1 61 ? -2.468  21.143  7.703   0.50 29.38 ? 61  GLN B C   1 
ATOM   1257 O O   1 GLN B 1 61 ? -3.174  22.093  8.032   0.50 28.63 ? 61  GLN B O   1 
ATOM   1258 O O   2 GLN B 1 61 ? -3.180  22.092  8.030   0.50 29.21 ? 61  GLN B O   1 
ATOM   1259 C CB  1 GLN B 1 61 ? -0.626  22.416  8.820   0.50 31.47 ? 61  GLN B CB  1 
ATOM   1260 C CB  2 GLN B 1 61 ? -0.620  22.435  8.763   0.50 33.41 ? 61  GLN B CB  1 
ATOM   1261 C CG  1 GLN B 1 61 ? 0.748   22.412  9.479   0.50 32.75 ? 61  GLN B CG  1 
ATOM   1262 C CG  2 GLN B 1 61 ? 0.816   22.497  9.246   0.50 36.52 ? 61  GLN B CG  1 
ATOM   1263 C CD  1 GLN B 1 61 ? 0.968   23.599  10.410  0.50 33.89 ? 61  GLN B CD  1 
ATOM   1264 C CD  2 GLN B 1 61 ? 1.169   21.355  10.180  0.50 38.26 ? 61  GLN B CD  1 
ATOM   1265 O OE1 1 GLN B 1 61 ? 0.433   23.645  11.520  0.50 33.93 ? 61  GLN B OE1 1 
ATOM   1266 O OE1 2 GLN B 1 61 ? 1.184   20.189  9.783   0.50 39.83 ? 61  GLN B OE1 1 
ATOM   1267 N NE2 1 GLN B 1 61 ? 1.753   24.567  9.956   0.50 33.79 ? 61  GLN B NE2 1 
ATOM   1268 N NE2 2 GLN B 1 61 ? 1.456   21.686  11.431  0.50 40.09 ? 61  GLN B NE2 1 
ATOM   1269 N N   . ILE B 1 62 ? -2.931  20.089  7.041   1.00 28.02 ? 62  ILE B N   1 
ATOM   1270 C CA  . ILE B 1 62 ? -4.334  19.983  6.659   1.00 26.00 ? 62  ILE B CA  1 
ATOM   1271 C C   . ILE B 1 62 ? -5.042  19.058  7.644   1.00 25.31 ? 62  ILE B C   1 
ATOM   1272 O O   . ILE B 1 62 ? -4.583  17.950  7.907   1.00 22.41 ? 62  ILE B O   1 
ATOM   1273 C CB  . ILE B 1 62 ? -4.498  19.399  5.239   1.00 25.88 ? 62  ILE B CB  1 
ATOM   1274 C CG1 . ILE B 1 62 ? -4.004  20.401  4.194   1.00 26.49 ? 62  ILE B CG1 1 
ATOM   1275 C CG2 . ILE B 1 62 ? -5.953  19.023  4.997   1.00 25.00 ? 62  ILE B CG2 1 
ATOM   1276 C CD1 . ILE B 1 62 ? -4.752  21.726  4.198   1.00 26.69 ? 62  ILE B CD1 1 
ATOM   1277 N N   . PRO B 1 63 ? -6.162  19.513  8.221   1.00 26.60 ? 63  PRO B N   1 
ATOM   1278 C CA  . PRO B 1 63 ? -6.895  18.674  9.174   1.00 27.16 ? 63  PRO B CA  1 
ATOM   1279 C C   . PRO B 1 63 ? -7.695  17.600  8.439   1.00 26.99 ? 63  PRO B C   1 
ATOM   1280 O O   . PRO B 1 63 ? -8.382  17.885  7.458   1.00 27.47 ? 63  PRO B O   1 
ATOM   1281 C CB  . PRO B 1 63 ? -7.806  19.676  9.894   1.00 29.26 ? 63  PRO B CB  1 
ATOM   1282 C CG  . PRO B 1 63 ? -7.106  21.003  9.700   1.00 29.05 ? 63  PRO B CG  1 
ATOM   1283 C CD  . PRO B 1 63 ? -6.643  20.902  8.278   1.00 27.53 ? 63  PRO B CD  1 
ATOM   1284 N N   . VAL B 1 64 ? -7.594  16.365  8.908   1.00 26.36 ? 64  VAL B N   1 
ATOM   1285 C CA  . VAL B 1 64 ? -8.318  15.263  8.293   1.00 27.18 ? 64  VAL B CA  1 
ATOM   1286 C C   . VAL B 1 64 ? -8.903  14.377  9.380   1.00 28.20 ? 64  VAL B C   1 
ATOM   1287 O O   . VAL B 1 64 ? -8.247  14.094  10.382  1.00 30.18 ? 64  VAL B O   1 
ATOM   1288 C CB  . VAL B 1 64 ? -7.394  14.394  7.405   1.00 26.51 ? 64  VAL B CB  1 
ATOM   1289 C CG1 . VAL B 1 64 ? -8.188  13.224  6.817   1.00 25.36 ? 64  VAL B CG1 1 
ATOM   1290 C CG2 . VAL B 1 64 ? -6.785  15.241  6.296   1.00 25.08 ? 64  VAL B CG2 1 
ATOM   1291 N N   . GLU B 1 65 ? -10.143 13.952  9.184   1.00 27.94 ? 65  GLU B N   1 
ATOM   1292 C CA  . GLU B 1 65 ? -10.792 13.082  10.148  1.00 29.20 ? 65  GLU B CA  1 
ATOM   1293 C C   . GLU B 1 65 ? -10.951 11.718  9.494   1.00 28.54 ? 65  GLU B C   1 
ATOM   1294 O O   . GLU B 1 65 ? -11.652 11.585  8.498   1.00 26.55 ? 65  GLU B O   1 
ATOM   1295 C CB  . GLU B 1 65 ? -12.159 13.642  10.534  1.00 31.88 ? 65  GLU B CB  1 
ATOM   1296 C CG  . GLU B 1 65 ? -12.818 12.904  11.683  1.00 36.74 ? 65  GLU B CG  1 
ATOM   1297 C CD  . GLU B 1 65 ? -14.226 13.395  11.959  1.00 37.83 ? 65  GLU B CD  1 
ATOM   1298 O OE1 . GLU B 1 65 ? -14.405 14.615  12.181  1.00 37.11 ? 65  GLU B OE1 1 
ATOM   1299 O OE2 . GLU B 1 65 ? -15.152 12.555  11.953  1.00 40.85 ? 65  GLU B OE2 1 
ATOM   1300 N N   . ILE B 1 66 ? -10.269 10.716  10.038  1.00 28.61 ? 66  ILE B N   1 
ATOM   1301 C CA  . ILE B 1 66 ? -10.344 9.367   9.498   1.00 26.94 ? 66  ILE B CA  1 
ATOM   1302 C C   . ILE B 1 66 ? -11.181 8.486   10.408  1.00 27.14 ? 66  ILE B C   1 
ATOM   1303 O O   . ILE B 1 66 ? -10.762 8.141   11.511  1.00 25.33 ? 66  ILE B O   1 
ATOM   1304 C CB  . ILE B 1 66 ? -8.947  8.709   9.368   1.00 26.77 ? 66  ILE B CB  1 
ATOM   1305 C CG1 . ILE B 1 66 ? -8.057  9.528   8.441   1.00 26.63 ? 66  ILE B CG1 1 
ATOM   1306 C CG2 . ILE B 1 66 ? -9.086  7.289   8.848   1.00 25.96 ? 66  ILE B CG2 1 
ATOM   1307 C CD1 . ILE B 1 66 ? -7.145  10.470  9.170   1.00 28.38 ? 66  ILE B CD1 1 
ATOM   1308 N N   . CYS B 1 67 ? -12.372 8.127   9.945   1.00 28.06 ? 67  CYS B N   1 
ATOM   1309 C CA  . CYS B 1 67 ? -13.243 7.268   10.723  1.00 31.12 ? 67  CYS B CA  1 
ATOM   1310 C C   . CYS B 1 67 ? -13.381 7.810   12.144  1.00 31.33 ? 67  CYS B C   1 
ATOM   1311 O O   . CYS B 1 67 ? -13.259 7.067   13.113  1.00 31.45 ? 67  CYS B O   1 
ATOM   1312 C CB  . CYS B 1 67 ? -12.658 5.856   10.759  1.00 32.14 ? 67  CYS B CB  1 
ATOM   1313 S SG  . CYS B 1 67 ? -13.844 4.565   10.419  1.00 41.23 ? 67  CYS B SG  1 
ATOM   1314 N N   . GLY B 1 68 ? -13.622 9.111   12.262  1.00 30.50 ? 68  GLY B N   1 
ATOM   1315 C CA  . GLY B 1 68 ? -13.764 9.700   13.578  1.00 32.37 ? 68  GLY B CA  1 
ATOM   1316 C C   . GLY B 1 68 ? -12.496 10.301  14.164  1.00 32.17 ? 68  GLY B C   1 
ATOM   1317 O O   . GLY B 1 68 ? -12.536 11.406  14.698  1.00 34.54 ? 68  GLY B O   1 
ATOM   1318 N N   . HIS B 1 69 ? -11.373 9.595   14.059  1.00 32.07 ? 69  HIS B N   1 
ATOM   1319 C CA  . HIS B 1 69 ? -10.108 10.079  14.615  1.00 28.54 ? 69  HIS B CA  1 
ATOM   1320 C C   . HIS B 1 69 ? -9.496  11.269  13.893  1.00 29.90 ? 69  HIS B C   1 
ATOM   1321 O O   . HIS B 1 69 ? -9.423  11.306  12.666  1.00 28.97 ? 69  HIS B O   1 
ATOM   1322 C CB  . HIS B 1 69 ? -9.101  8.935   14.688  1.00 27.60 ? 69  HIS B CB  1 
ATOM   1323 C CG  . HIS B 1 69 ? -9.523  7.833   15.609  1.00 27.38 ? 69  HIS B CG  1 
ATOM   1324 N ND1 . HIS B 1 69 ? -10.641 7.061   15.378  1.00 28.08 ? 69  HIS B ND1 1 
ATOM   1325 C CD2 . HIS B 1 69 ? -9.012  7.411   16.789  1.00 26.10 ? 69  HIS B CD2 1 
ATOM   1326 C CE1 . HIS B 1 69 ? -10.802 6.213   16.376  1.00 24.87 ? 69  HIS B CE1 1 
ATOM   1327 N NE2 . HIS B 1 69 ? -9.828  6.404   17.247  1.00 27.62 ? 69  HIS B NE2 1 
ATOM   1328 N N   . LYS B 1 70 ? -9.027  12.232  14.677  1.00 29.32 ? 70  LYS B N   1 
ATOM   1329 C CA  . LYS B 1 70 ? -8.452  13.454  14.139  1.00 30.41 ? 70  LYS B CA  1 
ATOM   1330 C C   . LYS B 1 70 ? -6.943  13.424  13.888  1.00 27.66 ? 70  LYS B C   1 
ATOM   1331 O O   . LYS B 1 70 ? -6.167  12.922  14.698  1.00 28.43 ? 70  LYS B O   1 
ATOM   1332 C CB  . LYS B 1 70 ? -8.804  14.618  15.071  1.00 32.58 ? 70  LYS B CB  1 
ATOM   1333 C CG  . LYS B 1 70 ? -8.442  15.991  14.545  1.00 38.06 ? 70  LYS B CG  1 
ATOM   1334 C CD  . LYS B 1 70 ? -9.175  16.313  13.251  1.00 40.92 ? 70  LYS B CD  1 
ATOM   1335 C CE  . LYS B 1 70 ? -8.834  17.712  12.775  1.00 43.00 ? 70  LYS B CE  1 
ATOM   1336 N NZ  . LYS B 1 70 ? -9.153  18.736  13.818  1.00 47.25 ? 70  LYS B NZ  1 
ATOM   1337 N N   . ALA B 1 71 ? -6.547  13.965  12.742  1.00 25.69 ? 71  ALA B N   1 
ATOM   1338 C CA  . ALA B 1 71 ? -5.144  14.055  12.353  1.00 23.11 ? 71  ALA B CA  1 
ATOM   1339 C C   . ALA B 1 71 ? -4.938  15.392  11.638  1.00 23.69 ? 71  ALA B C   1 
ATOM   1340 O O   . ALA B 1 71 ? -5.878  15.951  11.077  1.00 24.07 ? 71  ALA B O   1 
ATOM   1341 C CB  . ALA B 1 71 ? -4.780  12.901  11.415  1.00 22.66 ? 71  ALA B CB  1 
ATOM   1342 N N   . ILE B 1 72 ? -3.716  15.909  11.672  1.00 23.44 ? 72  ILE B N   1 
ATOM   1343 C CA  . ILE B 1 72 ? -3.395  17.159  10.990  1.00 23.80 ? 72  ILE B CA  1 
ATOM   1344 C C   . ILE B 1 72 ? -2.011  16.977  10.390  1.00 21.75 ? 72  ILE B C   1 
ATOM   1345 O O   . ILE B 1 72 ? -1.030  16.833  11.117  1.00 20.94 ? 72  ILE B O   1 
ATOM   1346 C CB  . ILE B 1 72 ? -3.353  18.363  11.961  1.00 24.56 ? 72  ILE B CB  1 
ATOM   1347 C CG1 . ILE B 1 72 ? -4.652  18.444  12.761  1.00 24.61 ? 72  ILE B CG1 1 
ATOM   1348 C CG2 . ILE B 1 72 ? -3.146  19.643  11.178  1.00 23.53 ? 72  ILE B CG2 1 
ATOM   1349 C CD1 . ILE B 1 72 ? -4.620  19.504  13.848  1.00 27.59 ? 72  ILE B CD1 1 
ATOM   1350 N N   . GLY B 1 73 ? -1.922  16.980  9.068   1.00 19.77 ? 73  GLY B N   1 
ATOM   1351 C CA  . GLY B 1 73 ? -0.627  16.782  8.456   1.00 22.15 ? 73  GLY B CA  1 
ATOM   1352 C C   . GLY B 1 73 ? -0.557  17.116  6.985   1.00 23.38 ? 73  GLY B C   1 
ATOM   1353 O O   . GLY B 1 73 ? -1.373  17.881  6.467   1.00 22.76 ? 73  GLY B O   1 
ATOM   1354 N N   . THR B 1 74 ? 0.433   16.534  6.317   1.00 23.38 ? 74  THR B N   1 
ATOM   1355 C CA  . THR B 1 74 ? 0.646   16.765  4.898   1.00 23.60 ? 74  THR B CA  1 
ATOM   1356 C C   . THR B 1 74 ? -0.240  15.900  4.022   1.00 23.05 ? 74  THR B C   1 
ATOM   1357 O O   . THR B 1 74 ? -0.335  14.686  4.216   1.00 22.29 ? 74  THR B O   1 
ATOM   1358 C CB  . THR B 1 74 ? 2.103   16.507  4.522   1.00 23.65 ? 74  THR B CB  1 
ATOM   1359 O OG1 . THR B 1 74 ? 2.939   17.382  5.283   1.00 25.64 ? 74  THR B OG1 1 
ATOM   1360 C CG2 . THR B 1 74 ? 2.329   16.761  3.029   1.00 22.44 ? 74  THR B CG2 1 
ATOM   1361 N N   . VAL B 1 75 ? -0.885  16.544  3.057   1.00 21.35 ? 75  VAL B N   1 
ATOM   1362 C CA  . VAL B 1 75 ? -1.766  15.859  2.124   1.00 20.31 ? 75  VAL B CA  1 
ATOM   1363 C C   . VAL B 1 75 ? -1.344  16.175  0.691   1.00 20.79 ? 75  VAL B C   1 
ATOM   1364 O O   . VAL B 1 75 ? -1.211  17.343  0.313   1.00 19.56 ? 75  VAL B O   1 
ATOM   1365 C CB  . VAL B 1 75 ? -3.230  16.286  2.352   1.00 21.18 ? 75  VAL B CB  1 
ATOM   1366 C CG1 . VAL B 1 75 ? -4.123  15.709  1.269   1.00 21.50 ? 75  VAL B CG1 1 
ATOM   1367 C CG2 . VAL B 1 75 ? -3.689  15.818  3.728   1.00 20.91 ? 75  VAL B CG2 1 
ATOM   1368 N N   . LEU B 1 76 ? -1.101  15.129  -0.096  1.00 18.97 ? 76  LEU B N   1 
ATOM   1369 C CA  . LEU B 1 76 ? -0.703  15.307  -1.487  1.00 19.09 ? 76  LEU B CA  1 
ATOM   1370 C C   . LEU B 1 76 ? -1.940  15.107  -2.350  1.00 19.92 ? 76  LEU B C   1 
ATOM   1371 O O   . LEU B 1 76 ? -2.751  14.216  -2.090  1.00 17.29 ? 76  LEU B O   1 
ATOM   1372 C CB  . LEU B 1 76 ? 0.364   14.280  -1.871  1.00 18.83 ? 76  LEU B CB  1 
ATOM   1373 C CG  . LEU B 1 76 ? 1.581   14.184  -0.942  1.00 19.59 ? 76  LEU B CG  1 
ATOM   1374 C CD1 . LEU B 1 76 ? 2.495   13.051  -1.400  1.00 15.76 ? 76  LEU B CD1 1 
ATOM   1375 C CD2 . LEU B 1 76 ? 2.332   15.517  -0.940  1.00 19.78 ? 76  LEU B CD2 1 
ATOM   1376 N N   . VAL B 1 77 ? -2.082  15.940  -3.375  1.00 20.33 ? 77  VAL B N   1 
ATOM   1377 C CA  . VAL B 1 77 ? -3.225  15.858  -4.269  1.00 22.64 ? 77  VAL B CA  1 
ATOM   1378 C C   . VAL B 1 77 ? -2.744  15.707  -5.704  1.00 22.82 ? 77  VAL B C   1 
ATOM   1379 O O   . VAL B 1 77 ? -1.892  16.468  -6.163  1.00 22.06 ? 77  VAL B O   1 
ATOM   1380 C CB  . VAL B 1 77 ? -4.103  17.116  -4.153  1.00 23.77 ? 77  VAL B CB  1 
ATOM   1381 C CG1 . VAL B 1 77 ? -5.221  17.071  -5.179  1.00 25.89 ? 77  VAL B CG1 1 
ATOM   1382 C CG2 . VAL B 1 77 ? -4.675  17.210  -2.750  1.00 25.05 ? 77  VAL B CG2 1 
ATOM   1383 N N   . GLY B 1 78 ? -3.290  14.717  -6.404  1.00 21.40 ? 78  GLY B N   1 
ATOM   1384 C CA  . GLY B 1 78 ? -2.890  14.486  -7.780  1.00 23.64 ? 78  GLY B CA  1 
ATOM   1385 C C   . GLY B 1 78 ? -3.607  13.329  -8.447  1.00 22.45 ? 78  GLY B C   1 
ATOM   1386 O O   . GLY B 1 78 ? -4.555  12.777  -7.893  1.00 22.75 ? 78  GLY B O   1 
ATOM   1387 N N   . PRO B 1 79 ? -3.163  12.927  -9.647  1.00 23.61 ? 79  PRO B N   1 
ATOM   1388 C CA  . PRO B 1 79 ? -3.782  11.823  -10.387 1.00 23.37 ? 79  PRO B CA  1 
ATOM   1389 C C   . PRO B 1 79 ? -3.568  10.405  -9.856  1.00 24.18 ? 79  PRO B C   1 
ATOM   1390 O O   . PRO B 1 79 ? -3.060  9.543   -10.571 1.00 24.32 ? 79  PRO B O   1 
ATOM   1391 C CB  . PRO B 1 79 ? -3.222  12.003  -11.796 1.00 23.21 ? 79  PRO B CB  1 
ATOM   1392 C CG  . PRO B 1 79 ? -1.840  12.527  -11.527 1.00 22.68 ? 79  PRO B CG  1 
ATOM   1393 C CD  . PRO B 1 79 ? -2.101  13.564  -10.448 1.00 21.51 ? 79  PRO B CD  1 
ATOM   1394 N N   . THR B 1 80 ? -3.956  10.168  -8.605  1.00 24.44 ? 80  THR B N   1 
ATOM   1395 C CA  . THR B 1 80 ? -3.851  8.844   -8.008  1.00 22.00 ? 80  THR B CA  1 
ATOM   1396 C C   . THR B 1 80 ? -5.135  8.098   -8.377  1.00 22.11 ? 80  THR B C   1 
ATOM   1397 O O   . THR B 1 80 ? -6.180  8.709   -8.502  1.00 22.75 ? 80  THR B O   1 
ATOM   1398 C CB  . THR B 1 80 ? -3.728  8.927   -6.462  1.00 20.98 ? 80  THR B CB  1 
ATOM   1399 O OG1 . THR B 1 80 ? -3.864  7.615   -5.906  1.00 18.55 ? 80  THR B OG1 1 
ATOM   1400 C CG2 . THR B 1 80 ? -4.802  9.843   -5.867  1.00 19.52 ? 80  THR B CG2 1 
ATOM   1401 N N   . PRO B 1 81 ? -5.069  6.775   -8.588  1.00 22.40 ? 81  PRO B N   1 
ATOM   1402 C CA  . PRO B 1 81 ? -6.295  6.046   -8.941  1.00 23.30 ? 81  PRO B CA  1 
ATOM   1403 C C   . PRO B 1 81 ? -7.325  5.892   -7.820  1.00 24.79 ? 81  PRO B C   1 
ATOM   1404 O O   . PRO B 1 81 ? -8.512  5.708   -8.095  1.00 26.25 ? 81  PRO B O   1 
ATOM   1405 C CB  . PRO B 1 81 ? -5.773  4.696   -9.453  1.00 24.12 ? 81  PRO B CB  1 
ATOM   1406 C CG  . PRO B 1 81 ? -4.461  4.541   -8.781  1.00 25.66 ? 81  PRO B CG  1 
ATOM   1407 C CD  . PRO B 1 81 ? -3.877  5.937   -8.804  1.00 24.05 ? 81  PRO B CD  1 
ATOM   1408 N N   . VAL B 1 82 ? -6.875  5.955   -6.565  1.00 23.41 ? 82  VAL B N   1 
ATOM   1409 C CA  . VAL B 1 82 ? -7.774  5.841   -5.407  1.00 22.95 ? 82  VAL B CA  1 
ATOM   1410 C C   . VAL B 1 82 ? -7.225  6.698   -4.274  1.00 21.47 ? 82  VAL B C   1 
ATOM   1411 O O   . VAL B 1 82 ? -6.019  6.907   -4.192  1.00 23.87 ? 82  VAL B O   1 
ATOM   1412 C CB  . VAL B 1 82 ? -7.886  4.385   -4.883  1.00 23.60 ? 82  VAL B CB  1 
ATOM   1413 C CG1 . VAL B 1 82 ? -8.337  3.454   -5.998  1.00 25.56 ? 82  VAL B CG1 1 
ATOM   1414 C CG2 . VAL B 1 82 ? -6.559  3.931   -4.309  1.00 25.33 ? 82  VAL B CG2 1 
ATOM   1415 N N   . ASN B 1 83 ? -8.100  7.201   -3.407  1.00 19.61 ? 83  ASN B N   1 
ATOM   1416 C CA  . ASN B 1 83 ? -7.643  8.023   -2.291  1.00 20.27 ? 83  ASN B CA  1 
ATOM   1417 C C   . ASN B 1 83 ? -6.900  7.152   -1.293  1.00 19.89 ? 83  ASN B C   1 
ATOM   1418 O O   . ASN B 1 83 ? -7.392  6.113   -0.867  1.00 20.35 ? 83  ASN B O   1 
ATOM   1419 C CB  . ASN B 1 83 ? -8.820  8.730   -1.617  1.00 18.47 ? 83  ASN B CB  1 
ATOM   1420 C CG  . ASN B 1 83 ? -9.510  9.704   -2.549  1.00 19.98 ? 83  ASN B CG  1 
ATOM   1421 O OD1 . ASN B 1 83 ? -8.853  10.536  -3.186  1.00 21.38 ? 83  ASN B OD1 1 
ATOM   1422 N ND2 . ASN B 1 83 ? -10.832 9.610   -2.637  1.00 17.08 ? 83  ASN B ND2 1 
ATOM   1423 N N   . ILE B 1 84 ? -5.713  7.594   -0.911  1.00 20.08 ? 84  ILE B N   1 
ATOM   1424 C CA  . ILE B 1 84 ? -4.886  6.826   -0.003  1.00 19.80 ? 84  ILE B CA  1 
ATOM   1425 C C   . ILE B 1 84 ? -4.495  7.548   1.274   1.00 18.53 ? 84  ILE B C   1 
ATOM   1426 O O   . ILE B 1 84 ? -4.116  8.716   1.246   1.00 19.20 ? 84  ILE B O   1 
ATOM   1427 C CB  . ILE B 1 84 ? -3.590  6.413   -0.717  1.00 22.72 ? 84  ILE B CB  1 
ATOM   1428 C CG1 . ILE B 1 84 ? -3.911  5.476   -1.878  1.00 23.43 ? 84  ILE B CG1 1 
ATOM   1429 C CG2 . ILE B 1 84 ? -2.638  5.755   0.265   1.00 26.72 ? 84  ILE B CG2 1 
ATOM   1430 C CD1 . ILE B 1 84 ? -2.870  5.532   -2.960  1.00 26.32 ? 84  ILE B CD1 1 
ATOM   1431 N N   . ILE B 1 85 ? -4.609  6.844   2.395   1.00 18.87 ? 85  ILE B N   1 
ATOM   1432 C CA  . ILE B 1 85 ? -4.193  7.377   3.680   1.00 16.96 ? 85  ILE B CA  1 
ATOM   1433 C C   . ILE B 1 85 ? -2.902  6.603   3.970   1.00 18.31 ? 85  ILE B C   1 
ATOM   1434 O O   . ILE B 1 85 ? -2.918  5.377   4.146   1.00 17.15 ? 85  ILE B O   1 
ATOM   1435 C CB  . ILE B 1 85 ? -5.218  7.104   4.791   1.00 16.16 ? 85  ILE B CB  1 
ATOM   1436 C CG1 . ILE B 1 85 ? -6.587  7.695   4.415   1.00 17.73 ? 85  ILE B CG1 1 
ATOM   1437 C CG2 . ILE B 1 85 ? -4.722  7.720   6.101   1.00 15.23 ? 85  ILE B CG2 1 
ATOM   1438 C CD1 . ILE B 1 85 ? -6.572  9.204   4.181   1.00 15.43 ? 85  ILE B CD1 1 
ATOM   1439 N N   . GLY B 1 86 ? -1.782  7.320   3.985   1.00 17.42 ? 86  GLY B N   1 
ATOM   1440 C CA  . GLY B 1 86 ? -0.507  6.680   4.227   1.00 16.93 ? 86  GLY B CA  1 
ATOM   1441 C C   . GLY B 1 86 ? -0.053  6.730   5.671   1.00 14.95 ? 86  GLY B C   1 
ATOM   1442 O O   . GLY B 1 86 ? -0.764  7.230   6.538   1.00 13.01 ? 86  GLY B O   1 
ATOM   1443 N N   . ARG B 1 87 ? 1.153   6.223   5.912   1.00 14.82 ? 87  ARG B N   1 
ATOM   1444 C CA  . ARG B 1 87 ? 1.724   6.178   7.250   1.00 16.07 ? 87  ARG B CA  1 
ATOM   1445 C C   . ARG B 1 87 ? 1.835   7.523   7.966   1.00 16.72 ? 87  ARG B C   1 
ATOM   1446 O O   . ARG B 1 87 ? 1.735   7.572   9.190   1.00 18.66 ? 87  ARG B O   1 
ATOM   1447 C CB  . ARG B 1 87 ? 3.096   5.498   7.212   1.00 14.04 ? 87  ARG B CB  1 
ATOM   1448 C CG  . ARG B 1 87 ? 3.019   4.021   6.843   1.00 15.59 ? 87  ARG B CG  1 
ATOM   1449 C CD  . ARG B 1 87 ? 4.371   3.341   6.919   1.00 14.62 ? 87  ARG B CD  1 
ATOM   1450 N NE  . ARG B 1 87 ? 5.343   3.961   6.024   1.00 15.93 ? 87  ARG B NE  1 
ATOM   1451 C CZ  . ARG B 1 87 ? 6.280   4.823   6.408   1.00 18.07 ? 87  ARG B CZ  1 
ATOM   1452 N NH1 . ARG B 1 87 ? 6.385   5.174   7.690   1.00 16.62 ? 87  ARG B NH1 1 
ATOM   1453 N NH2 . ARG B 1 87 ? 7.107   5.344   5.506   1.00 14.61 ? 87  ARG B NH2 1 
ATOM   1454 N N   . ASN B 1 88 ? 2.034   8.613   7.231   1.00 16.76 ? 88  ASN B N   1 
ATOM   1455 C CA  . ASN B 1 88 ? 2.144   9.906   7.898   1.00 17.91 ? 88  ASN B CA  1 
ATOM   1456 C C   . ASN B 1 88 ? 0.915   10.201  8.767   1.00 16.72 ? 88  ASN B C   1 
ATOM   1457 O O   . ASN B 1 88 ? 1.052   10.741  9.862   1.00 17.52 ? 88  ASN B O   1 
ATOM   1458 C CB  . ASN B 1 88 ? 2.393   11.041  6.880   1.00 19.30 ? 88  ASN B CB  1 
ATOM   1459 C CG  . ASN B 1 88 ? 1.201   11.319  5.985   1.00 18.68 ? 88  ASN B CG  1 
ATOM   1460 O OD1 . ASN B 1 88 ? 0.677   10.286  5.348   1.00 19.32 ? 88  ASN B OD1 1 
ATOM   1461 N ND2 . ASN B 1 88 ? 0.765   12.465  5.862   1.00 20.84 ? 88  ASN B ND2 1 
ATOM   1462 N N   . LEU B 1 89 ? -0.275  9.822   8.304   1.00 17.69 ? 89  LEU B N   1 
ATOM   1463 C CA  . LEU B 1 89 ? -1.502  10.048  9.078   1.00 17.57 ? 89  LEU B CA  1 
ATOM   1464 C C   . LEU B 1 89 ? -1.931  8.826   9.908   1.00 17.72 ? 89  LEU B C   1 
ATOM   1465 O O   . LEU B 1 89 ? -2.576  8.964   10.948  1.00 17.79 ? 89  LEU B O   1 
ATOM   1466 C CB  . LEU B 1 89 ? -2.650  10.470  8.163   1.00 18.39 ? 89  LEU B CB  1 
ATOM   1467 C CG  . LEU B 1 89 ? -2.457  11.801  7.427   1.00 21.16 ? 89  LEU B CG  1 
ATOM   1468 C CD1 . LEU B 1 89 ? -3.747  12.187  6.706   1.00 21.78 ? 89  LEU B CD1 1 
ATOM   1469 C CD2 . LEU B 1 89 ? -2.078  12.883  8.422   1.00 22.38 ? 89  LEU B CD2 1 
ATOM   1470 N N   . LEU B 1 90 ? -1.591  7.630   9.440   1.00 16.84 ? 90  LEU B N   1 
ATOM   1471 C CA  . LEU B 1 90 ? -1.933  6.421   10.181  1.00 14.84 ? 90  LEU B CA  1 
ATOM   1472 C C   . LEU B 1 90 ? -1.237  6.422   11.540  1.00 15.08 ? 90  LEU B C   1 
ATOM   1473 O O   . LEU B 1 90 ? -1.774  5.919   12.527  1.00 14.08 ? 90  LEU B O   1 
ATOM   1474 C CB  . LEU B 1 90 ? -1.525  5.173   9.392   1.00 14.13 ? 90  LEU B CB  1 
ATOM   1475 C CG  . LEU B 1 90 ? -2.299  4.928   8.089   1.00 16.16 ? 90  LEU B CG  1 
ATOM   1476 C CD1 . LEU B 1 90 ? -1.655  3.782   7.320   1.00 15.05 ? 90  LEU B CD1 1 
ATOM   1477 C CD2 . LEU B 1 90 ? -3.756  4.618   8.402   1.00 13.13 ? 90  LEU B CD2 1 
ATOM   1478 N N   . THR B 1 91 ? -0.038  6.989   11.606  1.00 15.59 ? 91  THR B N   1 
ATOM   1479 C CA  . THR B 1 91 ? 0.658   7.013   12.879  1.00 15.66 ? 91  THR B CA  1 
ATOM   1480 C C   . THR B 1 91 ? -0.047  7.968   13.828  1.00 18.49 ? 91  THR B C   1 
ATOM   1481 O O   . THR B 1 91 ? -0.083  7.740   15.027  1.00 18.35 ? 91  THR B O   1 
ATOM   1482 C CB  . THR B 1 91 ? 2.127   7.443   12.709  1.00 16.34 ? 91  THR B CB  1 
ATOM   1483 O OG1 . THR B 1 91 ? 2.187   8.684   12.000  1.00 16.60 ? 91  THR B OG1 1 
ATOM   1484 C CG2 . THR B 1 91 ? 2.897   6.384   11.941  1.00 16.87 ? 91  THR B CG2 1 
ATOM   1485 N N   . GLN B 1 92 ? -0.629  9.030   13.287  1.00 18.88 ? 92  GLN B N   1 
ATOM   1486 C CA  . GLN B 1 92 ? -1.320  10.003  14.118  1.00 21.06 ? 92  GLN B CA  1 
ATOM   1487 C C   . GLN B 1 92 ? -2.583  9.461   14.781  1.00 22.05 ? 92  GLN B C   1 
ATOM   1488 O O   . GLN B 1 92 ? -2.957  9.930   15.853  1.00 23.77 ? 92  GLN B O   1 
ATOM   1489 C CB  . GLN B 1 92 ? -1.662  11.258  13.306  1.00 21.94 ? 92  GLN B CB  1 
ATOM   1490 C CG  . GLN B 1 92 ? -0.488  12.195  13.103  1.00 23.95 ? 92  GLN B CG  1 
ATOM   1491 C CD  . GLN B 1 92 ? -0.917  13.526  12.513  1.00 24.27 ? 92  GLN B CD  1 
ATOM   1492 O OE1 . GLN B 1 92 ? -1.923  14.100  12.928  1.00 27.11 ? 92  GLN B OE1 1 
ATOM   1493 N NE2 . GLN B 1 92 ? -0.151  14.028  11.549  1.00 22.99 ? 92  GLN B NE2 1 
ATOM   1494 N N   . ILE B 1 93 ? -3.242  8.481   14.163  1.00 22.30 ? 93  ILE B N   1 
ATOM   1495 C CA  . ILE B 1 93 ? -4.447  7.919   14.767  1.00 21.84 ? 93  ILE B CA  1 
ATOM   1496 C C   . ILE B 1 93 ? -4.153  6.637   15.542  1.00 22.70 ? 93  ILE B C   1 
ATOM   1497 O O   . ILE B 1 93 ? -5.064  5.907   15.930  1.00 24.78 ? 93  ILE B O   1 
ATOM   1498 C CB  . ILE B 1 93 ? -5.558  7.650   13.715  1.00 22.80 ? 93  ILE B CB  1 
ATOM   1499 C CG1 . ILE B 1 93 ? -5.089  6.628   12.682  1.00 20.14 ? 93  ILE B CG1 1 
ATOM   1500 C CG2 . ILE B 1 93 ? -5.933  8.955   13.019  1.00 22.30 ? 93  ILE B CG2 1 
ATOM   1501 C CD1 . ILE B 1 93 ? -6.167  6.245   11.679  1.00 21.24 ? 93  ILE B CD1 1 
ATOM   1502 N N   . GLY B 1 94 ? -2.871  6.364   15.757  1.00 23.14 ? 94  GLY B N   1 
ATOM   1503 C CA  . GLY B 1 94 ? -2.473  5.186   16.509  1.00 21.03 ? 94  GLY B CA  1 
ATOM   1504 C C   . GLY B 1 94 ? -2.717  3.849   15.837  1.00 19.47 ? 94  GLY B C   1 
ATOM   1505 O O   . GLY B 1 94 ? -2.882  2.833   16.500  1.00 18.86 ? 94  GLY B O   1 
ATOM   1506 N N   . CYS B 1 95 ? -2.715  3.835   14.515  1.00 19.85 ? 95  CYS B N   1 
ATOM   1507 C CA  . CYS B 1 95 ? -2.956  2.598   13.784  1.00 19.86 ? 95  CYS B CA  1 
ATOM   1508 C C   . CYS B 1 95 ? -1.737  1.664   13.760  1.00 20.87 ? 95  CYS B C   1 
ATOM   1509 O O   . CYS B 1 95 ? -0.605  2.112   13.566  1.00 19.52 ? 95  CYS B O   1 
ATOM   1510 C CB  . CYS B 1 95 ? -3.379  2.937   12.354  1.00 21.75 ? 95  CYS B CB  1 
ATOM   1511 S SG  . CYS B 1 95 ? -3.820  1.518   11.352  1.00 26.58 ? 95  CYS B SG  1 
ATOM   1512 N N   . THR B 1 96 ? -1.970  0.369   13.974  1.00 20.23 ? 96  THR B N   1 
ATOM   1513 C CA  . THR B 1 96 ? -0.894  -0.630  13.931  1.00 21.73 ? 96  THR B CA  1 
ATOM   1514 C C   . THR B 1 96 ? -1.366  -1.866  13.163  1.00 21.53 ? 96  THR B C   1 
ATOM   1515 O O   . THR B 1 96 ? -2.558  -2.023  12.898  1.00 22.04 ? 96  THR B O   1 
ATOM   1516 C CB  . THR B 1 96 ? -0.466  -1.112  15.345  1.00 20.59 ? 96  THR B CB  1 
ATOM   1517 O OG1 . THR B 1 96 ? -1.598  -1.680  16.009  1.00 21.87 ? 96  THR B OG1 1 
ATOM   1518 C CG2 . THR B 1 96 ? 0.091   0.039   16.177  1.00 22.39 ? 96  THR B CG2 1 
ATOM   1519 N N   . LEU B 1 97 ? -0.421  -2.728  12.801  1.00 21.51 ? 97  LEU B N   1 
ATOM   1520 C CA  . LEU B 1 97 ? -0.720  -3.976  12.105  1.00 23.05 ? 97  LEU B CA  1 
ATOM   1521 C C   . LEU B 1 97 ? -0.540  -5.073  13.148  1.00 23.56 ? 97  LEU B C   1 
ATOM   1522 O O   . LEU B 1 97 ? 0.479   -5.126  13.841  1.00 25.92 ? 97  LEU B O   1 
ATOM   1523 C CB  . LEU B 1 97 ? 0.250   -4.212  10.938  1.00 22.16 ? 97  LEU B CB  1 
ATOM   1524 C CG  . LEU B 1 97 ? -0.063  -3.621  9.561   1.00 24.22 ? 97  LEU B CG  1 
ATOM   1525 C CD1 . LEU B 1 97 ? 1.168   -3.687  8.671   1.00 21.98 ? 97  LEU B CD1 1 
ATOM   1526 C CD2 . LEU B 1 97 ? -1.216  -4.390  8.929   1.00 25.10 ? 97  LEU B CD2 1 
ATOM   1527 N N   . ASN B 1 98 ? -1.527  -5.947  13.257  1.00 23.31 ? 98  ASN B N   1 
ATOM   1528 C CA  . ASN B 1 98 ? -1.485  -7.023  14.230  1.00 23.89 ? 98  ASN B CA  1 
ATOM   1529 C C   . ASN B 1 98 ? -1.820  -8.385  13.630  1.00 24.28 ? 98  ASN B C   1 
ATOM   1530 O O   . ASN B 1 98 ? -2.683  -8.501  12.770  1.00 21.77 ? 98  ASN B O   1 
ATOM   1531 C CB  . ASN B 1 98 ? -2.483  -6.736  15.355  1.00 26.63 ? 98  ASN B CB  1 
ATOM   1532 C CG  . ASN B 1 98 ? -2.208  -5.427  16.060  1.00 28.10 ? 98  ASN B CG  1 
ATOM   1533 O OD1 . ASN B 1 98 ? -1.430  -5.377  17.009  1.00 30.94 ? 98  ASN B OD1 1 
ATOM   1534 N ND2 . ASN B 1 98 ? -2.837  -4.357  15.593  1.00 29.08 ? 98  ASN B ND2 1 
ATOM   1535 N N   . PHE B 1 99 ? -1.114  -9.406  14.089  1.00 26.50 ? 99  PHE B N   1 
ATOM   1536 C CA  . PHE B 1 99 ? -1.359  -10.779 13.668  1.00 31.09 ? 99  PHE B CA  1 
ATOM   1537 C C   . PHE B 1 99 ? -0.656  -11.717 14.645  1.00 30.76 ? 99  PHE B C   1 
ATOM   1538 O O   . PHE B 1 99 ? -0.047  -11.188 15.598  1.00 31.19 ? 99  PHE B O   1 
ATOM   1539 C CB  . PHE B 1 99 ? -0.880  -11.036 12.227  1.00 31.53 ? 99  PHE B CB  1 
ATOM   1540 C CG  . PHE B 1 99 ? 0.593   -10.827 12.013  1.00 32.54 ? 99  PHE B CG  1 
ATOM   1541 C CD1 . PHE B 1 99 ? 1.112   -9.549  11.858  1.00 34.12 ? 99  PHE B CD1 1 
ATOM   1542 C CD2 . PHE B 1 99 ? 1.452   -11.917 11.916  1.00 33.55 ? 99  PHE B CD2 1 
ATOM   1543 C CE1 . PHE B 1 99 ? 2.467   -9.355  11.603  1.00 34.87 ? 99  PHE B CE1 1 
ATOM   1544 C CE2 . PHE B 1 99 ? 2.803   -11.740 11.664  1.00 34.53 ? 99  PHE B CE2 1 
ATOM   1545 C CZ  . PHE B 1 99 ? 3.317   -10.453 11.505  1.00 36.50 ? 99  PHE B CZ  1 
ATOM   1546 O OXT . PHE B 1 99 ? -0.727  -12.952 14.462  1.00 31.87 ? 99  PHE B OXT 1 
ATOM   1547 N N   . ARG C 2 1  ? -6.769  -3.916  -13.884 1.00 38.89 ? 1   ARG P N   1 
ATOM   1548 C CA  . ARG C 2 1  ? -7.353  -3.173  -12.730 1.00 39.91 ? 1   ARG P CA  1 
ATOM   1549 C C   . ARG C 2 1  ? -6.274  -2.682  -11.759 1.00 39.73 ? 1   ARG P C   1 
ATOM   1550 O O   . ARG C 2 1  ? -5.342  -3.418  -11.422 1.00 39.87 ? 1   ARG P O   1 
ATOM   1551 C CB  . ARG C 2 1  ? -8.352  -4.066  -11.991 1.00 42.11 ? 1   ARG P CB  1 
ATOM   1552 N N   . PRO C 2 2  ? -6.379  -1.417  -11.314 1.00 38.30 ? 2   PRO P N   1 
ATOM   1553 C CA  . PRO C 2 2  ? -5.421  -0.815  -10.379 1.00 36.21 ? 2   PRO P CA  1 
ATOM   1554 C C   . PRO C 2 2  ? -5.614  -1.483  -9.020  1.00 33.70 ? 2   PRO P C   1 
ATOM   1555 O O   . PRO C 2 2  ? -6.665  -1.327  -8.405  1.00 34.20 ? 2   PRO P O   1 
ATOM   1556 C CB  . PRO C 2 2  ? -5.840  0.659   -10.346 1.00 36.49 ? 2   PRO P CB  1 
ATOM   1557 C CG  . PRO C 2 2  ? -6.599  0.852   -11.633 1.00 38.40 ? 2   PRO P CG  1 
ATOM   1558 C CD  . PRO C 2 2  ? -7.379  -0.424  -11.742 1.00 38.65 ? 2   PRO P CD  1 
ATOM   1559 N N   . GLY C 2 3  ? -4.611  -2.217  -8.549  1.00 32.64 ? 3   GLY P N   1 
ATOM   1560 C CA  . GLY C 2 3  ? -4.767  -2.899  -7.280  1.00 29.53 ? 3   GLY P CA  1 
ATOM   1561 C C   . GLY C 2 3  ? -3.594  -2.895  -6.325  1.00 26.74 ? 3   GLY P C   1 
ATOM   1562 O O   . GLY C 2 3  ? -3.680  -3.500  -5.263  1.00 27.23 ? 3   GLY P O   1 
ATOM   1563 N N   . ASN C 2 4  ? -2.502  -2.227  -6.682  1.00 26.08 ? 4   ASN P N   1 
ATOM   1564 C CA  . ASN C 2 4  ? -1.331  -2.182  -5.810  1.00 24.23 ? 4   ASN P CA  1 
ATOM   1565 C C   . ASN C 2 4  ? -0.886  -0.736  -5.605  1.00 23.72 ? 4   ASN P C   1 
ATOM   1566 O O   . ASN C 2 4  ? -0.192  -0.154  -6.445  1.00 26.18 ? 4   ASN P O   1 
ATOM   1567 C CB  . ASN C 2 4  ? -0.193  -2.996  -6.421  1.00 26.74 ? 4   ASN P CB  1 
ATOM   1568 C CG  . ASN C 2 4  ? 0.972   -3.167  -5.469  1.00 29.32 ? 4   ASN P CG  1 
ATOM   1569 O OD1 . ASN C 2 4  ? 1.509   -2.190  -4.939  1.00 31.63 ? 4   ASN P OD1 1 
ATOM   1570 N ND2 . ASN C 2 4  ? 1.373   -4.412  -5.247  1.00 31.99 ? 4   ASN P ND2 1 
ATOM   1571 N N   . PHE C 2 5  ? -1.246  -0.162  -4.469  1.00 21.55 ? 5   PHE P N   1 
ATOM   1572 C CA  . PHE C 2 5  ? -0.914  1.230   -4.234  1.00 22.73 ? 5   PHE P CA  1 
ATOM   1573 C C   . PHE C 2 5  ? 0.307   1.585   -3.412  1.00 22.31 ? 5   PHE P C   1 
ATOM   1574 O O   . PHE C 2 5  ? 0.259   2.430   -2.517  1.00 23.60 ? 5   PHE P O   1 
ATOM   1575 C CB  . PHE C 2 5  ? -2.163  1.925   -3.720  1.00 23.12 ? 5   PHE P CB  1 
ATOM   1576 C CG  . PHE C 2 5  ? -3.339  1.714   -4.616  1.00 24.86 ? 5   PHE P CG  1 
ATOM   1577 C CD1 . PHE C 2 5  ? -3.333  2.225   -5.906  1.00 24.62 ? 5   PHE P CD1 1 
ATOM   1578 C CD2 . PHE C 2 5  ? -4.416  0.945   -4.205  1.00 25.60 ? 5   PHE P CD2 1 
ATOM   1579 C CE1 . PHE C 2 5  ? -4.382  1.970   -6.776  1.00 26.65 ? 5   PHE P CE1 1 
ATOM   1580 C CE2 . PHE C 2 5  ? -5.473  0.684   -5.070  1.00 27.44 ? 5   PHE P CE2 1 
ATOM   1581 C CZ  . PHE C 2 5  ? -5.453  1.201   -6.362  1.00 26.83 ? 5   PHE P CZ  1 
ATOM   1582 N N   . LEU C 2 6  ? 1.415   0.929   -3.733  1.00 22.22 ? 6   LEU P N   1 
ATOM   1583 C CA  . LEU C 2 6  ? 2.680   1.219   -3.092  1.00 21.11 ? 6   LEU P CA  1 
ATOM   1584 C C   . LEU C 2 6  ? 2.926   2.709   -3.358  1.00 22.22 ? 6   LEU P C   1 
ATOM   1585 O O   . LEU C 2 6  ? 2.551   3.227   -4.417  1.00 23.28 ? 6   LEU P O   1 
ATOM   1586 C CB  . LEU C 2 6  ? 3.782   0.388   -3.746  1.00 22.96 ? 6   LEU P CB  1 
ATOM   1587 C CG  . LEU C 2 6  ? 5.209   0.944   -3.656  1.00 23.19 ? 6   LEU P CG  1 
ATOM   1588 C CD1 . LEU C 2 6  ? 5.737   0.772   -2.253  1.00 21.15 ? 6   LEU P CD1 1 
ATOM   1589 C CD2 . LEU C 2 6  ? 6.097   0.228   -4.653  1.00 23.32 ? 6   LEU P CD2 1 
ATOM   1590 N N   . GLN C 2 7  ? 3.536   3.406   -2.410  1.00 21.90 ? 7   GLN P N   1 
ATOM   1591 C CA  . GLN C 2 7  ? 3.818   4.823   -2.613  1.00 24.26 ? 7   GLN P CA  1 
ATOM   1592 C C   . GLN C 2 7  ? 4.963   5.315   -1.750  1.00 25.52 ? 7   GLN P C   1 
ATOM   1593 O O   . GLN C 2 7  ? 5.096   4.927   -0.592  1.00 27.66 ? 7   GLN P O   1 
ATOM   1594 C CB  . GLN C 2 7  ? 2.573   5.672   -2.348  1.00 21.28 ? 7   GLN P CB  1 
ATOM   1595 C CG  . GLN C 2 7  ? 2.797   7.159   -2.589  1.00 23.33 ? 7   GLN P CG  1 
ATOM   1596 C CD  . GLN C 2 7  ? 3.448   7.861   -1.403  1.00 23.14 ? 7   GLN P CD  1 
ATOM   1597 O OE1 . GLN C 2 7  ? 3.141   7.400   -0.207  1.00 20.45 ? 7   GLN P OE1 1 
ATOM   1598 N NE2 . GLN C 2 7  ? 4.208   8.817   -1.569  1.00 26.89 ? 7   GLN P NE2 1 
ATOM   1599 N N   . SER C 2 8  ? 5.790   6.179   -2.321  1.00 29.13 ? 8   SER P N   1 
ATOM   1600 C CA  . SER C 2 8  ? 6.931   6.724   -1.602  1.00 33.07 ? 8   SER P CA  1 
ATOM   1601 C C   . SER C 2 8  ? 7.441   7.984   -2.281  1.00 36.87 ? 8   SER P C   1 
ATOM   1602 O O   . SER C 2 8  ? 7.084   8.276   -3.427  1.00 35.74 ? 8   SER P O   1 
ATOM   1603 C CB  . SER C 2 8  ? 8.057   5.690   -1.543  1.00 34.07 ? 8   SER P CB  1 
ATOM   1604 O OG  . SER C 2 8  ? 8.539   5.373   -2.838  1.00 34.71 ? 8   SER P OG  1 
ATOM   1605 N N   . ARG C 2 9  ? 8.273   8.735   -1.570  1.00 41.56 ? 9   ARG P N   1 
ATOM   1606 C CA  . ARG C 2 9  ? 8.848   9.948   -2.134  1.00 46.45 ? 9   ARG P CA  1 
ATOM   1607 C C   . ARG C 2 9  ? 10.224  9.625   -2.716  1.00 47.92 ? 9   ARG P C   1 
ATOM   1608 O O   . ARG C 2 9  ? 10.835  8.617   -2.365  1.00 48.76 ? 9   ARG P O   1 
ATOM   1609 C CB  . ARG C 2 9  ? 8.960   11.041  -1.067  1.00 48.37 ? 9   ARG P CB  1 
ATOM   1610 C CG  . ARG C 2 9  ? 7.615   11.578  -0.600  1.00 50.17 ? 9   ARG P CG  1 
ATOM   1611 C CD  . ARG C 2 9  ? 7.771   12.808  0.279   1.00 51.99 ? 9   ARG P CD  1 
ATOM   1612 N NE  . ARG C 2 9  ? 6.480   13.402  0.613   1.00 54.71 ? 9   ARG P NE  1 
ATOM   1613 C CZ  . ARG C 2 9  ? 6.323   14.480  1.377   1.00 56.12 ? 9   ARG P CZ  1 
ATOM   1614 N NH1 . ARG C 2 9  ? 7.381   15.094  1.895   1.00 57.55 ? 9   ARG P NH1 1 
ATOM   1615 N NH2 . ARG C 2 9  ? 5.105   14.946  1.627   1.00 55.60 ? 9   ARG P NH2 1 
ATOM   1616 N N   . PRO C 2 10 ? 10.720  10.469  -3.629  1.00 49.47 ? 10  PRO P N   1 
ATOM   1617 C CA  . PRO C 2 10 ? 12.026  10.290  -4.276  1.00 50.54 ? 10  PRO P CA  1 
ATOM   1618 C C   . PRO C 2 10 ? 13.175  10.009  -3.301  1.00 51.35 ? 10  PRO P C   1 
ATOM   1619 O O   . PRO C 2 10 ? 13.971  9.083   -3.588  1.00 51.77 ? 10  PRO P O   1 
ATOM   1620 C CB  . PRO C 2 10 ? 12.210  11.603  -5.031  1.00 51.12 ? 10  PRO P CB  1 
ATOM   1621 C CG  . PRO C 2 10 ? 10.805  11.955  -5.411  1.00 50.38 ? 10  PRO P CG  1 
ATOM   1622 C CD  . PRO C 2 10 ? 10.049  11.680  -4.134  1.00 49.58 ? 10  PRO P CD  1 
ATOM   1623 O OXT . PRO C 2 10 ? 13.275  10.724  -2.276  1.00 50.61 ? 10  PRO P OXT 1 
HETATM 1624 C C   . ACT D 3 .  ? 11.577  3.865   6.489   1.00 62.24 ? 504 ACT A C   1 
HETATM 1625 O O   . ACT D 3 .  ? 13.008  3.827   6.458   1.00 63.54 ? 504 ACT A O   1 
HETATM 1626 O OXT . ACT D 3 .  ? 11.018  5.016   6.863   1.00 61.73 ? 504 ACT A OXT 1 
HETATM 1627 C CH3 . ACT D 3 .  ? 10.768  2.580   6.465   1.00 63.40 ? 504 ACT A CH3 1 
HETATM 1628 C C   . ACT E 3 .  ? -8.972  10.992  18.464  1.00 56.40 ? 501 ACT B C   1 
HETATM 1629 O O   . ACT E 3 .  ? -7.993  10.185  17.801  1.00 57.32 ? 501 ACT B O   1 
HETATM 1630 O OXT . ACT E 3 .  ? -9.413  10.516  19.628  1.00 58.34 ? 501 ACT B OXT 1 
HETATM 1631 C CH3 . ACT E 3 .  ? -9.771  12.033  17.698  1.00 56.61 ? 501 ACT B CH3 1 
HETATM 1632 C C   . ACT F 3 .  ? -13.474 3.345   17.504  1.00 70.13 ? 502 ACT B C   1 
HETATM 1633 O O   . ACT F 3 .  ? -13.057 3.390   18.875  1.00 70.72 ? 502 ACT B O   1 
HETATM 1634 O OXT . ACT F 3 .  ? -13.596 2.127   16.978  1.00 70.97 ? 502 ACT B OXT 1 
HETATM 1635 C CH3 . ACT F 3 .  ? -13.358 4.574   16.611  1.00 69.89 ? 502 ACT B CH3 1 
HETATM 1636 C C   . ACT G 3 .  ? -13.083 20.731  8.596   1.00 57.12 ? 503 ACT B C   1 
HETATM 1637 O O   . ACT G 3 .  ? -11.677 20.904  8.805   1.00 58.22 ? 503 ACT B O   1 
HETATM 1638 O OXT . ACT G 3 .  ? -13.854 21.011  9.648   1.00 58.67 ? 503 ACT B OXT 1 
HETATM 1639 C CH3 . ACT G 3 .  ? -13.593 19.839  7.478   1.00 57.02 ? 503 ACT B CH3 1 
HETATM 1640 O O   . HOH H 4 .  ? -6.070  -3.380  -0.759  1.00 16.61 ? 505 HOH A O   1 
HETATM 1641 O O   . HOH H 4 .  ? -1.344  8.099   -11.848 1.00 36.44 ? 506 HOH A O   1 
HETATM 1642 O O   . HOH H 4 .  ? -0.783  -12.291 -5.629  1.00 28.00 ? 507 HOH A O   1 
HETATM 1643 O O   . HOH H 4 .  ? -5.686  -2.365  -3.132  1.00 26.23 ? 508 HOH A O   1 
HETATM 1644 O O   . HOH H 4 .  ? 7.796   1.613   13.410  1.00 33.93 ? 509 HOH A O   1 
HETATM 1645 O O   . HOH H 4 .  ? 6.112   -3.436  -17.386 1.00 27.89 ? 510 HOH A O   1 
HETATM 1646 O O   . HOH H 4 .  ? 0.239   2.382   -17.767 1.00 32.97 ? 511 HOH A O   1 
HETATM 1647 O O   . HOH H 4 .  ? 7.211   -0.252  10.965  1.00 37.52 ? 512 HOH A O   1 
HETATM 1648 O O   . HOH H 4 .  ? 10.413  -24.775 -14.232 1.00 43.92 ? 513 HOH A O   1 
HETATM 1649 O O   . HOH H 4 .  ? 15.301  -8.832  -0.034  1.00 49.80 ? 514 HOH A O   1 
HETATM 1650 O O   . HOH H 4 .  ? -0.762  -17.600 11.050  1.00 37.86 ? 515 HOH A O   1 
HETATM 1651 O O   . HOH H 4 .  ? -5.186  -9.527  14.261  1.00 26.37 ? 516 HOH A O   1 
HETATM 1652 O O   . HOH H 4 .  ? 9.673   6.879   6.970   1.00 52.39 ? 517 HOH A O   1 
HETATM 1653 O O   . HOH H 4 .  ? -7.093  -10.023 -2.102  1.00 47.07 ? 518 HOH A O   1 
HETATM 1654 O O   . HOH H 4 .  ? 14.219  -7.879  -4.612  1.00 42.68 ? 519 HOH A O   1 
HETATM 1655 O O   . HOH H 4 .  ? 12.049  -5.295  -0.920  1.00 33.88 ? 520 HOH A O   1 
HETATM 1656 O O   . HOH H 4 .  ? -4.589  -13.195 14.091  1.00 32.05 ? 521 HOH A O   1 
HETATM 1657 O O   . HOH H 4 .  ? -6.680  -15.433 -11.716 1.00 45.07 ? 522 HOH A O   1 
HETATM 1658 O O   . HOH H 4 .  ? 16.284  -15.510 -8.826  1.00 42.79 ? 523 HOH A O   1 
HETATM 1659 O O   . HOH H 4 .  ? 13.775  -24.823 -2.282  1.00 26.88 ? 524 HOH A O   1 
HETATM 1660 O O   . HOH H 4 .  ? 2.275   -26.104 -3.409  1.00 38.80 ? 525 HOH A O   1 
HETATM 1661 O O   . HOH H 4 .  ? 8.687   -21.215 2.117   1.00 39.38 ? 526 HOH A O   1 
HETATM 1662 O O   . HOH H 4 .  ? -2.220  -0.191  20.351  1.00 44.76 ? 527 HOH A O   1 
HETATM 1663 O O   . HOH H 4 .  ? 11.908  0.194   2.053   1.00 43.20 ? 528 HOH A O   1 
HETATM 1664 O O   . HOH H 4 .  ? 14.221  1.597   8.741   1.00 33.86 ? 529 HOH A O   1 
HETATM 1665 O O   . HOH H 4 .  ? 10.991  -10.352 10.346  1.00 50.59 ? 530 HOH A O   1 
HETATM 1666 O O   . HOH H 4 .  ? 9.700   -15.991 7.927   1.00 48.64 ? 531 HOH A O   1 
HETATM 1667 O O   . HOH H 4 .  ? 16.028  -9.300  -8.893  1.00 51.58 ? 532 HOH A O   1 
HETATM 1668 O O   . HOH H 4 .  ? 4.689   -27.657 -13.030 1.00 58.24 ? 533 HOH A O   1 
HETATM 1669 O O   . HOH H 4 .  ? 6.382   -11.575 -18.644 1.00 65.37 ? 534 HOH A O   1 
HETATM 1670 O O   . HOH H 4 .  ? 5.485   -10.570 -23.598 1.00 50.12 ? 535 HOH A O   1 
HETATM 1671 O O   . HOH H 4 .  ? -2.186  -19.475 -16.698 1.00 48.13 ? 536 HOH A O   1 
HETATM 1672 O O   . HOH H 4 .  ? -0.881  -19.069 8.999   1.00 41.42 ? 537 HOH A O   1 
HETATM 1673 O O   . HOH H 4 .  ? 3.866   5.124   -16.592 1.00 38.30 ? 538 HOH A O   1 
HETATM 1674 O O   . HOH H 4 .  ? 4.512   -14.845 16.435  1.00 63.29 ? 539 HOH A O   1 
HETATM 1675 O O   . HOH H 4 .  ? -0.558  -19.451 -12.648 1.00 42.79 ? 540 HOH A O   1 
HETATM 1676 O O   . HOH H 4 .  ? -11.608 -19.454 -14.694 1.00 68.09 ? 541 HOH A O   1 
HETATM 1677 O O   . HOH H 4 .  ? 8.733   9.315   4.909   1.00 58.51 ? 542 HOH A O   1 
HETATM 1678 O O   . HOH H 4 .  ? 2.452   -17.205 17.506  1.00 42.19 ? 543 HOH A O   1 
HETATM 1679 O O   . HOH H 4 .  ? 6.636   -1.768  15.700  1.00 44.45 ? 544 HOH A O   1 
HETATM 1680 O O   . HOH H 4 .  ? -6.230  -25.208 -11.588 1.00 54.82 ? 545 HOH A O   1 
HETATM 1681 O O   . HOH H 4 .  ? -8.740  -4.153  19.281  1.00 68.98 ? 546 HOH A O   1 
HETATM 1682 O O   . HOH H 4 .  ? -4.623  -23.273 -12.371 1.00 51.96 ? 547 HOH A O   1 
HETATM 1683 O O   . HOH H 4 .  ? 0.340   0.711   20.255  1.00 62.96 ? 548 HOH A O   1 
HETATM 1684 O O   . HOH H 4 .  ? 15.851  -12.552 -7.228  1.00 71.86 ? 549 HOH A O   1 
HETATM 1685 O O   . HOH H 4 .  ? -4.127  -16.200 -3.347  1.00 33.89 ? 550 HOH A O   1 
HETATM 1686 O O   . HOH I 4 .  ? 6.063   2.882   1.413   1.00 15.30 ? 504 HOH B O   1 
HETATM 1687 O O   . HOH I 4 .  ? 1.304   13.093  2.648   1.00 19.58 ? 505 HOH B O   1 
HETATM 1688 O O   . HOH I 4 .  ? 5.071   2.293   3.950   1.00 16.85 ? 506 HOH B O   1 
HETATM 1689 O O   . HOH I 4 .  ? -14.221 18.835  15.529  1.00 59.32 ? 507 HOH B O   1 
HETATM 1690 O O   . HOH I 4 .  ? 1.736   2.923   14.007  1.00 27.96 ? 508 HOH B O   1 
HETATM 1691 O O   . HOH I 4 .  ? -12.692 -4.963  -2.301  1.00 37.89 ? 509 HOH B O   1 
HETATM 1692 O O   . HOH I 4 .  ? -7.944  10.217  -10.296 1.00 33.06 ? 510 HOH B O   1 
HETATM 1693 O O   . HOH I 4 .  ? 0.057   24.071  2.458   1.00 37.22 ? 511 HOH B O   1 
HETATM 1694 O O   . HOH I 4 .  ? -14.894 9.185   -2.961  1.00 35.42 ? 512 HOH B O   1 
HETATM 1695 O O   . HOH I 4 .  ? 5.496   8.686   6.339   1.00 31.83 ? 513 HOH B O   1 
HETATM 1696 O O   . HOH I 4 .  ? -7.495  -9.907  7.793   1.00 23.10 ? 514 HOH B O   1 
HETATM 1697 O O   . HOH I 4 .  ? 2.332   13.221  10.474  1.00 30.13 ? 515 HOH B O   1 
HETATM 1698 O O   . HOH I 4 .  ? -2.549  17.906  -8.907  1.00 49.30 ? 516 HOH B O   1 
HETATM 1699 O O   . HOH I 4 .  ? -17.943 8.237   -1.487  1.00 63.19 ? 517 HOH B O   1 
HETATM 1700 O O   . HOH I 4 .  ? -7.494  13.061  -9.965  1.00 38.34 ? 518 HOH B O   1 
HETATM 1701 O O   . HOH I 4 .  ? -10.895 -4.323  5.135   1.00 32.30 ? 519 HOH B O   1 
HETATM 1702 O O   . HOH I 4 .  ? 2.248   19.271  7.574   1.00 26.62 ? 520 HOH B O   1 
HETATM 1703 O O   . HOH I 4 .  ? -10.271 3.335   19.074  1.00 47.73 ? 521 HOH B O   1 
HETATM 1704 O O   . HOH I 4 .  ? 1.842   13.518  -13.247 1.00 24.11 ? 522 HOH B O   1 
HETATM 1705 O O   . HOH I 4 .  ? -13.204 -5.679  9.147   1.00 43.28 ? 523 HOH B O   1 
HETATM 1706 O O   . HOH I 4 .  ? -19.850 14.960  0.987   1.00 43.99 ? 524 HOH B O   1 
HETATM 1707 O O   . HOH I 4 .  ? 3.590   13.485  3.536   1.00 29.34 ? 525 HOH B O   1 
HETATM 1708 O O   . HOH I 4 .  ? -0.730  16.678  -10.802 1.00 47.41 ? 526 HOH B O   1 
HETATM 1709 O O   . HOH I 4 .  ? -14.674 10.356  9.873   1.00 42.29 ? 527 HOH B O   1 
HETATM 1710 O O   . HOH I 4 .  ? -13.980 17.779  -4.413  1.00 64.89 ? 528 HOH B O   1 
HETATM 1711 O O   . HOH I 4 .  ? -11.079 18.031  8.172   1.00 40.91 ? 529 HOH B O   1 
HETATM 1712 O O   . HOH I 4 .  ? 7.859   0.644   -11.470 1.00 48.15 ? 530 HOH B O   1 
HETATM 1713 O O   . HOH I 4 .  ? 0.366   19.171  12.229  1.00 25.23 ? 531 HOH B O   1 
HETATM 1714 O O   . HOH I 4 .  ? -12.858 -0.563  19.228  1.00 56.11 ? 532 HOH B O   1 
HETATM 1715 O O   . HOH I 4 .  ? 2.259   14.677  8.004   1.00 21.49 ? 533 HOH B O   1 
HETATM 1716 O O   . HOH I 4 .  ? -20.114 5.655   -4.163  1.00 51.66 ? 534 HOH B O   1 
HETATM 1717 O O   . HOH I 4 .  ? -12.652 -7.681  5.464   1.00 30.00 ? 535 HOH B O   1 
HETATM 1718 O O   . HOH I 4 .  ? -11.529 6.793   -3.802  1.00 53.92 ? 536 HOH B O   1 
HETATM 1719 O O   . HOH I 4 .  ? -7.947  -2.597  -6.635  1.00 26.89 ? 537 HOH B O   1 
HETATM 1720 O O   . HOH I 4 .  ? 0.382   11.683  -14.633 1.00 43.98 ? 538 HOH B O   1 
HETATM 1721 O O   . HOH I 4 .  ? 5.457   31.518  4.255   1.00 50.35 ? 539 HOH B O   1 
HETATM 1722 O O   . HOH I 4 .  ? -2.321  21.479  -11.308 1.00 58.53 ? 540 HOH B O   1 
HETATM 1723 O O   . HOH I 4 .  ? -19.300 -10.437 -0.002  1.00 47.48 ? 541 HOH B O   1 
HETATM 1724 O O   . HOH I 4 .  ? -11.144 -2.498  -8.589  1.00 48.58 ? 542 HOH B O   1 
HETATM 1725 O O   . HOH I 4 .  ? -19.455 4.073   5.124   1.00 58.64 ? 543 HOH B O   1 
HETATM 1726 O O   . HOH I 4 .  ? -0.491  14.659  -14.498 1.00 47.00 ? 544 HOH B O   1 
HETATM 1727 O O   . HOH I 4 .  ? 5.349   14.991  6.520   1.00 49.20 ? 545 HOH B O   1 
HETATM 1728 O O   . HOH I 4 .  ? -3.655  23.403  10.754  1.00 48.40 ? 546 HOH B O   1 
HETATM 1729 O O   . HOH I 4 .  ? 0.330   20.613  -10.423 1.00 46.11 ? 547 HOH B O   1 
HETATM 1730 O O   . HOH I 4 .  ? -17.778 -2.187  0.762   1.00 53.03 ? 548 HOH B O   1 
HETATM 1731 O O   . HOH I 4 .  ? -3.995  29.823  -5.070  1.00 49.39 ? 549 HOH B O   1 
HETATM 1732 O O   . HOH I 4 .  ? -12.962 18.707  17.838  1.00 60.58 ? 550 HOH B O   1 
HETATM 1733 O O   . HOH I 4 .  ? -19.961 7.549   -7.560  1.00 54.85 ? 551 HOH B O   1 
HETATM 1734 O O   . HOH I 4 .  ? -5.783  10.857  16.717  1.00 39.58 ? 552 HOH B O   1 
HETATM 1735 O O   . HOH I 4 .  ? -6.476  8.481   17.413  1.00 37.08 ? 553 HOH B O   1 
HETATM 1736 O O   . HOH J 4 .  ? 1.493   2.042   -6.579  1.00 21.47 ? 11  HOH P O   1 
HETATM 1737 O O   . HOH J 4 .  ? 9.046   8.933   1.006   1.00 52.79 ? 12  HOH P O   1 
HETATM 1738 O O   . HOH J 4 .  ? 10.483  3.804   -5.314  1.00 55.52 ? 13  HOH P O   1 
HETATM 1739 O O   . HOH J 4 .  ? -1.621  -5.417  -6.451  1.00 38.49 ? 14  HOH P O   1 
HETATM 1740 O O   . HOH J 4 .  ? -3.534  -4.202  -9.964  1.00 26.78 ? 15  HOH P O   1 
# 
loop_
_pdbx_poly_seq_scheme.asym_id 
_pdbx_poly_seq_scheme.entity_id 
_pdbx_poly_seq_scheme.seq_id 
_pdbx_poly_seq_scheme.mon_id 
_pdbx_poly_seq_scheme.ndb_seq_num 
_pdbx_poly_seq_scheme.pdb_seq_num 
_pdbx_poly_seq_scheme.auth_seq_num 
_pdbx_poly_seq_scheme.pdb_mon_id 
_pdbx_poly_seq_scheme.auth_mon_id 
_pdbx_poly_seq_scheme.pdb_strand_id 
_pdbx_poly_seq_scheme.pdb_ins_code 
_pdbx_poly_seq_scheme.hetero 
A 1 1  PRO 1  1  1  PRO PRO A . n 
A 1 2  GLN 2  2  2  GLN GLN A . n 
A 1 3  ILE 3  3  3  ILE ILE A . n 
A 1 4  THR 4  4  4  THR THR A . n 
A 1 5  LEU 5  5  5  LEU LEU A . n 
A 1 6  TRP 6  6  6  TRP TRP A . n 
A 1 7  LYS 7  7  7  LYS LYS A . n 
A 1 8  ARG 8  8  8  ARG ARG A . n 
A 1 9  PRO 9  9  9  PRO PRO A . n 
A 1 10 LEU 10 10 10 LEU LEU A . n 
A 1 11 VAL 11 11 11 VAL VAL A . n 
A 1 12 THR 12 12 12 THR THR A . n 
A 1 13 ILE 13 13 13 ILE ILE A . n 
A 1 14 ARG 14 14 14 ARG ARG A . n 
A 1 15 ILE 15 15 15 ILE ILE A . n 
A 1 16 GLY 16 16 16 GLY GLY A . n 
A 1 17 GLY 17 17 17 GLY GLY A . n 
A 1 18 GLN 18 18 18 GLN GLN A . n 
A 1 19 LEU 19 19 19 LEU LEU A . n 
A 1 20 LYS 20 20 20 LYS LYS A . n 
A 1 21 GLU 21 21 21 GLU GLU A . n 
A 1 22 ALA 22 22 22 ALA ALA A . n 
A 1 23 LEU 23 23 23 LEU LEU A . n 
A 1 24 LEU 24 24 24 LEU LEU A . n 
A 1 25 ASN 25 25 25 ASN ASN A . n 
A 1 26 THR 26 26 26 THR THR A . n 
A 1 27 GLY 27 27 27 GLY GLY A . n 
A 1 28 ALA 28 28 28 ALA ALA A . n 
A 1 29 ASP 29 29 29 ASP ASP A . n 
A 1 30 ASP 30 30 30 ASP ASP A . n 
A 1 31 THR 31 31 31 THR THR A . n 
A 1 32 VAL 32 32 32 VAL VAL A . n 
A 1 33 LEU 33 33 33 LEU LEU A . n 
A 1 34 GLU 34 34 34 GLU GLU A . n 
A 1 35 GLU 35 35 35 GLU GLU A . n 
A 1 36 MET 36 36 36 MET MET A . n 
A 1 37 ASN 37 37 37 ASN ASN A . n 
A 1 38 LEU 38 38 38 LEU LEU A . n 
A 1 39 PRO 39 39 39 PRO PRO A . n 
A 1 40 GLY 40 40 40 GLY GLY A . n 
A 1 41 LYS 41 41 41 LYS ALA A . n 
A 1 42 TRP 42 42 42 TRP TRP A . n 
A 1 43 LYS 43 43 43 LYS ALA A . n 
A 1 44 PRO 44 44 44 PRO PRO A . n 
A 1 45 LYS 45 45 45 LYS LYS A . n 
A 1 46 MET 46 46 46 MET MET A . n 
A 1 47 ILE 47 47 47 ILE ILE A . n 
A 1 48 GLY 48 48 48 GLY GLY A . n 
A 1 49 GLY 49 49 49 GLY GLY A . n 
A 1 50 ILE 50 50 50 ILE ILE A . n 
A 1 51 GLY 51 51 51 GLY GLY A . n 
A 1 52 GLY 52 52 52 GLY GLY A . n 
A 1 53 PHE 53 53 53 PHE PHE A . n 
A 1 54 ILE 54 54 54 ILE ILE A . n 
A 1 55 LYS 55 55 55 LYS LYS A . n 
A 1 56 VAL 56 56 56 VAL VAL A . n 
A 1 57 ARG 57 57 57 ARG ARG A . n 
A 1 58 GLN 58 58 58 GLN GLN A . n 
A 1 59 TYR 59 59 59 TYR TYR A . n 
A 1 60 ASP 60 60 60 ASP ASP A . n 
A 1 61 GLN 61 61 61 GLN GLN A . n 
A 1 62 ILE 62 62 62 ILE ILE A . n 
A 1 63 PRO 63 63 63 PRO PRO A . n 
A 1 64 VAL 64 64 64 VAL VAL A . n 
A 1 65 GLU 65 65 65 GLU GLU A . n 
A 1 66 ILE 66 66 66 ILE ILE A . n 
A 1 67 CYS 67 67 67 CYS CYS A . n 
A 1 68 GLY 68 68 68 GLY GLY A . n 
A 1 69 HIS 69 69 69 HIS HIS A . n 
A 1 70 LYS 70 70 70 LYS ALA A . n 
A 1 71 ALA 71 71 71 ALA ALA A . n 
A 1 72 ILE 72 72 72 ILE ILE A . n 
A 1 73 GLY 73 73 73 GLY GLY A . n 
A 1 74 THR 74 74 74 THR THR A . n 
A 1 75 VAL 75 75 75 VAL VAL A . n 
A 1 76 LEU 76 76 76 LEU LEU A . n 
A 1 77 VAL 77 77 77 VAL VAL A . n 
A 1 78 GLY 78 78 78 GLY GLY A . n 
A 1 79 PRO 79 79 79 PRO PRO A . n 
A 1 80 THR 80 80 80 THR THR A . n 
A 1 81 PRO 81 81 81 PRO PRO A . n 
A 1 82 VAL 82 82 82 VAL VAL A . n 
A 1 83 ASN 83 83 83 ASN ASN A . n 
A 1 84 ILE 84 84 84 ILE ILE A . n 
A 1 85 ILE 85 85 85 ILE ILE A . n 
A 1 86 GLY 86 86 86 GLY GLY A . n 
A 1 87 ARG 87 87 87 ARG ARG A . n 
A 1 88 ASN 88 88 88 ASN ASN A . n 
A 1 89 LEU 89 89 89 LEU LEU A . n 
A 1 90 LEU 90 90 90 LEU LEU A . n 
A 1 91 THR 91 91 91 THR THR A . n 
A 1 92 GLN 92 92 92 GLN GLN A . n 
A 1 93 ILE 93 93 93 ILE ILE A . n 
A 1 94 GLY 94 94 94 GLY GLY A . n 
A 1 95 CYS 95 95 95 CYS CYS A . n 
A 1 96 THR 96 96 96 THR THR A . n 
A 1 97 LEU 97 97 97 LEU LEU A . n 
A 1 98 ASN 98 98 98 ASN ASN A . n 
A 1 99 PHE 99 99 99 PHE PHE A . n 
B 1 1  PRO 1  1  1  PRO PRO B . n 
B 1 2  GLN 2  2  2  GLN GLN B . n 
B 1 3  ILE 3  3  3  ILE ILE B . n 
B 1 4  THR 4  4  4  THR THR B . n 
B 1 5  LEU 5  5  5  LEU LEU B . n 
B 1 6  TRP 6  6  6  TRP TRP B . n 
B 1 7  LYS 7  7  7  LYS LYS B . n 
B 1 8  ARG 8  8  8  ARG ARG B . n 
B 1 9  PRO 9  9  9  PRO PRO B . n 
B 1 10 LEU 10 10 10 LEU LEU B . n 
B 1 11 VAL 11 11 11 VAL VAL B . n 
B 1 12 THR 12 12 12 THR THR B . n 
B 1 13 ILE 13 13 13 ILE ILE B . n 
B 1 14 ARG 14 14 14 ARG ARG B . n 
B 1 15 ILE 15 15 15 ILE ILE B . n 
B 1 16 GLY 16 16 16 GLY GLY B . n 
B 1 17 GLY 17 17 17 GLY GLY B . n 
B 1 18 GLN 18 18 18 GLN GLN B . n 
B 1 19 LEU 19 19 19 LEU LEU B . n 
B 1 20 LYS 20 20 20 LYS LYS B . n 
B 1 21 GLU 21 21 21 GLU GLU B . n 
B 1 22 ALA 22 22 22 ALA ALA B . n 
B 1 23 LEU 23 23 23 LEU LEU B . n 
B 1 24 LEU 24 24 24 LEU LEU B . n 
B 1 25 ASN 25 25 25 ASN ASN B . n 
B 1 26 THR 26 26 26 THR THR B . n 
B 1 27 GLY 27 27 27 GLY GLY B . n 
B 1 28 ALA 28 28 28 ALA ALA B . n 
B 1 29 ASP 29 29 29 ASP ASP B . n 
B 1 30 ASP 30 30 30 ASP ASP B . n 
B 1 31 THR 31 31 31 THR THR B . n 
B 1 32 VAL 32 32 32 VAL VAL B . n 
B 1 33 LEU 33 33 33 LEU LEU B . n 
B 1 34 GLU 34 34 34 GLU GLU B . n 
B 1 35 GLU 35 35 35 GLU GLU B . n 
B 1 36 MET 36 36 36 MET MET B . n 
B 1 37 ASN 37 37 37 ASN ASN B . n 
B 1 38 LEU 38 38 38 LEU LEU B . n 
B 1 39 PRO 39 39 39 PRO PRO B . n 
B 1 40 GLY 40 40 40 GLY GLY B . n 
B 1 41 LYS 41 41 41 LYS ALA B . n 
B 1 42 TRP 42 42 42 TRP TRP B . n 
B 1 43 LYS 43 43 43 LYS ALA B . n 
B 1 44 PRO 44 44 44 PRO PRO B . n 
B 1 45 LYS 45 45 45 LYS LYS B . n 
B 1 46 MET 46 46 46 MET MET B . n 
B 1 47 ILE 47 47 47 ILE ILE B . n 
B 1 48 GLY 48 48 48 GLY GLY B . n 
B 1 49 GLY 49 49 49 GLY GLY B . n 
B 1 50 ILE 50 50 50 ILE ILE B . n 
B 1 51 GLY 51 51 51 GLY GLY B . n 
B 1 52 GLY 52 52 52 GLY GLY B . n 
B 1 53 PHE 53 53 53 PHE PHE B . n 
B 1 54 ILE 54 54 54 ILE ILE B . n 
B 1 55 LYS 55 55 55 LYS LYS B . n 
B 1 56 VAL 56 56 56 VAL VAL B . n 
B 1 57 ARG 57 57 57 ARG ARG B . n 
B 1 58 GLN 58 58 58 GLN GLN B . n 
B 1 59 TYR 59 59 59 TYR TYR B . n 
B 1 60 ASP 60 60 60 ASP ASP B . n 
B 1 61 GLN 61 61 61 GLN GLN B . n 
B 1 62 ILE 62 62 62 ILE ILE B . n 
B 1 63 PRO 63 63 63 PRO PRO B . n 
B 1 64 VAL 64 64 64 VAL VAL B . n 
B 1 65 GLU 65 65 65 GLU GLU B . n 
B 1 66 ILE 66 66 66 ILE ILE B . n 
B 1 67 CYS 67 67 67 CYS CYS B . n 
B 1 68 GLY 68 68 68 GLY GLY B . n 
B 1 69 HIS 69 69 69 HIS HIS B . n 
B 1 70 LYS 70 70 70 LYS LYS B . n 
B 1 71 ALA 71 71 71 ALA ALA B . n 
B 1 72 ILE 72 72 72 ILE ILE B . n 
B 1 73 GLY 73 73 73 GLY GLY B . n 
B 1 74 THR 74 74 74 THR THR B . n 
B 1 75 VAL 75 75 75 VAL VAL B . n 
B 1 76 LEU 76 76 76 LEU LEU B . n 
B 1 77 VAL 77 77 77 VAL VAL B . n 
B 1 78 GLY 78 78 78 GLY GLY B . n 
B 1 79 PRO 79 79 79 PRO PRO B . n 
B 1 80 THR 80 80 80 THR THR B . n 
B 1 81 PRO 81 81 81 PRO PRO B . n 
B 1 82 VAL 82 82 82 VAL VAL B . n 
B 1 83 ASN 83 83 83 ASN ASN B . n 
B 1 84 ILE 84 84 84 ILE ILE B . n 
B 1 85 ILE 85 85 85 ILE ILE B . n 
B 1 86 GLY 86 86 86 GLY GLY B . n 
B 1 87 ARG 87 87 87 ARG ARG B . n 
B 1 88 ASN 88 88 88 ASN ASN B . n 
B 1 89 LEU 89 89 89 LEU LEU B . n 
B 1 90 LEU 90 90 90 LEU LEU B . n 
B 1 91 THR 91 91 91 THR THR B . n 
B 1 92 GLN 92 92 92 GLN GLN B . n 
B 1 93 ILE 93 93 93 ILE ILE B . n 
B 1 94 GLY 94 94 94 GLY GLY B . n 
B 1 95 CYS 95 95 95 CYS CYS B . n 
B 1 96 THR 96 96 96 THR THR B . n 
B 1 97 LEU 97 97 97 LEU LEU B . n 
B 1 98 ASN 98 98 98 ASN ASN B . n 
B 1 99 PHE 99 99 99 PHE PHE B . n 
C 2 1  ARG 1  1  1  ARG ALA P . n 
C 2 2  PRO 2  2  2  PRO PRO P . n 
C 2 3  GLY 3  3  3  GLY GLY P . n 
C 2 4  ASN 4  4  4  ASN ASN P . n 
C 2 5  PHE 5  5  5  PHE PHE P . n 
C 2 6  LEU 6  6  6  LEU LEU P . n 
C 2 7  GLN 7  7  7  GLN GLN P . n 
C 2 8  SER 8  8  8  SER SER P . n 
C 2 9  ARG 9  9  9  ARG ARG P . n 
C 2 10 PRO 10 10 10 PRO PRO P . n 
# 
loop_
_pdbx_nonpoly_scheme.asym_id 
_pdbx_nonpoly_scheme.entity_id 
_pdbx_nonpoly_scheme.mon_id 
_pdbx_nonpoly_scheme.ndb_seq_num 
_pdbx_nonpoly_scheme.pdb_seq_num 
_pdbx_nonpoly_scheme.auth_seq_num 
_pdbx_nonpoly_scheme.pdb_mon_id 
_pdbx_nonpoly_scheme.auth_mon_id 
_pdbx_nonpoly_scheme.pdb_strand_id 
_pdbx_nonpoly_scheme.pdb_ins_code 
D 3 ACT 1  504 504 ACT ACT A . 
E 3 ACT 1  501 501 ACT ACT B . 
F 3 ACT 1  502 502 ACT ACT B . 
G 3 ACT 1  503 503 ACT ACT B . 
H 4 HOH 1  505 4   HOH WAT A . 
H 4 HOH 2  506 7   HOH WAT A . 
H 4 HOH 3  507 10  HOH WAT A . 
H 4 HOH 4  508 11  HOH WAT A . 
H 4 HOH 5  509 14  HOH WAT A . 
H 4 HOH 6  510 15  HOH WAT A . 
H 4 HOH 7  511 17  HOH WAT A . 
H 4 HOH 8  512 18  HOH WAT A . 
H 4 HOH 9  513 20  HOH WAT A . 
H 4 HOH 10 514 22  HOH WAT A . 
H 4 HOH 11 515 24  HOH WAT A . 
H 4 HOH 12 516 23  HOH WAT A . 
H 4 HOH 13 517 30  HOH WAT A . 
H 4 HOH 14 518 35  HOH WAT A . 
H 4 HOH 15 519 42  HOH WAT A . 
H 4 HOH 16 520 43  HOH WAT A . 
H 4 HOH 17 521 46  HOH WAT A . 
H 4 HOH 18 522 47  HOH WAT A . 
H 4 HOH 19 523 58  HOH WAT A . 
H 4 HOH 20 524 120 HOH WAT A . 
H 4 HOH 21 525 103 HOH WAT A . 
H 4 HOH 22 526 105 HOH WAT A . 
H 4 HOH 23 527 109 HOH WAT A . 
H 4 HOH 24 528 112 HOH WAT A . 
H 4 HOH 25 529 114 HOH WAT A . 
H 4 HOH 26 530 115 HOH WAT A . 
H 4 HOH 27 531 118 HOH WAT A . 
H 4 HOH 28 532 123 HOH WAT A . 
H 4 HOH 29 533 126 HOH WAT A . 
H 4 HOH 30 534 127 HOH WAT A . 
H 4 HOH 31 535 128 HOH WAT A . 
H 4 HOH 32 536 129 HOH WAT A . 
H 4 HOH 33 537 134 HOH WAT A . 
H 4 HOH 34 538 135 HOH WAT A . 
H 4 HOH 35 539 143 HOH WAT A . 
H 4 HOH 36 540 145 HOH WAT A . 
H 4 HOH 37 541 146 HOH WAT A . 
H 4 HOH 38 542 150 HOH WAT A . 
H 4 HOH 39 543 155 HOH WAT A . 
H 4 HOH 40 544 158 HOH WAT A . 
H 4 HOH 41 545 160 HOH WAT A . 
H 4 HOH 42 546 161 HOH WAT A . 
H 4 HOH 43 547 171 HOH WAT A . 
H 4 HOH 44 548 172 HOH WAT A . 
H 4 HOH 45 549 183 HOH WAT A . 
H 4 HOH 46 550 198 HOH WAT A . 
I 4 HOH 1  504 1   HOH WAT B . 
I 4 HOH 2  505 2   HOH WAT B . 
I 4 HOH 3  506 5   HOH WAT B . 
I 4 HOH 4  507 6   HOH WAT B . 
I 4 HOH 5  508 8   HOH WAT B . 
I 4 HOH 6  509 12  HOH WAT B . 
I 4 HOH 7  510 13  HOH WAT B . 
I 4 HOH 8  511 16  HOH WAT B . 
I 4 HOH 9  512 19  HOH WAT B . 
I 4 HOH 10 513 25  HOH WAT B . 
I 4 HOH 11 514 26  HOH WAT B . 
I 4 HOH 12 515 28  HOH WAT B . 
I 4 HOH 13 516 31  HOH WAT B . 
I 4 HOH 14 517 32  HOH WAT B . 
I 4 HOH 15 518 36  HOH WAT B . 
I 4 HOH 16 519 45  HOH WAT B . 
I 4 HOH 17 520 50  HOH WAT B . 
I 4 HOH 18 521 52  HOH WAT B . 
I 4 HOH 19 522 53  HOH WAT B . 
I 4 HOH 20 523 54  HOH WAT B . 
I 4 HOH 21 524 55  HOH WAT B . 
I 4 HOH 22 525 56  HOH WAT B . 
I 4 HOH 23 526 62  HOH WAT B . 
I 4 HOH 24 527 64  HOH WAT B . 
I 4 HOH 25 528 67  HOH WAT B . 
I 4 HOH 26 529 68  HOH WAT B . 
I 4 HOH 27 530 70  HOH WAT B . 
I 4 HOH 28 531 75  HOH WAT B . 
I 4 HOH 29 532 76  HOH WAT B . 
I 4 HOH 30 533 77  HOH WAT B . 
I 4 HOH 31 534 78  HOH WAT B . 
I 4 HOH 32 535 81  HOH WAT B . 
I 4 HOH 33 536 89  HOH WAT B . 
I 4 HOH 34 537 101 HOH WAT B . 
I 4 HOH 35 538 106 HOH WAT B . 
I 4 HOH 36 539 131 HOH WAT B . 
I 4 HOH 37 540 140 HOH WAT B . 
I 4 HOH 38 541 147 HOH WAT B . 
I 4 HOH 39 542 156 HOH WAT B . 
I 4 HOH 40 543 159 HOH WAT B . 
I 4 HOH 41 544 162 HOH WAT B . 
I 4 HOH 42 545 164 HOH WAT B . 
I 4 HOH 43 546 165 HOH WAT B . 
I 4 HOH 44 547 168 HOH WAT B . 
I 4 HOH 45 548 169 HOH WAT B . 
I 4 HOH 46 549 173 HOH WAT B . 
I 4 HOH 47 550 189 HOH WAT B . 
I 4 HOH 48 551 194 HOH WAT B . 
I 4 HOH 49 552 196 HOH WAT B . 
I 4 HOH 50 553 197 HOH WAT B . 
J 4 HOH 1  11  3   HOH WAT P . 
J 4 HOH 2  12  51  HOH WAT P . 
J 4 HOH 3  13  142 HOH WAT P . 
J 4 HOH 4  14  144 HOH WAT P . 
J 4 HOH 5  15  195 HOH WAT P . 
# 
_pdbx_struct_assembly.id                   1 
_pdbx_struct_assembly.details              author_and_software_defined_assembly 
_pdbx_struct_assembly.method_details       PISA 
_pdbx_struct_assembly.oligomeric_details   trimeric 
_pdbx_struct_assembly.oligomeric_count     3 
# 
_pdbx_struct_assembly_gen.assembly_id       1 
_pdbx_struct_assembly_gen.oper_expression   1 
_pdbx_struct_assembly_gen.asym_id_list      A,B,C,D,E,F,G,H,I,J 
# 
loop_
_pdbx_struct_assembly_prop.biol_id 
_pdbx_struct_assembly_prop.type 
_pdbx_struct_assembly_prop.value 
_pdbx_struct_assembly_prop.details 
1 'ABSA (A^2)' 6130 ? 
1 MORE         -34  ? 
1 'SSA (A^2)'  9360 ? 
# 
_pdbx_struct_oper_list.id                   1 
_pdbx_struct_oper_list.type                 'identity operation' 
_pdbx_struct_oper_list.name                 1_555 
_pdbx_struct_oper_list.symmetry_operation   x,y,z 
_pdbx_struct_oper_list.matrix[1][1]         1.0000000000 
_pdbx_struct_oper_list.matrix[1][2]         0.0000000000 
_pdbx_struct_oper_list.matrix[1][3]         0.0000000000 
_pdbx_struct_oper_list.vector[1]            0.0000000000 
_pdbx_struct_oper_list.matrix[2][1]         0.0000000000 
_pdbx_struct_oper_list.matrix[2][2]         1.0000000000 
_pdbx_struct_oper_list.matrix[2][3]         0.0000000000 
_pdbx_struct_oper_list.vector[2]            0.0000000000 
_pdbx_struct_oper_list.matrix[3][1]         0.0000000000 
_pdbx_struct_oper_list.matrix[3][2]         0.0000000000 
_pdbx_struct_oper_list.matrix[3][3]         1.0000000000 
_pdbx_struct_oper_list.vector[3]            0.0000000000 
# 
loop_
_pdbx_audit_revision_history.ordinal 
_pdbx_audit_revision_history.data_content_type 
_pdbx_audit_revision_history.major_revision 
_pdbx_audit_revision_history.minor_revision 
_pdbx_audit_revision_history.revision_date 
1 'Structure model' 1 0 2002-03-06 
2 'Structure model' 1 1 2008-04-27 
3 'Structure model' 1 2 2011-07-13 
4 'Structure model' 1 3 2021-10-27 
5 'Structure model' 1 4 2023-08-16 
# 
_pdbx_audit_revision_details.ordinal             1 
_pdbx_audit_revision_details.revision_ordinal    1 
_pdbx_audit_revision_details.data_content_type   'Structure model' 
_pdbx_audit_revision_details.provider            repository 
_pdbx_audit_revision_details.type                'Initial release' 
_pdbx_audit_revision_details.description         ? 
_pdbx_audit_revision_details.details             ? 
# 
loop_
_pdbx_audit_revision_group.ordinal 
_pdbx_audit_revision_group.revision_ordinal 
_pdbx_audit_revision_group.data_content_type 
_pdbx_audit_revision_group.group 
1 2 'Structure model' 'Version format compliance' 
2 3 'Structure model' 'Version format compliance' 
3 4 'Structure model' 'Database references'       
4 4 'Structure model' 'Derived calculations'      
5 5 'Structure model' 'Data collection'           
6 5 'Structure model' 'Refinement description'    
# 
loop_
_pdbx_audit_revision_category.ordinal 
_pdbx_audit_revision_category.revision_ordinal 
_pdbx_audit_revision_category.data_content_type 
_pdbx_audit_revision_category.category 
1 4 'Structure model' database_2                    
2 4 'Structure model' struct_ref_seq_dif            
3 4 'Structure model' struct_site                   
4 5 'Structure model' chem_comp_atom                
5 5 'Structure model' chem_comp_bond                
6 5 'Structure model' pdbx_initial_refinement_model 
# 
loop_
_pdbx_audit_revision_item.ordinal 
_pdbx_audit_revision_item.revision_ordinal 
_pdbx_audit_revision_item.data_content_type 
_pdbx_audit_revision_item.item 
1 4 'Structure model' '_database_2.pdbx_DOI'                
2 4 'Structure model' '_database_2.pdbx_database_accession' 
3 4 'Structure model' '_struct_ref_seq_dif.details'         
4 4 'Structure model' '_struct_site.pdbx_auth_asym_id'      
5 4 'Structure model' '_struct_site.pdbx_auth_comp_id'      
6 4 'Structure model' '_struct_site.pdbx_auth_seq_id'       
# 
loop_
_software.name 
_software.classification 
_software.version 
_software.citation_id 
_software.pdbx_ordinal 
CNS       refinement       . ? 1 
DENZO     'data reduction' . ? 2 
SCALEPACK 'data scaling'   . ? 3 
CNS       phasing          . ? 4 
# 
loop_
_pdbx_validate_torsion.id 
_pdbx_validate_torsion.PDB_model_num 
_pdbx_validate_torsion.auth_comp_id 
_pdbx_validate_torsion.auth_asym_id 
_pdbx_validate_torsion.auth_seq_id 
_pdbx_validate_torsion.PDB_ins_code 
_pdbx_validate_torsion.label_alt_id 
_pdbx_validate_torsion.phi 
_pdbx_validate_torsion.psi 
1 1 GLU A 35 ? 1 -31.35 123.39 
2 1 GLU A 35 ? 2 -30.01 121.79 
3 1 PHE P 5  ? ? -97.87 47.11  
# 
loop_
_pdbx_unobs_or_zero_occ_atoms.id 
_pdbx_unobs_or_zero_occ_atoms.PDB_model_num 
_pdbx_unobs_or_zero_occ_atoms.polymer_flag 
_pdbx_unobs_or_zero_occ_atoms.occupancy_flag 
_pdbx_unobs_or_zero_occ_atoms.auth_asym_id 
_pdbx_unobs_or_zero_occ_atoms.auth_comp_id 
_pdbx_unobs_or_zero_occ_atoms.auth_seq_id 
_pdbx_unobs_or_zero_occ_atoms.PDB_ins_code 
_pdbx_unobs_or_zero_occ_atoms.auth_atom_id 
_pdbx_unobs_or_zero_occ_atoms.label_alt_id 
_pdbx_unobs_or_zero_occ_atoms.label_asym_id 
_pdbx_unobs_or_zero_occ_atoms.label_comp_id 
_pdbx_unobs_or_zero_occ_atoms.label_seq_id 
_pdbx_unobs_or_zero_occ_atoms.label_atom_id 
1  1 Y 1 A LYS 41 ? CG  ? A LYS 41 CG  
2  1 Y 1 A LYS 41 ? CD  ? A LYS 41 CD  
3  1 Y 1 A LYS 41 ? CE  ? A LYS 41 CE  
4  1 Y 1 A LYS 41 ? NZ  ? A LYS 41 NZ  
5  1 Y 1 A LYS 43 ? CG  ? A LYS 43 CG  
6  1 Y 1 A LYS 43 ? CD  ? A LYS 43 CD  
7  1 Y 1 A LYS 43 ? CE  ? A LYS 43 CE  
8  1 Y 1 A LYS 43 ? NZ  ? A LYS 43 NZ  
9  1 Y 1 A LYS 70 ? CG  ? A LYS 70 CG  
10 1 Y 1 A LYS 70 ? CD  ? A LYS 70 CD  
11 1 Y 1 A LYS 70 ? CE  ? A LYS 70 CE  
12 1 Y 1 A LYS 70 ? NZ  ? A LYS 70 NZ  
13 1 Y 1 B LYS 41 ? CG  ? B LYS 41 CG  
14 1 Y 1 B LYS 41 ? CD  ? B LYS 41 CD  
15 1 Y 1 B LYS 41 ? CE  ? B LYS 41 CE  
16 1 Y 1 B LYS 41 ? NZ  ? B LYS 41 NZ  
17 1 Y 1 B LYS 43 ? CG  ? B LYS 43 CG  
18 1 Y 1 B LYS 43 ? CD  ? B LYS 43 CD  
19 1 Y 1 B LYS 43 ? CE  ? B LYS 43 CE  
20 1 Y 1 B LYS 43 ? NZ  ? B LYS 43 NZ  
21 1 Y 1 P ARG 1  ? CG  ? C ARG 1  CG  
22 1 Y 1 P ARG 1  ? CD  ? C ARG 1  CD  
23 1 Y 1 P ARG 1  ? NE  ? C ARG 1  NE  
24 1 Y 1 P ARG 1  ? CZ  ? C ARG 1  CZ  
25 1 Y 1 P ARG 1  ? NH1 ? C ARG 1  NH1 
26 1 Y 1 P ARG 1  ? NH2 ? C ARG 1  NH2 
# 
loop_
_chem_comp_atom.comp_id 
_chem_comp_atom.atom_id 
_chem_comp_atom.type_symbol 
_chem_comp_atom.pdbx_aromatic_flag 
_chem_comp_atom.pdbx_stereo_config 
_chem_comp_atom.pdbx_ordinal 
ACT C    C N N 1   
ACT O    O N N 2   
ACT OXT  O N N 3   
ACT CH3  C N N 4   
ACT H1   H N N 5   
ACT H2   H N N 6   
ACT H3   H N N 7   
ALA N    N N N 8   
ALA CA   C N S 9   
ALA C    C N N 10  
ALA O    O N N 11  
ALA CB   C N N 12  
ALA OXT  O N N 13  
ALA H    H N N 14  
ALA H2   H N N 15  
ALA HA   H N N 16  
ALA HB1  H N N 17  
ALA HB2  H N N 18  
ALA HB3  H N N 19  
ALA HXT  H N N 20  
ARG N    N N N 21  
ARG CA   C N S 22  
ARG C    C N N 23  
ARG O    O N N 24  
ARG CB   C N N 25  
ARG CG   C N N 26  
ARG CD   C N N 27  
ARG NE   N N N 28  
ARG CZ   C N N 29  
ARG NH1  N N N 30  
ARG NH2  N N N 31  
ARG OXT  O N N 32  
ARG H    H N N 33  
ARG H2   H N N 34  
ARG HA   H N N 35  
ARG HB2  H N N 36  
ARG HB3  H N N 37  
ARG HG2  H N N 38  
ARG HG3  H N N 39  
ARG HD2  H N N 40  
ARG HD3  H N N 41  
ARG HE   H N N 42  
ARG HH11 H N N 43  
ARG HH12 H N N 44  
ARG HH21 H N N 45  
ARG HH22 H N N 46  
ARG HXT  H N N 47  
ASN N    N N N 48  
ASN CA   C N S 49  
ASN C    C N N 50  
ASN O    O N N 51  
ASN CB   C N N 52  
ASN CG   C N N 53  
ASN OD1  O N N 54  
ASN ND2  N N N 55  
ASN OXT  O N N 56  
ASN H    H N N 57  
ASN H2   H N N 58  
ASN HA   H N N 59  
ASN HB2  H N N 60  
ASN HB3  H N N 61  
ASN HD21 H N N 62  
ASN HD22 H N N 63  
ASN HXT  H N N 64  
ASP N    N N N 65  
ASP CA   C N S 66  
ASP C    C N N 67  
ASP O    O N N 68  
ASP CB   C N N 69  
ASP CG   C N N 70  
ASP OD1  O N N 71  
ASP OD2  O N N 72  
ASP OXT  O N N 73  
ASP H    H N N 74  
ASP H2   H N N 75  
ASP HA   H N N 76  
ASP HB2  H N N 77  
ASP HB3  H N N 78  
ASP HD2  H N N 79  
ASP HXT  H N N 80  
CYS N    N N N 81  
CYS CA   C N R 82  
CYS C    C N N 83  
CYS O    O N N 84  
CYS CB   C N N 85  
CYS SG   S N N 86  
CYS OXT  O N N 87  
CYS H    H N N 88  
CYS H2   H N N 89  
CYS HA   H N N 90  
CYS HB2  H N N 91  
CYS HB3  H N N 92  
CYS HG   H N N 93  
CYS HXT  H N N 94  
GLN N    N N N 95  
GLN CA   C N S 96  
GLN C    C N N 97  
GLN O    O N N 98  
GLN CB   C N N 99  
GLN CG   C N N 100 
GLN CD   C N N 101 
GLN OE1  O N N 102 
GLN NE2  N N N 103 
GLN OXT  O N N 104 
GLN H    H N N 105 
GLN H2   H N N 106 
GLN HA   H N N 107 
GLN HB2  H N N 108 
GLN HB3  H N N 109 
GLN HG2  H N N 110 
GLN HG3  H N N 111 
GLN HE21 H N N 112 
GLN HE22 H N N 113 
GLN HXT  H N N 114 
GLU N    N N N 115 
GLU CA   C N S 116 
GLU C    C N N 117 
GLU O    O N N 118 
GLU CB   C N N 119 
GLU CG   C N N 120 
GLU CD   C N N 121 
GLU OE1  O N N 122 
GLU OE2  O N N 123 
GLU OXT  O N N 124 
GLU H    H N N 125 
GLU H2   H N N 126 
GLU HA   H N N 127 
GLU HB2  H N N 128 
GLU HB3  H N N 129 
GLU HG2  H N N 130 
GLU HG3  H N N 131 
GLU HE2  H N N 132 
GLU HXT  H N N 133 
GLY N    N N N 134 
GLY CA   C N N 135 
GLY C    C N N 136 
GLY O    O N N 137 
GLY OXT  O N N 138 
GLY H    H N N 139 
GLY H2   H N N 140 
GLY HA2  H N N 141 
GLY HA3  H N N 142 
GLY HXT  H N N 143 
HIS N    N N N 144 
HIS CA   C N S 145 
HIS C    C N N 146 
HIS O    O N N 147 
HIS CB   C N N 148 
HIS CG   C Y N 149 
HIS ND1  N Y N 150 
HIS CD2  C Y N 151 
HIS CE1  C Y N 152 
HIS NE2  N Y N 153 
HIS OXT  O N N 154 
HIS H    H N N 155 
HIS H2   H N N 156 
HIS HA   H N N 157 
HIS HB2  H N N 158 
HIS HB3  H N N 159 
HIS HD1  H N N 160 
HIS HD2  H N N 161 
HIS HE1  H N N 162 
HIS HE2  H N N 163 
HIS HXT  H N N 164 
HOH O    O N N 165 
HOH H1   H N N 166 
HOH H2   H N N 167 
ILE N    N N N 168 
ILE CA   C N S 169 
ILE C    C N N 170 
ILE O    O N N 171 
ILE CB   C N S 172 
ILE CG1  C N N 173 
ILE CG2  C N N 174 
ILE CD1  C N N 175 
ILE OXT  O N N 176 
ILE H    H N N 177 
ILE H2   H N N 178 
ILE HA   H N N 179 
ILE HB   H N N 180 
ILE HG12 H N N 181 
ILE HG13 H N N 182 
ILE HG21 H N N 183 
ILE HG22 H N N 184 
ILE HG23 H N N 185 
ILE HD11 H N N 186 
ILE HD12 H N N 187 
ILE HD13 H N N 188 
ILE HXT  H N N 189 
LEU N    N N N 190 
LEU CA   C N S 191 
LEU C    C N N 192 
LEU O    O N N 193 
LEU CB   C N N 194 
LEU CG   C N N 195 
LEU CD1  C N N 196 
LEU CD2  C N N 197 
LEU OXT  O N N 198 
LEU H    H N N 199 
LEU H2   H N N 200 
LEU HA   H N N 201 
LEU HB2  H N N 202 
LEU HB3  H N N 203 
LEU HG   H N N 204 
LEU HD11 H N N 205 
LEU HD12 H N N 206 
LEU HD13 H N N 207 
LEU HD21 H N N 208 
LEU HD22 H N N 209 
LEU HD23 H N N 210 
LEU HXT  H N N 211 
LYS N    N N N 212 
LYS CA   C N S 213 
LYS C    C N N 214 
LYS O    O N N 215 
LYS CB   C N N 216 
LYS CG   C N N 217 
LYS CD   C N N 218 
LYS CE   C N N 219 
LYS NZ   N N N 220 
LYS OXT  O N N 221 
LYS H    H N N 222 
LYS H2   H N N 223 
LYS HA   H N N 224 
LYS HB2  H N N 225 
LYS HB3  H N N 226 
LYS HG2  H N N 227 
LYS HG3  H N N 228 
LYS HD2  H N N 229 
LYS HD3  H N N 230 
LYS HE2  H N N 231 
LYS HE3  H N N 232 
LYS HZ1  H N N 233 
LYS HZ2  H N N 234 
LYS HZ3  H N N 235 
LYS HXT  H N N 236 
MET N    N N N 237 
MET CA   C N S 238 
MET C    C N N 239 
MET O    O N N 240 
MET CB   C N N 241 
MET CG   C N N 242 
MET SD   S N N 243 
MET CE   C N N 244 
MET OXT  O N N 245 
MET H    H N N 246 
MET H2   H N N 247 
MET HA   H N N 248 
MET HB2  H N N 249 
MET HB3  H N N 250 
MET HG2  H N N 251 
MET HG3  H N N 252 
MET HE1  H N N 253 
MET HE2  H N N 254 
MET HE3  H N N 255 
MET HXT  H N N 256 
PHE N    N N N 257 
PHE CA   C N S 258 
PHE C    C N N 259 
PHE O    O N N 260 
PHE CB   C N N 261 
PHE CG   C Y N 262 
PHE CD1  C Y N 263 
PHE CD2  C Y N 264 
PHE CE1  C Y N 265 
PHE CE2  C Y N 266 
PHE CZ   C Y N 267 
PHE OXT  O N N 268 
PHE H    H N N 269 
PHE H2   H N N 270 
PHE HA   H N N 271 
PHE HB2  H N N 272 
PHE HB3  H N N 273 
PHE HD1  H N N 274 
PHE HD2  H N N 275 
PHE HE1  H N N 276 
PHE HE2  H N N 277 
PHE HZ   H N N 278 
PHE HXT  H N N 279 
PRO N    N N N 280 
PRO CA   C N S 281 
PRO C    C N N 282 
PRO O    O N N 283 
PRO CB   C N N 284 
PRO CG   C N N 285 
PRO CD   C N N 286 
PRO OXT  O N N 287 
PRO H    H N N 288 
PRO HA   H N N 289 
PRO HB2  H N N 290 
PRO HB3  H N N 291 
PRO HG2  H N N 292 
PRO HG3  H N N 293 
PRO HD2  H N N 294 
PRO HD3  H N N 295 
PRO HXT  H N N 296 
SER N    N N N 297 
SER CA   C N S 298 
SER C    C N N 299 
SER O    O N N 300 
SER CB   C N N 301 
SER OG   O N N 302 
SER OXT  O N N 303 
SER H    H N N 304 
SER H2   H N N 305 
SER HA   H N N 306 
SER HB2  H N N 307 
SER HB3  H N N 308 
SER HG   H N N 309 
SER HXT  H N N 310 
THR N    N N N 311 
THR CA   C N S 312 
THR C    C N N 313 
THR O    O N N 314 
THR CB   C N R 315 
THR OG1  O N N 316 
THR CG2  C N N 317 
THR OXT  O N N 318 
THR H    H N N 319 
THR H2   H N N 320 
THR HA   H N N 321 
THR HB   H N N 322 
THR HG1  H N N 323 
THR HG21 H N N 324 
THR HG22 H N N 325 
THR HG23 H N N 326 
THR HXT  H N N 327 
TRP N    N N N 328 
TRP CA   C N S 329 
TRP C    C N N 330 
TRP O    O N N 331 
TRP CB   C N N 332 
TRP CG   C Y N 333 
TRP CD1  C Y N 334 
TRP CD2  C Y N 335 
TRP NE1  N Y N 336 
TRP CE2  C Y N 337 
TRP CE3  C Y N 338 
TRP CZ2  C Y N 339 
TRP CZ3  C Y N 340 
TRP CH2  C Y N 341 
TRP OXT  O N N 342 
TRP H    H N N 343 
TRP H2   H N N 344 
TRP HA   H N N 345 
TRP HB2  H N N 346 
TRP HB3  H N N 347 
TRP HD1  H N N 348 
TRP HE1  H N N 349 
TRP HE3  H N N 350 
TRP HZ2  H N N 351 
TRP HZ3  H N N 352 
TRP HH2  H N N 353 
TRP HXT  H N N 354 
TYR N    N N N 355 
TYR CA   C N S 356 
TYR C    C N N 357 
TYR O    O N N 358 
TYR CB   C N N 359 
TYR CG   C Y N 360 
TYR CD1  C Y N 361 
TYR CD2  C Y N 362 
TYR CE1  C Y N 363 
TYR CE2  C Y N 364 
TYR CZ   C Y N 365 
TYR OH   O N N 366 
TYR OXT  O N N 367 
TYR H    H N N 368 
TYR H2   H N N 369 
TYR HA   H N N 370 
TYR HB2  H N N 371 
TYR HB3  H N N 372 
TYR HD1  H N N 373 
TYR HD2  H N N 374 
TYR HE1  H N N 375 
TYR HE2  H N N 376 
TYR HH   H N N 377 
TYR HXT  H N N 378 
VAL N    N N N 379 
VAL CA   C N S 380 
VAL C    C N N 381 
VAL O    O N N 382 
VAL CB   C N N 383 
VAL CG1  C N N 384 
VAL CG2  C N N 385 
VAL OXT  O N N 386 
VAL H    H N N 387 
VAL H2   H N N 388 
VAL HA   H N N 389 
VAL HB   H N N 390 
VAL HG11 H N N 391 
VAL HG12 H N N 392 
VAL HG13 H N N 393 
VAL HG21 H N N 394 
VAL HG22 H N N 395 
VAL HG23 H N N 396 
VAL HXT  H N N 397 
# 
loop_
_chem_comp_bond.comp_id 
_chem_comp_bond.atom_id_1 
_chem_comp_bond.atom_id_2 
_chem_comp_bond.value_order 
_chem_comp_bond.pdbx_aromatic_flag 
_chem_comp_bond.pdbx_stereo_config 
_chem_comp_bond.pdbx_ordinal 
ACT C   O    doub N N 1   
ACT C   OXT  sing N N 2   
ACT C   CH3  sing N N 3   
ACT CH3 H1   sing N N 4   
ACT CH3 H2   sing N N 5   
ACT CH3 H3   sing N N 6   
ALA N   CA   sing N N 7   
ALA N   H    sing N N 8   
ALA N   H2   sing N N 9   
ALA CA  C    sing N N 10  
ALA CA  CB   sing N N 11  
ALA CA  HA   sing N N 12  
ALA C   O    doub N N 13  
ALA C   OXT  sing N N 14  
ALA CB  HB1  sing N N 15  
ALA CB  HB2  sing N N 16  
ALA CB  HB3  sing N N 17  
ALA OXT HXT  sing N N 18  
ARG N   CA   sing N N 19  
ARG N   H    sing N N 20  
ARG N   H2   sing N N 21  
ARG CA  C    sing N N 22  
ARG CA  CB   sing N N 23  
ARG CA  HA   sing N N 24  
ARG C   O    doub N N 25  
ARG C   OXT  sing N N 26  
ARG CB  CG   sing N N 27  
ARG CB  HB2  sing N N 28  
ARG CB  HB3  sing N N 29  
ARG CG  CD   sing N N 30  
ARG CG  HG2  sing N N 31  
ARG CG  HG3  sing N N 32  
ARG CD  NE   sing N N 33  
ARG CD  HD2  sing N N 34  
ARG CD  HD3  sing N N 35  
ARG NE  CZ   sing N N 36  
ARG NE  HE   sing N N 37  
ARG CZ  NH1  sing N N 38  
ARG CZ  NH2  doub N N 39  
ARG NH1 HH11 sing N N 40  
ARG NH1 HH12 sing N N 41  
ARG NH2 HH21 sing N N 42  
ARG NH2 HH22 sing N N 43  
ARG OXT HXT  sing N N 44  
ASN N   CA   sing N N 45  
ASN N   H    sing N N 46  
ASN N   H2   sing N N 47  
ASN CA  C    sing N N 48  
ASN CA  CB   sing N N 49  
ASN CA  HA   sing N N 50  
ASN C   O    doub N N 51  
ASN C   OXT  sing N N 52  
ASN CB  CG   sing N N 53  
ASN CB  HB2  sing N N 54  
ASN CB  HB3  sing N N 55  
ASN CG  OD1  doub N N 56  
ASN CG  ND2  sing N N 57  
ASN ND2 HD21 sing N N 58  
ASN ND2 HD22 sing N N 59  
ASN OXT HXT  sing N N 60  
ASP N   CA   sing N N 61  
ASP N   H    sing N N 62  
ASP N   H2   sing N N 63  
ASP CA  C    sing N N 64  
ASP CA  CB   sing N N 65  
ASP CA  HA   sing N N 66  
ASP C   O    doub N N 67  
ASP C   OXT  sing N N 68  
ASP CB  CG   sing N N 69  
ASP CB  HB2  sing N N 70  
ASP CB  HB3  sing N N 71  
ASP CG  OD1  doub N N 72  
ASP CG  OD2  sing N N 73  
ASP OD2 HD2  sing N N 74  
ASP OXT HXT  sing N N 75  
CYS N   CA   sing N N 76  
CYS N   H    sing N N 77  
CYS N   H2   sing N N 78  
CYS CA  C    sing N N 79  
CYS CA  CB   sing N N 80  
CYS CA  HA   sing N N 81  
CYS C   O    doub N N 82  
CYS C   OXT  sing N N 83  
CYS CB  SG   sing N N 84  
CYS CB  HB2  sing N N 85  
CYS CB  HB3  sing N N 86  
CYS SG  HG   sing N N 87  
CYS OXT HXT  sing N N 88  
GLN N   CA   sing N N 89  
GLN N   H    sing N N 90  
GLN N   H2   sing N N 91  
GLN CA  C    sing N N 92  
GLN CA  CB   sing N N 93  
GLN CA  HA   sing N N 94  
GLN C   O    doub N N 95  
GLN C   OXT  sing N N 96  
GLN CB  CG   sing N N 97  
GLN CB  HB2  sing N N 98  
GLN CB  HB3  sing N N 99  
GLN CG  CD   sing N N 100 
GLN CG  HG2  sing N N 101 
GLN CG  HG3  sing N N 102 
GLN CD  OE1  doub N N 103 
GLN CD  NE2  sing N N 104 
GLN NE2 HE21 sing N N 105 
GLN NE2 HE22 sing N N 106 
GLN OXT HXT  sing N N 107 
GLU N   CA   sing N N 108 
GLU N   H    sing N N 109 
GLU N   H2   sing N N 110 
GLU CA  C    sing N N 111 
GLU CA  CB   sing N N 112 
GLU CA  HA   sing N N 113 
GLU C   O    doub N N 114 
GLU C   OXT  sing N N 115 
GLU CB  CG   sing N N 116 
GLU CB  HB2  sing N N 117 
GLU CB  HB3  sing N N 118 
GLU CG  CD   sing N N 119 
GLU CG  HG2  sing N N 120 
GLU CG  HG3  sing N N 121 
GLU CD  OE1  doub N N 122 
GLU CD  OE2  sing N N 123 
GLU OE2 HE2  sing N N 124 
GLU OXT HXT  sing N N 125 
GLY N   CA   sing N N 126 
GLY N   H    sing N N 127 
GLY N   H2   sing N N 128 
GLY CA  C    sing N N 129 
GLY CA  HA2  sing N N 130 
GLY CA  HA3  sing N N 131 
GLY C   O    doub N N 132 
GLY C   OXT  sing N N 133 
GLY OXT HXT  sing N N 134 
HIS N   CA   sing N N 135 
HIS N   H    sing N N 136 
HIS N   H2   sing N N 137 
HIS CA  C    sing N N 138 
HIS CA  CB   sing N N 139 
HIS CA  HA   sing N N 140 
HIS C   O    doub N N 141 
HIS C   OXT  sing N N 142 
HIS CB  CG   sing N N 143 
HIS CB  HB2  sing N N 144 
HIS CB  HB3  sing N N 145 
HIS CG  ND1  sing Y N 146 
HIS CG  CD2  doub Y N 147 
HIS ND1 CE1  doub Y N 148 
HIS ND1 HD1  sing N N 149 
HIS CD2 NE2  sing Y N 150 
HIS CD2 HD2  sing N N 151 
HIS CE1 NE2  sing Y N 152 
HIS CE1 HE1  sing N N 153 
HIS NE2 HE2  sing N N 154 
HIS OXT HXT  sing N N 155 
HOH O   H1   sing N N 156 
HOH O   H2   sing N N 157 
ILE N   CA   sing N N 158 
ILE N   H    sing N N 159 
ILE N   H2   sing N N 160 
ILE CA  C    sing N N 161 
ILE CA  CB   sing N N 162 
ILE CA  HA   sing N N 163 
ILE C   O    doub N N 164 
ILE C   OXT  sing N N 165 
ILE CB  CG1  sing N N 166 
ILE CB  CG2  sing N N 167 
ILE CB  HB   sing N N 168 
ILE CG1 CD1  sing N N 169 
ILE CG1 HG12 sing N N 170 
ILE CG1 HG13 sing N N 171 
ILE CG2 HG21 sing N N 172 
ILE CG2 HG22 sing N N 173 
ILE CG2 HG23 sing N N 174 
ILE CD1 HD11 sing N N 175 
ILE CD1 HD12 sing N N 176 
ILE CD1 HD13 sing N N 177 
ILE OXT HXT  sing N N 178 
LEU N   CA   sing N N 179 
LEU N   H    sing N N 180 
LEU N   H2   sing N N 181 
LEU CA  C    sing N N 182 
LEU CA  CB   sing N N 183 
LEU CA  HA   sing N N 184 
LEU C   O    doub N N 185 
LEU C   OXT  sing N N 186 
LEU CB  CG   sing N N 187 
LEU CB  HB2  sing N N 188 
LEU CB  HB3  sing N N 189 
LEU CG  CD1  sing N N 190 
LEU CG  CD2  sing N N 191 
LEU CG  HG   sing N N 192 
LEU CD1 HD11 sing N N 193 
LEU CD1 HD12 sing N N 194 
LEU CD1 HD13 sing N N 195 
LEU CD2 HD21 sing N N 196 
LEU CD2 HD22 sing N N 197 
LEU CD2 HD23 sing N N 198 
LEU OXT HXT  sing N N 199 
LYS N   CA   sing N N 200 
LYS N   H    sing N N 201 
LYS N   H2   sing N N 202 
LYS CA  C    sing N N 203 
LYS CA  CB   sing N N 204 
LYS CA  HA   sing N N 205 
LYS C   O    doub N N 206 
LYS C   OXT  sing N N 207 
LYS CB  CG   sing N N 208 
LYS CB  HB2  sing N N 209 
LYS CB  HB3  sing N N 210 
LYS CG  CD   sing N N 211 
LYS CG  HG2  sing N N 212 
LYS CG  HG3  sing N N 213 
LYS CD  CE   sing N N 214 
LYS CD  HD2  sing N N 215 
LYS CD  HD3  sing N N 216 
LYS CE  NZ   sing N N 217 
LYS CE  HE2  sing N N 218 
LYS CE  HE3  sing N N 219 
LYS NZ  HZ1  sing N N 220 
LYS NZ  HZ2  sing N N 221 
LYS NZ  HZ3  sing N N 222 
LYS OXT HXT  sing N N 223 
MET N   CA   sing N N 224 
MET N   H    sing N N 225 
MET N   H2   sing N N 226 
MET CA  C    sing N N 227 
MET CA  CB   sing N N 228 
MET CA  HA   sing N N 229 
MET C   O    doub N N 230 
MET C   OXT  sing N N 231 
MET CB  CG   sing N N 232 
MET CB  HB2  sing N N 233 
MET CB  HB3  sing N N 234 
MET CG  SD   sing N N 235 
MET CG  HG2  sing N N 236 
MET CG  HG3  sing N N 237 
MET SD  CE   sing N N 238 
MET CE  HE1  sing N N 239 
MET CE  HE2  sing N N 240 
MET CE  HE3  sing N N 241 
MET OXT HXT  sing N N 242 
PHE N   CA   sing N N 243 
PHE N   H    sing N N 244 
PHE N   H2   sing N N 245 
PHE CA  C    sing N N 246 
PHE CA  CB   sing N N 247 
PHE CA  HA   sing N N 248 
PHE C   O    doub N N 249 
PHE C   OXT  sing N N 250 
PHE CB  CG   sing N N 251 
PHE CB  HB2  sing N N 252 
PHE CB  HB3  sing N N 253 
PHE CG  CD1  doub Y N 254 
PHE CG  CD2  sing Y N 255 
PHE CD1 CE1  sing Y N 256 
PHE CD1 HD1  sing N N 257 
PHE CD2 CE2  doub Y N 258 
PHE CD2 HD2  sing N N 259 
PHE CE1 CZ   doub Y N 260 
PHE CE1 HE1  sing N N 261 
PHE CE2 CZ   sing Y N 262 
PHE CE2 HE2  sing N N 263 
PHE CZ  HZ   sing N N 264 
PHE OXT HXT  sing N N 265 
PRO N   CA   sing N N 266 
PRO N   CD   sing N N 267 
PRO N   H    sing N N 268 
PRO CA  C    sing N N 269 
PRO CA  CB   sing N N 270 
PRO CA  HA   sing N N 271 
PRO C   O    doub N N 272 
PRO C   OXT  sing N N 273 
PRO CB  CG   sing N N 274 
PRO CB  HB2  sing N N 275 
PRO CB  HB3  sing N N 276 
PRO CG  CD   sing N N 277 
PRO CG  HG2  sing N N 278 
PRO CG  HG3  sing N N 279 
PRO CD  HD2  sing N N 280 
PRO CD  HD3  sing N N 281 
PRO OXT HXT  sing N N 282 
SER N   CA   sing N N 283 
SER N   H    sing N N 284 
SER N   H2   sing N N 285 
SER CA  C    sing N N 286 
SER CA  CB   sing N N 287 
SER CA  HA   sing N N 288 
SER C   O    doub N N 289 
SER C   OXT  sing N N 290 
SER CB  OG   sing N N 291 
SER CB  HB2  sing N N 292 
SER CB  HB3  sing N N 293 
SER OG  HG   sing N N 294 
SER OXT HXT  sing N N 295 
THR N   CA   sing N N 296 
THR N   H    sing N N 297 
THR N   H2   sing N N 298 
THR CA  C    sing N N 299 
THR CA  CB   sing N N 300 
THR CA  HA   sing N N 301 
THR C   O    doub N N 302 
THR C   OXT  sing N N 303 
THR CB  OG1  sing N N 304 
THR CB  CG2  sing N N 305 
THR CB  HB   sing N N 306 
THR OG1 HG1  sing N N 307 
THR CG2 HG21 sing N N 308 
THR CG2 HG22 sing N N 309 
THR CG2 HG23 sing N N 310 
THR OXT HXT  sing N N 311 
TRP N   CA   sing N N 312 
TRP N   H    sing N N 313 
TRP N   H2   sing N N 314 
TRP CA  C    sing N N 315 
TRP CA  CB   sing N N 316 
TRP CA  HA   sing N N 317 
TRP C   O    doub N N 318 
TRP C   OXT  sing N N 319 
TRP CB  CG   sing N N 320 
TRP CB  HB2  sing N N 321 
TRP CB  HB3  sing N N 322 
TRP CG  CD1  doub Y N 323 
TRP CG  CD2  sing Y N 324 
TRP CD1 NE1  sing Y N 325 
TRP CD1 HD1  sing N N 326 
TRP CD2 CE2  doub Y N 327 
TRP CD2 CE3  sing Y N 328 
TRP NE1 CE2  sing Y N 329 
TRP NE1 HE1  sing N N 330 
TRP CE2 CZ2  sing Y N 331 
TRP CE3 CZ3  doub Y N 332 
TRP CE3 HE3  sing N N 333 
TRP CZ2 CH2  doub Y N 334 
TRP CZ2 HZ2  sing N N 335 
TRP CZ3 CH2  sing Y N 336 
TRP CZ3 HZ3  sing N N 337 
TRP CH2 HH2  sing N N 338 
TRP OXT HXT  sing N N 339 
TYR N   CA   sing N N 340 
TYR N   H    sing N N 341 
TYR N   H2   sing N N 342 
TYR CA  C    sing N N 343 
TYR CA  CB   sing N N 344 
TYR CA  HA   sing N N 345 
TYR C   O    doub N N 346 
TYR C   OXT  sing N N 347 
TYR CB  CG   sing N N 348 
TYR CB  HB2  sing N N 349 
TYR CB  HB3  sing N N 350 
TYR CG  CD1  doub Y N 351 
TYR CG  CD2  sing Y N 352 
TYR CD1 CE1  sing Y N 353 
TYR CD1 HD1  sing N N 354 
TYR CD2 CE2  doub Y N 355 
TYR CD2 HD2  sing N N 356 
TYR CE1 CZ   doub Y N 357 
TYR CE1 HE1  sing N N 358 
TYR CE2 CZ   sing Y N 359 
TYR CE2 HE2  sing N N 360 
TYR CZ  OH   sing N N 361 
TYR OH  HH   sing N N 362 
TYR OXT HXT  sing N N 363 
VAL N   CA   sing N N 364 
VAL N   H    sing N N 365 
VAL N   H2   sing N N 366 
VAL CA  C    sing N N 367 
VAL CA  CB   sing N N 368 
VAL CA  HA   sing N N 369 
VAL C   O    doub N N 370 
VAL C   OXT  sing N N 371 
VAL CB  CG1  sing N N 372 
VAL CB  CG2  sing N N 373 
VAL CB  HB   sing N N 374 
VAL CG1 HG11 sing N N 375 
VAL CG1 HG12 sing N N 376 
VAL CG1 HG13 sing N N 377 
VAL CG2 HG21 sing N N 378 
VAL CG2 HG22 sing N N 379 
VAL CG2 HG23 sing N N 380 
VAL OXT HXT  sing N N 381 
# 
loop_
_pdbx_entity_nonpoly.entity_id 
_pdbx_entity_nonpoly.name 
_pdbx_entity_nonpoly.comp_id 
3 'ACETATE ION' ACT 
4 water         HOH 
# 
_pdbx_initial_refinement_model.id               1 
_pdbx_initial_refinement_model.entity_id_list   ? 
_pdbx_initial_refinement_model.type             'experimental model' 
_pdbx_initial_refinement_model.source_name      PDB 
_pdbx_initial_refinement_model.accession_code   1F7A 
_pdbx_initial_refinement_model.details          'PDB ENTRY 1F7A' 
# 
